data_7ZEX
#
_entry.id   7ZEX
#
_cell.length_a   1.000
_cell.length_b   1.000
_cell.length_c   1.000
_cell.angle_alpha   90.00
_cell.angle_beta   90.00
_cell.angle_gamma   90.00
#
_symmetry.space_group_name_H-M   'P 1'
#
loop_
_entity.id
_entity.type
_entity.pdbx_description
1 polymer 'Isoform 3 of Peptidyl-prolyl cis-trans isomerase E'
2 polymer "RNA (5'-R(*UP*AP*AP*UP*GP*UP*CP*G)-3')"
#
loop_
_entity_poly.entity_id
_entity_poly.type
_entity_poly.pdbx_seq_one_letter_code
_entity_poly.pdbx_strand_id
1 'polypeptide(L)'
;AGHMATTKRVLYVGGLAEEVDDKVLHAAFIPFGDITDIQIPLDYETEKHRGFAFVEFELAEDAAAAIDNMNESELFGRTI
RVNLAKPMRIKEG
;
A
2 'polyribonucleotide' UAAUGUCG B
#
# COMPACT_ATOMS: atom_id res chain seq x y z
N ALA A 1 15.75 -10.66 14.13
CA ALA A 1 16.58 -11.24 13.06
C ALA A 1 16.84 -10.22 11.96
N GLY A 2 15.79 -9.79 11.26
CA GLY A 2 15.91 -8.81 10.19
C GLY A 2 14.56 -8.52 9.53
N HIS A 3 14.56 -7.66 8.51
CA HIS A 3 13.36 -7.30 7.79
C HIS A 3 12.86 -8.46 6.93
N MET A 4 11.57 -8.44 6.58
CA MET A 4 10.95 -9.49 5.79
C MET A 4 11.41 -9.44 4.33
N ALA A 5 11.94 -8.29 3.90
CA ALA A 5 12.40 -8.07 2.53
C ALA A 5 13.31 -6.85 2.47
N THR A 6 13.55 -6.36 1.26
CA THR A 6 14.32 -5.14 1.00
C THR A 6 13.68 -3.90 1.63
N THR A 7 12.50 -4.05 2.23
CA THR A 7 11.79 -2.98 2.91
C THR A 7 11.15 -3.44 4.22
N LYS A 8 10.60 -2.51 5.00
CA LYS A 8 10.02 -2.84 6.29
C LYS A 8 8.68 -2.13 6.51
N ARG A 9 7.66 -2.92 6.84
CA ARG A 9 6.28 -2.51 7.07
C ARG A 9 5.67 -1.74 5.89
N VAL A 10 6.17 -1.93 4.66
CA VAL A 10 5.59 -1.28 3.49
C VAL A 10 4.86 -2.26 2.59
N LEU A 11 3.75 -1.82 1.99
CA LEU A 11 2.96 -2.64 1.10
C LEU A 11 2.66 -1.90 -0.19
N TYR A 12 3.00 -2.55 -1.31
CA TYR A 12 2.58 -2.09 -2.62
C TYR A 12 1.13 -2.45 -2.92
N VAL A 13 0.41 -1.55 -3.57
CA VAL A 13 -0.98 -1.75 -3.95
C VAL A 13 -1.19 -1.42 -5.42
N GLY A 14 -1.96 -2.24 -6.12
CA GLY A 14 -2.24 -2.04 -7.54
C GLY A 14 -3.66 -2.43 -7.89
N GLY A 15 -4.10 -2.09 -9.11
CA GLY A 15 -5.44 -2.40 -9.58
C GLY A 15 -6.47 -1.43 -9.05
N LEU A 16 -6.03 -0.33 -8.41
CA LEU A 16 -6.91 0.66 -7.83
C LEU A 16 -7.60 1.49 -8.91
N ALA A 17 -8.79 2.00 -8.60
CA ALA A 17 -9.50 2.93 -9.48
C ALA A 17 -8.89 4.32 -9.34
N GLU A 18 -9.13 5.19 -10.33
CA GLU A 18 -8.58 6.55 -10.32
C GLU A 18 -9.26 7.42 -9.28
N GLU A 19 -10.31 6.91 -8.63
CA GLU A 19 -11.06 7.64 -7.61
C GLU A 19 -10.54 7.32 -6.21
N VAL A 20 -9.67 6.33 -6.09
CA VAL A 20 -9.12 5.92 -4.79
C VAL A 20 -8.16 6.98 -4.28
N ASP A 21 -8.35 7.34 -3.01
CA ASP A 21 -7.53 8.32 -2.29
C ASP A 21 -6.89 7.72 -1.04
N ASP A 22 -6.00 8.46 -0.38
CA ASP A 22 -5.34 7.96 0.81
C ASP A 22 -6.29 7.62 1.96
N LYS A 23 -7.48 8.23 1.96
CA LYS A 23 -8.51 7.96 2.94
C LYS A 23 -9.16 6.61 2.67
N VAL A 24 -9.19 6.17 1.41
CA VAL A 24 -9.78 4.89 1.03
C VAL A 24 -8.85 3.77 1.47
N LEU A 25 -7.54 3.95 1.23
CA LEU A 25 -6.57 2.96 1.63
C LEU A 25 -6.43 2.93 3.15
N HIS A 26 -6.63 4.07 3.83
CA HIS A 26 -6.57 4.07 5.28
C HIS A 26 -7.78 3.32 5.84
N ALA A 27 -8.96 3.54 5.28
CA ALA A 27 -10.16 2.86 5.74
C ALA A 27 -10.11 1.37 5.41
N ALA A 28 -9.40 1.00 4.35
CA ALA A 28 -9.27 -0.41 3.97
C ALA A 28 -8.19 -1.13 4.76
N PHE A 29 -7.08 -0.45 5.08
CA PHE A 29 -5.95 -1.06 5.75
C PHE A 29 -5.90 -0.98 7.28
N ILE A 30 -6.76 -0.16 7.90
CA ILE A 30 -6.68 0.08 9.34
C ILE A 30 -7.09 -1.10 10.23
N PRO A 31 -7.98 -2.02 9.82
CA PRO A 31 -8.42 -3.09 10.72
C PRO A 31 -7.34 -4.15 10.94
N PHE A 32 -6.23 -4.11 10.19
CA PHE A 32 -5.19 -5.11 10.31
C PHE A 32 -4.10 -4.63 11.26
N GLY A 33 -4.11 -3.34 11.63
CA GLY A 33 -3.12 -2.80 12.54
C GLY A 33 -2.95 -1.30 12.39
N ASP A 34 -2.04 -0.72 13.18
CA ASP A 34 -1.78 0.71 13.15
C ASP A 34 -1.04 1.16 11.90
N ILE A 35 -1.73 1.85 11.00
CA ILE A 35 -1.09 2.47 9.84
C ILE A 35 -0.22 3.63 10.32
N THR A 36 0.90 3.88 9.62
CA THR A 36 1.79 4.98 9.95
C THR A 36 2.05 5.96 8.81
N ASP A 37 1.86 5.55 7.55
CA ASP A 37 1.97 6.47 6.42
C ASP A 37 1.27 5.82 5.22
N ILE A 38 0.90 6.64 4.23
CA ILE A 38 0.25 6.23 3.00
C ILE A 38 0.68 7.14 1.86
N GLN A 39 0.80 6.56 0.65
CA GLN A 39 1.24 7.28 -0.53
C GLN A 39 0.38 6.90 -1.74
N ILE A 40 0.01 7.92 -2.52
CA ILE A 40 -0.68 7.74 -3.79
C ILE A 40 -0.09 8.76 -4.77
N PRO A 41 1.11 8.49 -5.30
CA PRO A 41 1.80 9.38 -6.20
C PRO A 41 1.07 9.41 -7.54
N LEU A 42 0.87 10.61 -8.07
CA LEU A 42 0.30 10.79 -9.39
C LEU A 42 1.38 10.55 -10.44
N ASP A 43 1.05 10.73 -11.72
CA ASP A 43 1.93 10.36 -12.83
C ASP A 43 3.19 11.22 -12.93
N TYR A 44 3.28 12.32 -12.17
CA TYR A 44 4.41 13.24 -12.26
C TYR A 44 4.73 13.80 -13.65
N GLU A 45 3.72 13.84 -14.53
CA GLU A 45 3.88 14.34 -15.89
C GLU A 45 2.57 14.98 -16.36
N THR A 46 1.43 14.47 -15.84
CA THR A 46 0.09 14.98 -16.13
C THR A 46 -0.82 15.11 -14.92
N GLU A 47 -0.26 14.93 -13.70
CA GLU A 47 -0.99 15.10 -12.46
C GLU A 47 -2.24 14.22 -12.36
N LYS A 48 -2.16 12.97 -12.84
CA LYS A 48 -3.26 12.01 -12.74
C LYS A 48 -2.79 10.72 -12.07
N HIS A 49 -3.72 9.98 -11.47
CA HIS A 49 -3.41 8.73 -10.79
C HIS A 49 -3.06 7.64 -11.81
N ARG A 50 -2.32 6.62 -11.36
CA ARG A 50 -1.89 5.49 -12.19
C ARG A 50 -2.52 4.16 -11.75
N GLY A 51 -3.41 4.20 -10.75
CA GLY A 51 -4.09 2.99 -10.28
C GLY A 51 -3.22 2.15 -9.34
N PHE A 52 -2.23 2.76 -8.68
CA PHE A 52 -1.35 2.02 -7.78
C PHE A 52 -1.07 2.97 -6.62
N ALA A 53 -0.57 2.41 -5.52
CA ALA A 53 -0.31 3.16 -4.30
C ALA A 53 0.62 2.38 -3.38
N PHE A 54 0.91 2.96 -2.21
CA PHE A 54 1.71 2.31 -1.19
C PHE A 54 1.06 2.61 0.17
N VAL A 55 1.26 1.71 1.13
CA VAL A 55 0.72 1.82 2.48
C VAL A 55 1.84 1.38 3.41
N GLU A 56 1.94 1.96 4.60
CA GLU A 56 3.01 1.64 5.53
C GLU A 56 2.48 1.55 6.96
N PHE A 57 2.80 0.43 7.62
CA PHE A 57 2.39 0.12 8.97
C PHE A 57 3.38 0.51 10.06
N GLU A 58 2.89 0.63 11.30
CA GLU A 58 3.74 0.91 12.45
C GLU A 58 4.47 -0.36 12.89
N LEU A 59 3.90 -1.53 12.56
CA LEU A 59 4.48 -2.84 12.90
C LEU A 59 4.57 -3.69 11.63
N ALA A 60 5.54 -4.62 11.59
CA ALA A 60 5.73 -5.47 10.44
C ALA A 60 4.73 -6.62 10.40
N GLU A 61 4.27 -7.08 11.58
CA GLU A 61 3.31 -8.17 11.64
C GLU A 61 1.94 -7.68 11.17
N ASP A 62 1.67 -6.38 11.29
CA ASP A 62 0.43 -5.80 10.79
C ASP A 62 0.44 -5.73 9.27
N ALA A 63 1.63 -5.53 8.67
CA ALA A 63 1.78 -5.52 7.23
C ALA A 63 1.67 -6.94 6.69
N ALA A 64 2.19 -7.92 7.42
CA ALA A 64 2.08 -9.32 7.02
C ALA A 64 0.61 -9.77 7.08
N ALA A 65 -0.12 -9.36 8.13
CA ALA A 65 -1.52 -9.71 8.25
C ALA A 65 -2.33 -8.98 7.17
N ALA A 66 -1.93 -7.76 6.82
CA ALA A 66 -2.60 -7.02 5.78
C ALA A 66 -2.42 -7.70 4.42
N ILE A 67 -1.23 -8.25 4.14
CA ILE A 67 -1.04 -9.01 2.92
C ILE A 67 -1.95 -10.24 2.94
N ASP A 68 -2.02 -10.91 4.10
CA ASP A 68 -2.85 -12.10 4.25
C ASP A 68 -4.36 -11.87 4.29
N ASN A 69 -4.79 -10.62 4.49
CA ASN A 69 -6.23 -10.32 4.61
C ASN A 69 -6.71 -9.19 3.69
N MET A 70 -5.91 -8.75 2.72
CA MET A 70 -6.35 -7.70 1.79
C MET A 70 -5.95 -7.98 0.35
N ASN A 71 -5.03 -8.93 0.10
CA ASN A 71 -4.69 -9.27 -1.27
C ASN A 71 -5.93 -9.80 -2.02
N GLU A 72 -5.94 -9.64 -3.35
CA GLU A 72 -7.04 -10.08 -4.20
C GLU A 72 -8.40 -9.49 -3.81
N SER A 73 -8.41 -8.45 -2.97
CA SER A 73 -9.65 -7.77 -2.59
C SER A 73 -10.16 -6.92 -3.76
N GLU A 74 -11.26 -6.19 -3.54
CA GLU A 74 -11.87 -5.37 -4.58
C GLU A 74 -12.27 -4.01 -4.03
N LEU A 75 -11.71 -2.95 -4.62
CA LEU A 75 -11.97 -1.56 -4.25
C LEU A 75 -12.52 -0.84 -5.48
N PHE A 76 -13.52 0.02 -5.29
CA PHE A 76 -14.09 0.79 -6.38
C PHE A 76 -14.59 0.02 -7.60
N GLY A 77 -14.84 -1.28 -7.43
CA GLY A 77 -15.33 -2.14 -8.50
C GLY A 77 -14.21 -2.78 -9.32
N ARG A 78 -12.96 -2.72 -8.84
CA ARG A 78 -11.82 -3.34 -9.50
C ARG A 78 -11.01 -4.16 -8.52
N THR A 79 -10.49 -5.31 -8.98
CA THR A 79 -9.63 -6.15 -8.17
C THR A 79 -8.26 -5.55 -7.88
N ILE A 80 -7.75 -5.72 -6.66
CA ILE A 80 -6.46 -5.15 -6.28
C ILE A 80 -5.42 -6.23 -6.06
N ARG A 81 -4.16 -5.79 -5.98
CA ARG A 81 -2.99 -6.62 -5.72
C ARG A 81 -2.19 -5.99 -4.60
N VAL A 82 -1.68 -6.82 -3.67
CA VAL A 82 -0.97 -6.33 -2.49
C VAL A 82 0.23 -7.20 -2.13
N ASN A 83 1.40 -6.58 -1.91
CA ASN A 83 2.59 -7.32 -1.48
C ASN A 83 3.66 -6.33 -1.03
N LEU A 84 4.80 -6.82 -0.53
CA LEU A 84 5.91 -5.97 -0.12
C LEU A 84 6.47 -5.22 -1.33
N ALA A 85 7.09 -4.06 -1.10
CA ALA A 85 7.62 -3.23 -2.18
C ALA A 85 8.87 -3.85 -2.83
N LYS A 86 9.10 -3.52 -4.10
CA LYS A 86 10.29 -3.91 -4.84
C LYS A 86 11.54 -3.21 -4.30
N PRO A 87 12.73 -3.74 -4.56
CA PRO A 87 13.99 -3.13 -4.14
C PRO A 87 14.22 -1.83 -4.87
N MET A 88 14.53 -0.78 -4.09
CA MET A 88 14.88 0.55 -4.56
C MET A 88 15.37 1.35 -3.36
N ARG A 89 16.06 2.49 -3.60
CA ARG A 89 16.36 3.41 -2.52
C ARG A 89 15.05 3.99 -2.01
N ILE A 90 14.67 3.63 -0.79
CA ILE A 90 13.44 4.10 -0.17
C ILE A 90 13.69 5.47 0.49
N LYS A 91 12.62 6.22 0.73
CA LYS A 91 12.68 7.50 1.42
C LYS A 91 13.16 7.34 2.87
N GLU A 92 13.01 6.14 3.43
CA GLU A 92 13.43 5.84 4.80
C GLU A 92 14.90 5.48 4.86
N GLY A 93 15.48 5.50 6.07
CA GLY A 93 16.86 5.13 6.31
C GLY A 93 17.04 3.63 6.17
N ALA A 1 16.89 -12.43 10.64
CA ALA A 1 17.07 -11.09 11.22
C ALA A 1 16.66 -10.02 10.22
N GLY A 2 16.42 -8.79 10.72
CA GLY A 2 16.00 -7.67 9.90
C GLY A 2 14.54 -7.79 9.48
N HIS A 3 14.09 -6.85 8.64
CA HIS A 3 12.72 -6.82 8.15
C HIS A 3 12.46 -7.99 7.19
N MET A 4 11.19 -8.21 6.85
CA MET A 4 10.77 -9.32 6.01
C MET A 4 11.29 -9.18 4.57
N ALA A 5 11.73 -7.97 4.19
CA ALA A 5 12.22 -7.68 2.86
C ALA A 5 13.08 -6.43 2.85
N THR A 6 13.42 -5.96 1.65
CA THR A 6 14.19 -4.75 1.42
C THR A 6 13.50 -3.47 1.90
N THR A 7 12.28 -3.60 2.43
CA THR A 7 11.50 -2.48 2.94
C THR A 7 10.92 -2.70 4.32
N LYS A 8 10.47 -1.62 4.98
CA LYS A 8 9.99 -1.68 6.35
C LYS A 8 8.50 -1.41 6.45
N ARG A 9 7.73 -2.48 6.72
CA ARG A 9 6.28 -2.47 6.89
C ARG A 9 5.55 -1.83 5.69
N VAL A 10 6.15 -1.83 4.50
CA VAL A 10 5.53 -1.22 3.34
C VAL A 10 4.79 -2.23 2.47
N LEU A 11 3.68 -1.80 1.88
CA LEU A 11 2.87 -2.63 1.02
C LEU A 11 2.54 -1.94 -0.28
N TYR A 12 2.97 -2.54 -1.39
CA TYR A 12 2.54 -2.12 -2.70
C TYR A 12 1.09 -2.52 -2.98
N VAL A 13 0.34 -1.62 -3.61
CA VAL A 13 -1.05 -1.86 -3.98
C VAL A 13 -1.27 -1.53 -5.44
N GLY A 14 -1.99 -2.40 -6.16
CA GLY A 14 -2.26 -2.20 -7.57
C GLY A 14 -3.70 -2.55 -7.92
N GLY A 15 -4.13 -2.17 -9.12
CA GLY A 15 -5.48 -2.44 -9.61
C GLY A 15 -6.51 -1.45 -9.07
N LEU A 16 -6.06 -0.40 -8.37
CA LEU A 16 -6.95 0.59 -7.78
C LEU A 16 -7.66 1.41 -8.85
N ALA A 17 -8.84 1.93 -8.52
CA ALA A 17 -9.56 2.85 -9.38
C ALA A 17 -8.93 4.24 -9.29
N GLU A 18 -9.18 5.09 -10.29
CA GLU A 18 -8.65 6.44 -10.32
C GLU A 18 -9.39 7.34 -9.32
N GLU A 19 -10.43 6.81 -8.66
CA GLU A 19 -11.25 7.55 -7.72
C GLU A 19 -10.76 7.37 -6.27
N VAL A 20 -9.92 6.37 -6.00
CA VAL A 20 -9.43 6.12 -4.66
C VAL A 20 -8.42 7.14 -4.16
N ASP A 21 -8.49 7.46 -2.87
CA ASP A 21 -7.61 8.40 -2.19
C ASP A 21 -6.97 7.77 -0.96
N ASP A 22 -6.05 8.50 -0.31
CA ASP A 22 -5.36 8.00 0.86
C ASP A 22 -6.30 7.67 2.03
N LYS A 23 -7.49 8.27 2.04
CA LYS A 23 -8.51 7.99 3.04
C LYS A 23 -9.18 6.64 2.74
N VAL A 24 -9.23 6.24 1.46
CA VAL A 24 -9.84 4.98 1.08
C VAL A 24 -8.92 3.85 1.52
N LEU A 25 -7.61 4.00 1.26
CA LEU A 25 -6.64 3.00 1.65
C LEU A 25 -6.48 2.97 3.17
N HIS A 26 -6.66 4.10 3.84
CA HIS A 26 -6.59 4.11 5.30
C HIS A 26 -7.78 3.34 5.88
N ALA A 27 -8.98 3.56 5.33
CA ALA A 27 -10.16 2.88 5.81
C ALA A 27 -10.11 1.39 5.45
N ALA A 28 -9.41 1.04 4.37
CA ALA A 28 -9.30 -0.36 3.96
C ALA A 28 -8.22 -1.10 4.75
N PHE A 29 -7.11 -0.42 5.09
CA PHE A 29 -5.98 -1.04 5.76
C PHE A 29 -5.93 -0.96 7.29
N ILE A 30 -6.79 -0.16 7.91
CA ILE A 30 -6.72 0.07 9.35
C ILE A 30 -7.12 -1.14 10.23
N PRO A 31 -7.99 -2.07 9.80
CA PRO A 31 -8.44 -3.14 10.69
C PRO A 31 -7.37 -4.21 10.91
N PHE A 32 -6.27 -4.19 10.15
CA PHE A 32 -5.24 -5.21 10.26
C PHE A 32 -4.15 -4.74 11.22
N GLY A 33 -4.14 -3.46 11.58
CA GLY A 33 -3.14 -2.92 12.50
C GLY A 33 -3.01 -1.41 12.36
N ASP A 34 -2.11 -0.81 13.16
CA ASP A 34 -1.91 0.62 13.14
C ASP A 34 -1.14 1.09 11.91
N ILE A 35 -1.82 1.80 11.01
CA ILE A 35 -1.16 2.41 9.87
C ILE A 35 -0.27 3.55 10.35
N THR A 36 0.85 3.78 9.66
CA THR A 36 1.76 4.87 9.98
C THR A 36 2.04 5.85 8.85
N ASP A 37 1.82 5.43 7.59
CA ASP A 37 1.98 6.33 6.46
C ASP A 37 1.27 5.73 5.25
N ILE A 38 0.93 6.56 4.27
CA ILE A 38 0.25 6.17 3.03
C ILE A 38 0.72 7.07 1.88
N GLN A 39 0.79 6.51 0.67
CA GLN A 39 1.22 7.21 -0.52
C GLN A 39 0.33 6.87 -1.71
N ILE A 40 -0.04 7.89 -2.48
CA ILE A 40 -0.75 7.72 -3.75
C ILE A 40 -0.15 8.71 -4.75
N PRO A 41 1.00 8.34 -5.34
CA PRO A 41 1.69 9.16 -6.32
C PRO A 41 0.93 9.17 -7.64
N LEU A 42 1.40 10.03 -8.56
CA LEU A 42 0.80 10.24 -9.86
C LEU A 42 1.91 10.23 -10.91
N ASP A 43 1.58 10.54 -12.16
CA ASP A 43 2.56 10.57 -13.25
C ASP A 43 3.70 11.59 -13.14
N TYR A 44 3.62 12.53 -12.21
CA TYR A 44 4.62 13.59 -12.05
C TYR A 44 4.91 14.44 -13.30
N GLU A 45 3.94 14.51 -14.21
CA GLU A 45 4.09 15.30 -15.44
C GLU A 45 2.73 15.49 -16.12
N THR A 46 1.72 14.74 -15.70
CA THR A 46 0.33 14.91 -16.14
C THR A 46 -0.68 14.96 -15.00
N GLU A 47 -0.19 14.87 -13.76
CA GLU A 47 -0.97 15.01 -12.54
C GLU A 47 -2.19 14.09 -12.50
N LYS A 48 -2.03 12.82 -12.89
CA LYS A 48 -3.13 11.85 -12.83
C LYS A 48 -2.66 10.53 -12.24
N HIS A 49 -3.57 9.84 -11.55
CA HIS A 49 -3.29 8.61 -10.83
C HIS A 49 -3.00 7.46 -11.80
N ARG A 50 -2.21 6.48 -11.33
CA ARG A 50 -1.79 5.33 -12.13
C ARG A 50 -2.51 4.04 -11.72
N GLY A 51 -3.44 4.11 -10.77
CA GLY A 51 -4.17 2.93 -10.31
C GLY A 51 -3.35 2.04 -9.37
N PHE A 52 -2.41 2.63 -8.62
CA PHE A 52 -1.56 1.86 -7.71
C PHE A 52 -1.26 2.83 -6.57
N ALA A 53 -0.75 2.29 -5.46
CA ALA A 53 -0.46 3.07 -4.27
C ALA A 53 0.47 2.30 -3.33
N PHE A 54 0.79 2.89 -2.19
CA PHE A 54 1.59 2.24 -1.17
C PHE A 54 0.97 2.57 0.19
N VAL A 55 1.16 1.67 1.15
CA VAL A 55 0.67 1.81 2.52
C VAL A 55 1.78 1.32 3.44
N GLU A 56 1.92 1.91 4.62
CA GLU A 56 2.97 1.50 5.55
C GLU A 56 2.44 1.43 6.97
N PHE A 57 2.74 0.30 7.63
CA PHE A 57 2.33 0.02 9.00
C PHE A 57 3.32 0.41 10.09
N GLU A 58 2.82 0.54 11.32
CA GLU A 58 3.65 0.85 12.48
C GLU A 58 4.45 -0.40 12.91
N LEU A 59 4.04 -1.57 12.46
CA LEU A 59 4.67 -2.84 12.78
C LEU A 59 4.72 -3.75 11.55
N ALA A 60 5.73 -4.62 11.48
CA ALA A 60 5.91 -5.50 10.33
C ALA A 60 4.86 -6.61 10.30
N GLU A 61 4.42 -7.07 11.48
CA GLU A 61 3.44 -8.13 11.57
C GLU A 61 2.06 -7.64 11.12
N ASP A 62 1.81 -6.32 11.23
CA ASP A 62 0.57 -5.74 10.75
C ASP A 62 0.54 -5.68 9.23
N ALA A 63 1.72 -5.48 8.61
CA ALA A 63 1.83 -5.48 7.16
C ALA A 63 1.69 -6.91 6.63
N ALA A 64 2.20 -7.90 7.38
CA ALA A 64 2.05 -9.28 6.99
C ALA A 64 0.58 -9.71 7.08
N ALA A 65 -0.12 -9.26 8.12
CA ALA A 65 -1.54 -9.55 8.29
C ALA A 65 -2.35 -8.86 7.20
N ALA A 66 -1.92 -7.66 6.80
CA ALA A 66 -2.60 -6.93 5.74
C ALA A 66 -2.43 -7.64 4.40
N ILE A 67 -1.25 -8.21 4.12
CA ILE A 67 -1.07 -8.98 2.90
C ILE A 67 -1.97 -10.20 2.94
N ASP A 68 -2.08 -10.84 4.10
CA ASP A 68 -2.88 -12.04 4.27
C ASP A 68 -4.39 -11.79 4.19
N ASN A 69 -4.83 -10.57 4.53
CA ASN A 69 -6.26 -10.26 4.62
C ASN A 69 -6.74 -9.15 3.69
N MET A 70 -5.92 -8.69 2.73
CA MET A 70 -6.34 -7.67 1.79
C MET A 70 -5.91 -7.96 0.34
N ASN A 71 -4.99 -8.90 0.13
CA ASN A 71 -4.63 -9.26 -1.24
C ASN A 71 -5.85 -9.77 -2.02
N GLU A 72 -5.83 -9.58 -3.33
CA GLU A 72 -6.88 -10.05 -4.24
C GLU A 72 -8.27 -9.52 -3.86
N SER A 73 -8.34 -8.48 -3.02
CA SER A 73 -9.59 -7.85 -2.63
C SER A 73 -10.12 -6.97 -3.77
N GLU A 74 -11.18 -6.20 -3.53
CA GLU A 74 -11.81 -5.38 -4.54
C GLU A 74 -12.17 -4.00 -3.98
N LEU A 75 -11.62 -2.95 -4.59
CA LEU A 75 -11.84 -1.56 -4.20
C LEU A 75 -12.47 -0.81 -5.36
N PHE A 76 -13.53 -0.04 -5.09
CA PHE A 76 -14.19 0.76 -6.12
C PHE A 76 -14.70 0.00 -7.36
N GLY A 77 -14.92 -1.30 -7.22
CA GLY A 77 -15.44 -2.13 -8.32
C GLY A 77 -14.32 -2.74 -9.16
N ARG A 78 -13.07 -2.65 -8.70
CA ARG A 78 -11.91 -3.20 -9.40
C ARG A 78 -11.06 -4.05 -8.46
N THR A 79 -10.58 -5.20 -8.95
CA THR A 79 -9.70 -6.06 -8.18
C THR A 79 -8.34 -5.46 -7.85
N ILE A 80 -7.76 -5.80 -6.70
CA ILE A 80 -6.49 -5.22 -6.28
C ILE A 80 -5.46 -6.30 -6.01
N ARG A 81 -4.20 -5.87 -5.94
CA ARG A 81 -3.05 -6.72 -5.65
C ARG A 81 -2.28 -6.07 -4.49
N VAL A 82 -1.69 -6.88 -3.61
CA VAL A 82 -0.97 -6.38 -2.44
C VAL A 82 0.25 -7.24 -2.10
N ASN A 83 1.42 -6.61 -1.92
CA ASN A 83 2.62 -7.32 -1.50
C ASN A 83 3.69 -6.31 -1.06
N LEU A 84 4.82 -6.77 -0.51
CA LEU A 84 5.92 -5.91 -0.10
C LEU A 84 6.51 -5.18 -1.32
N ALA A 85 7.11 -4.01 -1.10
CA ALA A 85 7.67 -3.21 -2.18
C ALA A 85 8.90 -3.86 -2.81
N LYS A 86 9.09 -3.61 -4.10
CA LYS A 86 10.30 -4.03 -4.83
C LYS A 86 11.53 -3.30 -4.31
N PRO A 87 12.74 -3.82 -4.55
CA PRO A 87 13.97 -3.17 -4.15
C PRO A 87 14.20 -1.88 -4.93
N MET A 88 14.39 -0.79 -4.19
CA MET A 88 14.67 0.53 -4.73
C MET A 88 15.06 1.46 -3.57
N ARG A 89 15.79 2.55 -3.84
CA ARG A 89 16.09 3.52 -2.79
C ARG A 89 14.77 4.15 -2.34
N ILE A 90 14.52 4.19 -1.04
CA ILE A 90 13.25 4.71 -0.54
C ILE A 90 13.43 6.16 -0.10
N LYS A 91 12.39 6.98 -0.30
CA LYS A 91 12.39 8.39 0.11
C LYS A 91 12.17 8.55 1.62
N GLU A 92 12.60 7.55 2.40
CA GLU A 92 12.44 7.55 3.85
C GLU A 92 13.18 8.72 4.48
N GLY A 93 12.64 9.24 5.59
CA GLY A 93 13.25 10.36 6.30
C GLY A 93 12.52 10.62 7.61
N ALA A 1 14.89 -9.08 14.86
CA ALA A 1 15.12 -9.72 13.55
C ALA A 1 15.22 -8.67 12.44
N GLY A 2 15.76 -9.08 11.29
CA GLY A 2 15.89 -8.19 10.14
C GLY A 2 14.56 -7.97 9.44
N HIS A 3 14.56 -7.14 8.39
CA HIS A 3 13.37 -6.82 7.62
C HIS A 3 12.89 -8.04 6.84
N MET A 4 11.59 -8.08 6.51
CA MET A 4 11.00 -9.19 5.77
C MET A 4 11.46 -9.19 4.31
N ALA A 5 11.93 -8.05 3.81
CA ALA A 5 12.36 -7.89 2.43
C ALA A 5 13.22 -6.64 2.28
N THR A 6 13.35 -6.16 1.04
CA THR A 6 14.06 -4.93 0.70
C THR A 6 13.45 -3.67 1.34
N THR A 7 12.31 -3.82 2.01
CA THR A 7 11.62 -2.74 2.69
C THR A 7 11.07 -3.15 4.05
N LYS A 8 10.60 -2.18 4.85
CA LYS A 8 10.15 -2.44 6.21
C LYS A 8 8.77 -1.86 6.44
N ARG A 9 7.82 -2.76 6.76
CA ARG A 9 6.41 -2.47 7.00
C ARG A 9 5.73 -1.74 5.85
N VAL A 10 6.24 -1.84 4.62
CA VAL A 10 5.60 -1.21 3.47
C VAL A 10 4.91 -2.22 2.57
N LEU A 11 3.72 -1.84 2.06
CA LEU A 11 2.95 -2.69 1.18
C LEU A 11 2.64 -1.99 -0.13
N TYR A 12 2.95 -2.66 -1.23
CA TYR A 12 2.52 -2.24 -2.55
C TYR A 12 1.07 -2.60 -2.83
N VAL A 13 0.34 -1.70 -3.50
CA VAL A 13 -1.05 -1.90 -3.87
C VAL A 13 -1.26 -1.57 -5.33
N GLY A 14 -2.01 -2.42 -6.05
CA GLY A 14 -2.25 -2.23 -7.47
C GLY A 14 -3.69 -2.60 -7.82
N GLY A 15 -4.11 -2.26 -9.05
CA GLY A 15 -5.44 -2.52 -9.55
C GLY A 15 -6.47 -1.49 -9.06
N LEU A 16 -6.01 -0.42 -8.41
CA LEU A 16 -6.90 0.60 -7.86
C LEU A 16 -7.55 1.43 -8.96
N ALA A 17 -8.74 1.96 -8.67
CA ALA A 17 -9.43 2.88 -9.57
C ALA A 17 -8.82 4.27 -9.42
N GLU A 18 -9.02 5.13 -10.43
CA GLU A 18 -8.47 6.47 -10.43
C GLU A 18 -9.17 7.38 -9.41
N GLU A 19 -10.24 6.87 -8.78
CA GLU A 19 -11.00 7.61 -7.78
C GLU A 19 -10.50 7.31 -6.36
N VAL A 20 -9.63 6.30 -6.20
CA VAL A 20 -9.12 5.90 -4.90
C VAL A 20 -8.16 6.96 -4.37
N ASP A 21 -8.32 7.31 -3.09
CA ASP A 21 -7.50 8.27 -2.38
C ASP A 21 -6.90 7.70 -1.10
N ASP A 22 -6.03 8.45 -0.43
CA ASP A 22 -5.39 7.98 0.79
C ASP A 22 -6.37 7.66 1.92
N LYS A 23 -7.56 8.26 1.89
CA LYS A 23 -8.61 7.97 2.87
C LYS A 23 -9.23 6.61 2.61
N VAL A 24 -9.23 6.16 1.34
CA VAL A 24 -9.80 4.88 0.98
C VAL A 24 -8.88 3.76 1.45
N LEU A 25 -7.58 3.93 1.23
CA LEU A 25 -6.59 2.95 1.64
C LEU A 25 -6.44 2.96 3.17
N HIS A 26 -6.64 4.10 3.82
CA HIS A 26 -6.58 4.14 5.26
C HIS A 26 -7.78 3.40 5.85
N ALA A 27 -8.98 3.60 5.28
CA ALA A 27 -10.17 2.93 5.77
C ALA A 27 -10.14 1.44 5.45
N ALA A 28 -9.41 1.05 4.38
CA ALA A 28 -9.30 -0.35 4.01
C ALA A 28 -8.21 -1.08 4.82
N PHE A 29 -7.11 -0.40 5.12
CA PHE A 29 -5.97 -1.01 5.80
C PHE A 29 -5.90 -0.92 7.32
N ILE A 30 -6.76 -0.09 7.94
CA ILE A 30 -6.69 0.15 9.36
C ILE A 30 -7.10 -1.03 10.27
N PRO A 31 -8.00 -1.95 9.87
CA PRO A 31 -8.45 -3.01 10.76
C PRO A 31 -7.39 -4.09 10.99
N PHE A 32 -6.30 -4.07 10.22
CA PHE A 32 -5.26 -5.09 10.33
C PHE A 32 -4.17 -4.62 11.31
N GLY A 33 -4.15 -3.33 11.65
CA GLY A 33 -3.15 -2.78 12.55
C GLY A 33 -3.00 -1.28 12.39
N ASP A 34 -2.10 -0.69 13.19
CA ASP A 34 -1.87 0.74 13.15
C ASP A 34 -1.10 1.20 11.92
N ILE A 35 -1.79 1.90 11.01
CA ILE A 35 -1.13 2.51 9.86
C ILE A 35 -0.23 3.65 10.34
N THR A 36 0.87 3.88 9.65
CA THR A 36 1.79 4.97 9.97
C THR A 36 2.06 5.95 8.84
N ASP A 37 1.85 5.53 7.58
CA ASP A 37 1.96 6.43 6.44
C ASP A 37 1.25 5.79 5.25
N ILE A 38 0.93 6.61 4.23
CA ILE A 38 0.29 6.18 3.00
C ILE A 38 0.77 7.06 1.85
N GLN A 39 0.91 6.46 0.66
CA GLN A 39 1.37 7.16 -0.53
C GLN A 39 0.49 6.81 -1.73
N ILE A 40 0.11 7.84 -2.49
CA ILE A 40 -0.61 7.68 -3.76
C ILE A 40 -0.01 8.66 -4.76
N PRO A 41 1.14 8.32 -5.34
CA PRO A 41 1.82 9.13 -6.33
C PRO A 41 1.02 9.16 -7.63
N LEU A 42 1.44 10.06 -8.54
CA LEU A 42 0.77 10.29 -9.81
C LEU A 42 1.83 10.35 -10.91
N ASP A 43 1.43 10.75 -12.12
CA ASP A 43 2.33 10.85 -13.25
C ASP A 43 3.45 11.90 -13.15
N TYR A 44 3.39 12.80 -12.18
CA TYR A 44 4.40 13.85 -12.01
C TYR A 44 4.65 14.73 -13.23
N GLU A 45 3.66 14.83 -14.12
CA GLU A 45 3.80 15.58 -15.36
C GLU A 45 2.43 15.87 -15.97
N THR A 46 1.40 15.11 -15.55
CA THR A 46 0.00 15.37 -15.89
C THR A 46 -0.97 15.33 -14.71
N GLU A 47 -0.43 15.15 -13.51
CA GLU A 47 -1.17 15.18 -12.25
C GLU A 47 -2.38 14.24 -12.22
N LYS A 48 -2.19 13.00 -12.71
CA LYS A 48 -3.26 12.00 -12.67
C LYS A 48 -2.74 10.66 -12.14
N HIS A 49 -3.63 9.93 -11.46
CA HIS A 49 -3.31 8.68 -10.79
C HIS A 49 -2.98 7.57 -11.78
N ARG A 50 -2.25 6.55 -11.31
CA ARG A 50 -1.79 5.43 -12.14
C ARG A 50 -2.43 4.10 -11.73
N GLY A 51 -3.35 4.11 -10.76
CA GLY A 51 -4.04 2.90 -10.34
C GLY A 51 -3.22 2.02 -9.39
N PHE A 52 -2.26 2.62 -8.66
CA PHE A 52 -1.42 1.85 -7.74
C PHE A 52 -1.14 2.81 -6.60
N ALA A 53 -0.63 2.26 -5.48
CA ALA A 53 -0.34 3.03 -4.28
C ALA A 53 0.56 2.23 -3.34
N PHE A 54 0.86 2.82 -2.18
CA PHE A 54 1.62 2.17 -1.14
C PHE A 54 0.98 2.50 0.21
N VAL A 55 1.15 1.60 1.18
CA VAL A 55 0.63 1.75 2.52
C VAL A 55 1.74 1.31 3.47
N GLU A 56 1.88 1.94 4.63
CA GLU A 56 2.96 1.62 5.55
C GLU A 56 2.46 1.55 6.98
N PHE A 57 2.80 0.44 7.65
CA PHE A 57 2.39 0.13 9.01
C PHE A 57 3.36 0.52 10.11
N GLU A 58 2.85 0.65 11.34
CA GLU A 58 3.68 0.94 12.50
C GLU A 58 4.44 -0.32 12.96
N LEU A 59 4.01 -1.50 12.51
CA LEU A 59 4.62 -2.78 12.86
C LEU A 59 4.64 -3.70 11.64
N ALA A 60 5.63 -4.59 11.57
CA ALA A 60 5.80 -5.49 10.44
C ALA A 60 4.79 -6.63 10.46
N GLU A 61 4.35 -7.05 11.65
CA GLU A 61 3.37 -8.11 11.75
C GLU A 61 2.00 -7.63 11.26
N ASP A 62 1.74 -6.32 11.39
CA ASP A 62 0.50 -5.75 10.88
C ASP A 62 0.51 -5.69 9.36
N ALA A 63 1.70 -5.49 8.77
CA ALA A 63 1.85 -5.45 7.32
C ALA A 63 1.69 -6.87 6.76
N ALA A 64 2.21 -7.87 7.46
CA ALA A 64 2.07 -9.26 7.01
C ALA A 64 0.61 -9.70 7.13
N ALA A 65 -0.07 -9.29 8.20
CA ALA A 65 -1.47 -9.62 8.38
C ALA A 65 -2.31 -8.91 7.32
N ALA A 66 -1.92 -7.69 6.93
CA ALA A 66 -2.62 -6.95 5.90
C ALA A 66 -2.42 -7.60 4.53
N ILE A 67 -1.24 -8.16 4.25
CA ILE A 67 -1.04 -8.89 3.00
C ILE A 67 -1.96 -10.10 2.99
N ASP A 68 -2.06 -10.81 4.12
CA ASP A 68 -2.88 -12.00 4.23
C ASP A 68 -4.39 -11.73 4.16
N ASN A 69 -4.82 -10.55 4.61
CA ASN A 69 -6.24 -10.23 4.72
C ASN A 69 -6.74 -9.13 3.77
N MET A 70 -5.94 -8.69 2.80
CA MET A 70 -6.38 -7.67 1.86
C MET A 70 -5.99 -7.98 0.42
N ASN A 71 -5.08 -8.93 0.18
CA ASN A 71 -4.76 -9.33 -1.18
C ASN A 71 -5.99 -9.86 -1.91
N GLU A 72 -6.01 -9.74 -3.23
CA GLU A 72 -7.10 -10.20 -4.08
C GLU A 72 -8.46 -9.60 -3.72
N SER A 73 -8.47 -8.52 -2.92
CA SER A 73 -9.70 -7.83 -2.56
C SER A 73 -10.19 -6.99 -3.76
N GLU A 74 -11.24 -6.19 -3.56
CA GLU A 74 -11.83 -5.39 -4.62
C GLU A 74 -12.18 -3.99 -4.10
N LEU A 75 -11.60 -2.97 -4.74
CA LEU A 75 -11.80 -1.57 -4.39
C LEU A 75 -12.40 -0.86 -5.62
N PHE A 76 -13.41 -0.02 -5.40
CA PHE A 76 -14.03 0.74 -6.47
C PHE A 76 -14.53 -0.04 -7.68
N GLY A 77 -14.77 -1.34 -7.52
CA GLY A 77 -15.26 -2.20 -8.59
C GLY A 77 -14.15 -2.87 -9.39
N ARG A 78 -12.91 -2.80 -8.92
CA ARG A 78 -11.78 -3.43 -9.58
C ARG A 78 -10.98 -4.27 -8.58
N THR A 79 -10.49 -5.43 -9.02
CA THR A 79 -9.64 -6.28 -8.19
C THR A 79 -8.28 -5.66 -7.87
N ILE A 80 -7.76 -5.90 -6.66
CA ILE A 80 -6.50 -5.32 -6.23
C ILE A 80 -5.46 -6.40 -5.95
N ARG A 81 -4.21 -5.95 -5.90
CA ARG A 81 -3.05 -6.78 -5.58
C ARG A 81 -2.29 -6.14 -4.44
N VAL A 82 -1.75 -6.95 -3.53
CA VAL A 82 -1.05 -6.46 -2.35
C VAL A 82 0.15 -7.32 -1.97
N ASN A 83 1.33 -6.72 -1.84
CA ASN A 83 2.53 -7.43 -1.41
C ASN A 83 3.63 -6.43 -1.06
N LEU A 84 4.77 -6.89 -0.54
CA LEU A 84 5.89 -6.01 -0.22
C LEU A 84 6.40 -5.32 -1.49
N ALA A 85 6.99 -4.14 -1.33
CA ALA A 85 7.47 -3.35 -2.45
C ALA A 85 8.68 -3.99 -3.14
N LYS A 86 8.84 -3.70 -4.43
CA LYS A 86 10.00 -4.13 -5.21
C LYS A 86 11.28 -3.44 -4.69
N PRO A 87 12.46 -4.01 -4.98
CA PRO A 87 13.73 -3.43 -4.60
C PRO A 87 13.98 -2.14 -5.36
N MET A 88 14.31 -1.08 -4.61
CA MET A 88 14.63 0.25 -5.14
C MET A 88 15.24 1.08 -4.01
N ARG A 89 15.89 2.19 -4.36
CA ARG A 89 16.35 3.14 -3.36
C ARG A 89 15.12 3.82 -2.76
N ILE A 90 14.73 3.38 -1.56
CA ILE A 90 13.56 3.91 -0.86
C ILE A 90 13.87 5.31 -0.31
N LYS A 91 12.83 6.11 -0.09
CA LYS A 91 12.94 7.44 0.49
C LYS A 91 13.26 7.38 2.00
N GLU A 92 13.80 6.27 2.47
CA GLU A 92 14.11 6.07 3.88
C GLU A 92 15.42 5.29 4.03
N GLY A 93 16.11 5.51 5.15
CA GLY A 93 17.40 4.89 5.43
C GLY A 93 18.54 5.72 4.84
N ALA A 1 17.67 -7.44 14.14
CA ALA A 1 18.17 -6.74 12.94
C ALA A 1 17.50 -7.27 11.68
N GLY A 2 17.57 -6.50 10.59
CA GLY A 2 16.98 -6.88 9.32
C GLY A 2 15.45 -6.76 9.34
N HIS A 3 14.80 -7.20 8.26
CA HIS A 3 13.36 -7.16 8.12
C HIS A 3 12.90 -8.25 7.15
N MET A 4 11.59 -8.37 6.93
CA MET A 4 11.02 -9.40 6.06
C MET A 4 11.46 -9.22 4.61
N ALA A 5 11.91 -8.01 4.25
CA ALA A 5 12.33 -7.69 2.89
C ALA A 5 13.20 -6.43 2.88
N THR A 6 13.47 -5.93 1.66
CA THR A 6 14.23 -4.71 1.41
C THR A 6 13.54 -3.45 1.96
N THR A 7 12.34 -3.60 2.53
CA THR A 7 11.57 -2.48 3.07
C THR A 7 10.95 -2.77 4.43
N LYS A 8 10.46 -1.73 5.11
CA LYS A 8 9.98 -1.84 6.48
C LYS A 8 8.49 -1.53 6.59
N ARG A 9 7.71 -2.59 6.85
CA ARG A 9 6.25 -2.55 7.02
C ARG A 9 5.54 -1.91 5.82
N VAL A 10 6.15 -1.93 4.64
CA VAL A 10 5.55 -1.30 3.46
C VAL A 10 4.79 -2.28 2.60
N LEU A 11 3.73 -1.81 1.95
CA LEU A 11 2.91 -2.62 1.06
C LEU A 11 2.60 -1.87 -0.22
N TYR A 12 3.04 -2.44 -1.33
CA TYR A 12 2.64 -1.99 -2.64
C TYR A 12 1.20 -2.38 -2.95
N VAL A 13 0.46 -1.47 -3.60
CA VAL A 13 -0.93 -1.69 -3.97
C VAL A 13 -1.15 -1.36 -5.44
N GLY A 14 -1.91 -2.19 -6.14
CA GLY A 14 -2.19 -1.99 -7.55
C GLY A 14 -3.62 -2.38 -7.90
N GLY A 15 -4.06 -2.04 -9.11
CA GLY A 15 -5.40 -2.33 -9.59
C GLY A 15 -6.44 -1.35 -9.05
N LEU A 16 -5.99 -0.30 -8.33
CA LEU A 16 -6.88 0.69 -7.73
C LEU A 16 -7.58 1.53 -8.79
N ALA A 17 -8.78 2.02 -8.46
CA ALA A 17 -9.49 2.94 -9.33
C ALA A 17 -8.86 4.34 -9.21
N GLU A 18 -9.09 5.18 -10.22
CA GLU A 18 -8.53 6.53 -10.26
C GLU A 18 -9.20 7.44 -9.23
N GLU A 19 -10.24 6.96 -8.55
CA GLU A 19 -10.97 7.73 -7.55
C GLU A 19 -10.47 7.39 -6.14
N VAL A 20 -9.63 6.37 -6.00
CA VAL A 20 -9.10 5.93 -4.71
C VAL A 20 -8.15 6.99 -4.18
N ASP A 21 -8.34 7.35 -2.90
CA ASP A 21 -7.51 8.32 -2.18
C ASP A 21 -6.87 7.72 -0.94
N ASP A 22 -5.99 8.47 -0.26
CA ASP A 22 -5.34 7.97 0.94
C ASP A 22 -6.31 7.64 2.07
N LYS A 23 -7.48 8.26 2.05
CA LYS A 23 -8.53 7.97 3.03
C LYS A 23 -9.17 6.61 2.75
N VAL A 24 -9.20 6.20 1.48
CA VAL A 24 -9.78 4.91 1.10
C VAL A 24 -8.85 3.80 1.52
N LEU A 25 -7.54 3.97 1.29
CA LEU A 25 -6.57 2.96 1.69
C LEU A 25 -6.44 2.93 3.20
N HIS A 26 -6.62 4.05 3.88
CA HIS A 26 -6.56 4.05 5.33
C HIS A 26 -7.77 3.30 5.88
N ALA A 27 -8.96 3.54 5.32
CA ALA A 27 -10.16 2.85 5.78
C ALA A 27 -10.11 1.36 5.43
N ALA A 28 -9.39 1.00 4.36
CA ALA A 28 -9.27 -0.38 3.94
C ALA A 28 -8.20 -1.14 4.73
N PHE A 29 -7.10 -0.47 5.07
CA PHE A 29 -5.96 -1.11 5.75
C PHE A 29 -5.93 -1.05 7.28
N ILE A 30 -6.78 -0.23 7.90
CA ILE A 30 -6.71 -0.01 9.34
C ILE A 30 -7.16 -1.22 10.20
N PRO A 31 -8.03 -2.13 9.75
CA PRO A 31 -8.50 -3.20 10.63
C PRO A 31 -7.45 -4.28 10.85
N PHE A 32 -6.33 -4.26 10.12
CA PHE A 32 -5.30 -5.28 10.26
C PHE A 32 -4.23 -4.81 11.23
N GLY A 33 -4.22 -3.52 11.58
CA GLY A 33 -3.21 -2.98 12.49
C GLY A 33 -3.07 -1.47 12.34
N ASP A 34 -2.21 -0.88 13.17
CA ASP A 34 -1.99 0.56 13.13
C ASP A 34 -1.20 1.02 11.91
N ILE A 35 -1.86 1.74 11.01
CA ILE A 35 -1.19 2.34 9.87
C ILE A 35 -0.29 3.48 10.35
N THR A 36 0.83 3.72 9.66
CA THR A 36 1.74 4.80 9.99
C THR A 36 2.05 5.77 8.85
N ASP A 37 1.85 5.36 7.59
CA ASP A 37 2.00 6.29 6.47
C ASP A 37 1.28 5.69 5.24
N ILE A 38 0.96 6.54 4.27
CA ILE A 38 0.30 6.16 3.02
C ILE A 38 0.76 7.09 1.90
N GLN A 39 0.91 6.56 0.69
CA GLN A 39 1.34 7.31 -0.48
C GLN A 39 0.48 6.96 -1.70
N ILE A 40 0.08 7.99 -2.45
CA ILE A 40 -0.65 7.83 -3.70
C ILE A 40 -0.13 8.87 -4.69
N PRO A 41 1.05 8.62 -5.28
CA PRO A 41 1.68 9.53 -6.22
C PRO A 41 0.91 9.55 -7.54
N LEU A 42 1.02 10.68 -8.26
CA LEU A 42 0.40 10.84 -9.56
C LEU A 42 1.39 10.43 -10.65
N ASP A 43 1.03 10.63 -11.92
CA ASP A 43 1.76 10.12 -13.06
C ASP A 43 3.08 10.85 -13.35
N TYR A 44 3.34 11.97 -12.66
CA TYR A 44 4.52 12.79 -12.89
C TYR A 44 4.73 13.28 -14.33
N GLU A 45 3.64 13.37 -15.11
CA GLU A 45 3.70 13.81 -16.49
C GLU A 45 2.41 14.55 -16.86
N THR A 46 1.29 14.11 -16.27
CA THR A 46 -0.03 14.72 -16.46
C THR A 46 -0.83 14.94 -15.19
N GLU A 47 -0.19 14.75 -14.03
CA GLU A 47 -0.78 15.01 -12.73
C GLU A 47 -2.07 14.20 -12.49
N LYS A 48 -2.09 12.93 -12.92
CA LYS A 48 -3.23 12.04 -12.70
C LYS A 48 -2.76 10.74 -12.04
N HIS A 49 -3.66 10.04 -11.35
CA HIS A 49 -3.35 8.80 -10.67
C HIS A 49 -3.11 7.67 -11.68
N ARG A 50 -2.29 6.68 -11.30
CA ARG A 50 -1.95 5.53 -12.15
C ARG A 50 -2.63 4.24 -11.70
N GLY A 51 -3.44 4.28 -10.64
CA GLY A 51 -4.12 3.10 -10.14
C GLY A 51 -3.24 2.22 -9.25
N PHE A 52 -2.24 2.82 -8.58
CA PHE A 52 -1.34 2.08 -7.72
C PHE A 52 -1.05 3.01 -6.55
N ALA A 53 -0.54 2.46 -5.46
CA ALA A 53 -0.28 3.19 -4.22
C ALA A 53 0.66 2.43 -3.31
N PHE A 54 0.96 3.01 -2.14
CA PHE A 54 1.78 2.37 -1.12
C PHE A 54 1.15 2.66 0.23
N VAL A 55 1.32 1.73 1.18
CA VAL A 55 0.79 1.83 2.53
C VAL A 55 1.89 1.33 3.47
N GLU A 56 2.00 1.88 4.67
CA GLU A 56 3.01 1.44 5.62
C GLU A 56 2.44 1.37 7.04
N PHE A 57 2.72 0.23 7.69
CA PHE A 57 2.29 -0.07 9.04
C PHE A 57 3.25 0.33 10.15
N GLU A 58 2.74 0.45 11.39
CA GLU A 58 3.55 0.73 12.55
C GLU A 58 4.32 -0.51 13.01
N LEU A 59 3.91 -1.69 12.54
CA LEU A 59 4.50 -2.97 12.89
C LEU A 59 4.60 -3.87 11.66
N ALA A 60 5.59 -4.78 11.65
CA ALA A 60 5.81 -5.67 10.51
C ALA A 60 4.74 -6.75 10.43
N GLU A 61 4.27 -7.23 11.58
CA GLU A 61 3.27 -8.29 11.61
C GLU A 61 1.91 -7.76 11.14
N ASP A 62 1.68 -6.45 11.25
CA ASP A 62 0.45 -5.85 10.74
C ASP A 62 0.47 -5.80 9.22
N ALA A 63 1.66 -5.60 8.64
CA ALA A 63 1.80 -5.59 7.19
C ALA A 63 1.67 -7.01 6.65
N ALA A 64 2.18 -8.00 7.38
CA ALA A 64 2.06 -9.39 6.97
C ALA A 64 0.59 -9.83 7.02
N ALA A 65 -0.14 -9.41 8.06
CA ALA A 65 -1.55 -9.74 8.18
C ALA A 65 -2.34 -9.00 7.08
N ALA A 66 -1.92 -7.79 6.74
CA ALA A 66 -2.58 -7.04 5.68
C ALA A 66 -2.39 -7.73 4.34
N ILE A 67 -1.20 -8.28 4.06
CA ILE A 67 -1.01 -9.04 2.84
C ILE A 67 -1.93 -10.25 2.84
N ASP A 68 -2.02 -10.93 3.99
CA ASP A 68 -2.85 -12.12 4.13
C ASP A 68 -4.36 -11.88 4.16
N ASN A 69 -4.80 -10.63 4.38
CA ASN A 69 -6.21 -10.33 4.48
C ASN A 69 -6.69 -9.18 3.58
N MET A 70 -5.89 -8.74 2.61
CA MET A 70 -6.31 -7.67 1.69
C MET A 70 -5.88 -7.94 0.24
N ASN A 71 -4.97 -8.89 0.00
CA ASN A 71 -4.62 -9.22 -1.38
C ASN A 71 -5.84 -9.74 -2.14
N GLU A 72 -5.84 -9.54 -3.46
CA GLU A 72 -6.93 -9.98 -4.33
C GLU A 72 -8.30 -9.41 -3.93
N SER A 73 -8.33 -8.40 -3.06
CA SER A 73 -9.56 -7.75 -2.64
C SER A 73 -10.09 -6.85 -3.77
N GLU A 74 -11.18 -6.12 -3.51
CA GLU A 74 -11.81 -5.29 -4.53
C GLU A 74 -12.24 -3.95 -3.94
N LEU A 75 -11.70 -2.86 -4.51
CA LEU A 75 -12.00 -1.50 -4.10
C LEU A 75 -12.56 -0.75 -5.30
N PHE A 76 -13.56 0.11 -5.09
CA PHE A 76 -14.16 0.87 -6.17
C PHE A 76 -14.69 0.10 -7.37
N GLY A 77 -14.92 -1.21 -7.20
CA GLY A 77 -15.43 -2.06 -8.26
C GLY A 77 -14.31 -2.67 -9.11
N ARG A 78 -13.05 -2.56 -8.65
CA ARG A 78 -11.90 -3.10 -9.35
C ARG A 78 -11.02 -3.92 -8.42
N THR A 79 -10.51 -5.06 -8.91
CA THR A 79 -9.63 -5.92 -8.17
C THR A 79 -8.26 -5.31 -7.85
N ILE A 80 -7.69 -5.63 -6.69
CA ILE A 80 -6.42 -5.05 -6.28
C ILE A 80 -5.38 -6.15 -6.06
N ARG A 81 -4.11 -5.71 -5.96
CA ARG A 81 -2.96 -6.55 -5.68
C ARG A 81 -2.17 -5.90 -4.54
N VAL A 82 -1.60 -6.72 -3.66
CA VAL A 82 -0.90 -6.23 -2.47
C VAL A 82 0.31 -7.10 -2.11
N ASN A 83 1.48 -6.48 -1.92
CA ASN A 83 2.68 -7.20 -1.48
C ASN A 83 3.75 -6.20 -1.04
N LEU A 84 4.86 -6.67 -0.47
CA LEU A 84 5.96 -5.80 -0.06
C LEU A 84 6.53 -5.07 -1.27
N ALA A 85 7.07 -3.86 -1.07
CA ALA A 85 7.58 -3.05 -2.17
C ALA A 85 8.88 -3.63 -2.75
N LYS A 86 9.14 -3.33 -4.03
CA LYS A 86 10.37 -3.71 -4.71
C LYS A 86 11.57 -2.98 -4.11
N PRO A 87 12.79 -3.52 -4.29
CA PRO A 87 14.01 -2.90 -3.81
C PRO A 87 14.30 -1.61 -4.56
N MET A 88 14.60 -0.56 -3.80
CA MET A 88 14.99 0.75 -4.31
C MET A 88 15.40 1.63 -3.13
N ARG A 89 16.12 2.72 -3.40
CA ARG A 89 16.38 3.74 -2.39
C ARG A 89 15.07 4.48 -2.13
N ILE A 90 14.31 4.03 -1.14
CA ILE A 90 13.04 4.64 -0.78
C ILE A 90 13.29 6.04 -0.26
N LYS A 91 12.29 6.93 -0.39
CA LYS A 91 12.38 8.29 0.12
C LYS A 91 12.34 8.36 1.66
N GLU A 92 12.65 7.25 2.32
CA GLU A 92 12.72 7.17 3.77
C GLU A 92 13.81 8.10 4.30
N GLY A 93 13.56 8.72 5.46
CA GLY A 93 14.50 9.64 6.08
C GLY A 93 13.95 10.16 7.41
N ALA A 1 16.60 -9.53 14.45
CA ALA A 1 16.70 -10.05 13.06
C ALA A 1 16.34 -8.97 12.06
N GLY A 2 16.70 -9.20 10.78
CA GLY A 2 16.41 -8.26 9.71
C GLY A 2 14.92 -8.27 9.35
N HIS A 3 14.52 -7.32 8.49
CA HIS A 3 13.14 -7.20 8.04
C HIS A 3 12.77 -8.35 7.11
N MET A 4 11.47 -8.48 6.83
CA MET A 4 10.95 -9.56 5.99
C MET A 4 11.41 -9.45 4.54
N ALA A 5 11.89 -8.27 4.13
CA ALA A 5 12.30 -8.01 2.77
C ALA A 5 13.20 -6.77 2.71
N THR A 6 13.47 -6.32 1.48
CA THR A 6 14.25 -5.11 1.18
C THR A 6 13.60 -3.84 1.73
N THR A 7 12.39 -3.95 2.28
CA THR A 7 11.68 -2.82 2.87
C THR A 7 11.11 -3.14 4.25
N LYS A 8 10.53 -2.12 4.91
CA LYS A 8 10.10 -2.25 6.30
C LYS A 8 8.67 -1.75 6.48
N ARG A 9 7.77 -2.67 6.79
CA ARG A 9 6.34 -2.44 7.01
C ARG A 9 5.66 -1.74 5.83
N VAL A 10 6.18 -1.85 4.62
CA VAL A 10 5.56 -1.24 3.44
C VAL A 10 4.81 -2.26 2.58
N LEU A 11 3.73 -1.81 1.95
CA LEU A 11 2.93 -2.64 1.06
C LEU A 11 2.63 -1.92 -0.23
N TYR A 12 2.97 -2.55 -1.35
CA TYR A 12 2.55 -2.12 -2.67
C TYR A 12 1.11 -2.51 -2.97
N VAL A 13 0.38 -1.60 -3.61
CA VAL A 13 -1.01 -1.81 -3.98
C VAL A 13 -1.23 -1.50 -5.45
N GLY A 14 -2.02 -2.33 -6.15
CA GLY A 14 -2.29 -2.13 -7.56
C GLY A 14 -3.73 -2.49 -7.91
N GLY A 15 -4.16 -2.14 -9.11
CA GLY A 15 -5.52 -2.42 -9.59
C GLY A 15 -6.54 -1.42 -9.06
N LEU A 16 -6.09 -0.34 -8.41
CA LEU A 16 -6.97 0.67 -7.83
C LEU A 16 -7.64 1.50 -8.91
N ALA A 17 -8.82 2.05 -8.60
CA ALA A 17 -9.50 2.97 -9.48
C ALA A 17 -8.90 4.37 -9.33
N GLU A 18 -9.11 5.22 -10.35
CA GLU A 18 -8.57 6.58 -10.36
C GLU A 18 -9.25 7.48 -9.33
N GLU A 19 -10.29 6.97 -8.65
CA GLU A 19 -11.03 7.71 -7.63
C GLU A 19 -10.55 7.36 -6.22
N VAL A 20 -9.67 6.35 -6.10
CA VAL A 20 -9.16 5.92 -4.80
C VAL A 20 -8.20 6.97 -4.26
N ASP A 21 -8.39 7.34 -2.99
CA ASP A 21 -7.57 8.30 -2.27
C ASP A 21 -6.92 7.70 -1.01
N ASP A 22 -6.03 8.45 -0.37
CA ASP A 22 -5.35 7.94 0.83
C ASP A 22 -6.30 7.62 1.99
N LYS A 23 -7.50 8.21 1.98
CA LYS A 23 -8.53 7.94 2.96
C LYS A 23 -9.18 6.57 2.69
N VAL A 24 -9.21 6.15 1.43
CA VAL A 24 -9.81 4.88 1.04
C VAL A 24 -8.88 3.75 1.49
N LEU A 25 -7.57 3.91 1.26
CA LEU A 25 -6.60 2.91 1.66
C LEU A 25 -6.46 2.90 3.18
N HIS A 26 -6.65 4.05 3.84
CA HIS A 26 -6.60 4.07 5.29
C HIS A 26 -7.80 3.32 5.86
N ALA A 27 -8.99 3.52 5.29
CA ALA A 27 -10.17 2.85 5.77
C ALA A 27 -10.14 1.35 5.44
N ALA A 28 -9.43 0.97 4.38
CA ALA A 28 -9.32 -0.42 3.99
C ALA A 28 -8.23 -1.16 4.78
N PHE A 29 -7.12 -0.49 5.10
CA PHE A 29 -5.99 -1.10 5.77
C PHE A 29 -5.93 -1.02 7.30
N ILE A 30 -6.78 -0.20 7.92
CA ILE A 30 -6.69 0.04 9.36
C ILE A 30 -7.09 -1.15 10.25
N PRO A 31 -7.98 -2.08 9.85
CA PRO A 31 -8.41 -3.14 10.75
C PRO A 31 -7.35 -4.21 10.96
N PHE A 32 -6.26 -4.20 10.18
CA PHE A 32 -5.23 -5.21 10.29
C PHE A 32 -4.13 -4.74 11.25
N GLY A 33 -4.12 -3.45 11.60
CA GLY A 33 -3.11 -2.91 12.50
C GLY A 33 -2.97 -1.40 12.36
N ASP A 34 -2.08 -0.81 13.15
CA ASP A 34 -1.86 0.63 13.12
C ASP A 34 -1.11 1.11 11.88
N ILE A 35 -1.80 1.81 10.98
CA ILE A 35 -1.15 2.42 9.84
C ILE A 35 -0.27 3.58 10.32
N THR A 36 0.83 3.84 9.62
CA THR A 36 1.72 4.94 9.95
C THR A 36 1.99 5.92 8.82
N ASP A 37 1.79 5.51 7.56
CA ASP A 37 1.93 6.42 6.43
C ASP A 37 1.24 5.79 5.21
N ILE A 38 0.89 6.62 4.23
CA ILE A 38 0.23 6.21 3.00
C ILE A 38 0.67 7.12 1.84
N GLN A 39 0.78 6.55 0.64
CA GLN A 39 1.20 7.28 -0.55
C GLN A 39 0.35 6.90 -1.76
N ILE A 40 -0.06 7.91 -2.54
CA ILE A 40 -0.76 7.73 -3.80
C ILE A 40 -0.19 8.73 -4.81
N PRO A 41 1.01 8.43 -5.33
CA PRO A 41 1.67 9.25 -6.33
C PRO A 41 0.93 9.21 -7.67
N LEU A 42 1.30 10.14 -8.55
CA LEU A 42 0.69 10.31 -9.85
C LEU A 42 1.76 10.22 -10.94
N ASP A 43 1.42 10.55 -12.19
CA ASP A 43 2.37 10.55 -13.29
C ASP A 43 3.55 11.55 -13.19
N TYR A 44 3.50 12.47 -12.23
CA TYR A 44 4.54 13.48 -12.05
C TYR A 44 4.86 14.33 -13.29
N GLU A 45 3.89 14.46 -14.20
CA GLU A 45 4.09 15.20 -15.44
C GLU A 45 2.74 15.47 -16.11
N THR A 46 1.70 14.76 -15.67
CA THR A 46 0.31 14.98 -16.09
C THR A 46 -0.69 15.07 -14.94
N GLU A 47 -0.19 14.92 -13.70
CA GLU A 47 -0.97 15.11 -12.48
C GLU A 47 -2.22 14.22 -12.39
N LYS A 48 -2.12 12.94 -12.81
CA LYS A 48 -3.22 11.99 -12.65
C LYS A 48 -2.75 10.61 -12.20
N HIS A 49 -3.66 9.88 -11.55
CA HIS A 49 -3.38 8.62 -10.88
C HIS A 49 -3.05 7.50 -11.85
N ARG A 50 -2.30 6.49 -11.37
CA ARG A 50 -1.86 5.36 -12.16
C ARG A 50 -2.53 4.05 -11.74
N GLY A 51 -3.46 4.11 -10.76
CA GLY A 51 -4.16 2.92 -10.30
C GLY A 51 -3.31 2.05 -9.37
N PHE A 52 -2.35 2.66 -8.65
CA PHE A 52 -1.49 1.91 -7.75
C PHE A 52 -1.21 2.87 -6.58
N ALA A 53 -0.67 2.33 -5.49
CA ALA A 53 -0.41 3.10 -4.29
C ALA A 53 0.54 2.32 -3.36
N PHE A 54 0.86 2.94 -2.22
CA PHE A 54 1.67 2.31 -1.19
C PHE A 54 1.01 2.59 0.15
N VAL A 55 1.18 1.67 1.10
CA VAL A 55 0.66 1.77 2.46
C VAL A 55 1.79 1.34 3.39
N GLU A 56 1.86 1.92 4.58
CA GLU A 56 2.95 1.62 5.49
C GLU A 56 2.45 1.53 6.93
N PHE A 57 2.78 0.42 7.59
CA PHE A 57 2.37 0.10 8.95
C PHE A 57 3.35 0.50 10.05
N GLU A 58 2.84 0.63 11.28
CA GLU A 58 3.68 0.92 12.43
C GLU A 58 4.47 -0.33 12.87
N LEU A 59 4.02 -1.51 12.43
CA LEU A 59 4.65 -2.79 12.78
C LEU A 59 4.69 -3.70 11.56
N ALA A 60 5.69 -4.58 11.49
CA ALA A 60 5.89 -5.47 10.36
C ALA A 60 4.85 -6.59 10.34
N GLU A 61 4.41 -7.04 11.52
CA GLU A 61 3.43 -8.12 11.61
C GLU A 61 2.06 -7.62 11.15
N ASP A 62 1.80 -6.32 11.26
CA ASP A 62 0.56 -5.74 10.77
C ASP A 62 0.55 -5.68 9.24
N ALA A 63 1.73 -5.49 8.65
CA ALA A 63 1.87 -5.49 7.20
C ALA A 63 1.72 -6.92 6.67
N ALA A 64 2.25 -7.91 7.41
CA ALA A 64 2.12 -9.30 7.01
C ALA A 64 0.65 -9.74 7.09
N ALA A 65 -0.07 -9.31 8.13
CA ALA A 65 -1.47 -9.63 8.28
C ALA A 65 -2.29 -8.93 7.19
N ALA A 66 -1.90 -7.71 6.83
CA ALA A 66 -2.58 -6.99 5.77
C ALA A 66 -2.40 -7.68 4.43
N ILE A 67 -1.21 -8.25 4.16
CA ILE A 67 -1.02 -9.02 2.94
C ILE A 67 -1.93 -10.24 2.97
N ASP A 68 -2.00 -10.91 4.13
CA ASP A 68 -2.82 -12.10 4.28
C ASP A 68 -4.33 -11.87 4.33
N ASN A 69 -4.77 -10.62 4.54
CA ASN A 69 -6.19 -10.32 4.66
C ASN A 69 -6.69 -9.18 3.76
N MET A 70 -5.91 -8.75 2.76
CA MET A 70 -6.37 -7.71 1.84
C MET A 70 -5.98 -8.00 0.39
N ASN A 71 -5.05 -8.93 0.14
CA ASN A 71 -4.72 -9.28 -1.23
C ASN A 71 -5.96 -9.81 -1.97
N GLU A 72 -5.98 -9.66 -3.29
CA GLU A 72 -7.07 -10.10 -4.15
C GLU A 72 -8.45 -9.52 -3.75
N SER A 73 -8.46 -8.47 -2.92
CA SER A 73 -9.69 -7.79 -2.53
C SER A 73 -10.20 -6.93 -3.70
N GLU A 74 -11.29 -6.18 -3.49
CA GLU A 74 -11.89 -5.37 -4.53
C GLU A 74 -12.31 -4.01 -3.97
N LEU A 75 -11.74 -2.94 -4.55
CA LEU A 75 -12.02 -1.56 -4.17
C LEU A 75 -12.55 -0.83 -5.40
N PHE A 76 -13.55 0.03 -5.21
CA PHE A 76 -14.12 0.81 -6.31
C PHE A 76 -14.63 0.04 -7.53
N GLY A 77 -14.88 -1.27 -7.36
CA GLY A 77 -15.39 -2.12 -8.42
C GLY A 77 -14.27 -2.76 -9.25
N ARG A 78 -13.02 -2.70 -8.78
CA ARG A 78 -11.89 -3.31 -9.46
C ARG A 78 -11.05 -4.13 -8.49
N THR A 79 -10.57 -5.29 -8.93
CA THR A 79 -9.70 -6.13 -8.13
C THR A 79 -8.33 -5.53 -7.84
N ILE A 80 -7.79 -5.77 -6.65
CA ILE A 80 -6.52 -5.19 -6.25
C ILE A 80 -5.46 -6.27 -6.02
N ARG A 81 -4.20 -5.83 -5.96
CA ARG A 81 -3.05 -6.67 -5.69
C ARG A 81 -2.26 -6.03 -4.56
N VAL A 82 -1.72 -6.84 -3.65
CA VAL A 82 -1.00 -6.35 -2.47
C VAL A 82 0.20 -7.22 -2.11
N ASN A 83 1.37 -6.61 -1.92
CA ASN A 83 2.56 -7.33 -1.47
C ASN A 83 3.64 -6.34 -1.05
N LEU A 84 4.75 -6.83 -0.48
CA LEU A 84 5.87 -5.97 -0.09
C LEU A 84 6.43 -5.25 -1.32
N ALA A 85 7.01 -4.06 -1.12
CA ALA A 85 7.52 -3.25 -2.21
C ALA A 85 8.80 -3.84 -2.83
N LYS A 86 9.05 -3.49 -4.08
CA LYS A 86 10.27 -3.87 -4.80
C LYS A 86 11.50 -3.21 -4.19
N PRO A 87 12.70 -3.76 -4.43
CA PRO A 87 13.95 -3.18 -3.95
C PRO A 87 14.23 -1.87 -4.67
N MET A 88 14.56 -0.84 -3.90
CA MET A 88 14.94 0.47 -4.40
C MET A 88 15.52 1.29 -3.25
N ARG A 89 16.04 2.48 -3.56
CA ARG A 89 16.48 3.42 -2.55
C ARG A 89 15.26 4.12 -1.97
N ILE A 90 14.65 3.50 -0.95
CA ILE A 90 13.41 3.99 -0.35
C ILE A 90 13.63 5.32 0.37
N LYS A 91 12.53 6.03 0.65
CA LYS A 91 12.54 7.40 1.17
C LYS A 91 12.98 7.57 2.62
N GLU A 92 13.42 6.51 3.32
CA GLU A 92 13.94 6.67 4.67
C GLU A 92 15.28 7.41 4.66
N GLY A 93 15.80 7.78 5.84
CA GLY A 93 17.05 8.50 5.97
C GLY A 93 18.22 7.65 5.47
N ALA A 1 17.57 -13.50 9.18
CA ALA A 1 17.88 -12.20 9.80
C ALA A 1 17.34 -11.04 8.96
N GLY A 2 17.28 -9.85 9.56
CA GLY A 2 16.78 -8.66 8.88
C GLY A 2 15.25 -8.68 8.78
N HIS A 3 14.70 -7.67 8.08
CA HIS A 3 13.26 -7.56 7.88
C HIS A 3 12.79 -8.60 6.86
N MET A 4 11.47 -8.70 6.66
CA MET A 4 10.88 -9.68 5.75
C MET A 4 11.30 -9.44 4.31
N ALA A 5 11.79 -8.24 4.00
CA ALA A 5 12.21 -7.88 2.65
C ALA A 5 13.14 -6.67 2.68
N THR A 6 13.46 -6.16 1.49
CA THR A 6 14.25 -4.95 1.27
C THR A 6 13.59 -3.68 1.81
N THR A 7 12.40 -3.81 2.40
CA THR A 7 11.61 -2.71 2.92
C THR A 7 11.09 -2.95 4.33
N LYS A 8 10.45 -1.94 4.94
CA LYS A 8 10.00 -2.01 6.32
C LYS A 8 8.52 -1.63 6.44
N ARG A 9 7.70 -2.64 6.74
CA ARG A 9 6.25 -2.54 6.93
C ARG A 9 5.54 -1.90 5.74
N VAL A 10 6.11 -1.95 4.53
CA VAL A 10 5.51 -1.33 3.36
C VAL A 10 4.70 -2.33 2.54
N LEU A 11 3.64 -1.84 1.90
CA LEU A 11 2.80 -2.65 1.05
C LEU A 11 2.48 -1.92 -0.24
N TYR A 12 2.96 -2.47 -1.35
CA TYR A 12 2.57 -2.02 -2.67
C TYR A 12 1.13 -2.40 -2.98
N VAL A 13 0.39 -1.51 -3.62
CA VAL A 13 -0.99 -1.74 -4.01
C VAL A 13 -1.21 -1.43 -5.48
N GLY A 14 -1.95 -2.27 -6.19
CA GLY A 14 -2.23 -2.10 -7.61
C GLY A 14 -3.67 -2.47 -7.93
N GLY A 15 -4.11 -2.12 -9.14
CA GLY A 15 -5.47 -2.40 -9.61
C GLY A 15 -6.49 -1.39 -9.09
N LEU A 16 -6.04 -0.35 -8.40
CA LEU A 16 -6.91 0.67 -7.82
C LEU A 16 -7.57 1.51 -8.90
N ALA A 17 -8.77 2.02 -8.61
CA ALA A 17 -9.45 2.94 -9.50
C ALA A 17 -8.85 4.34 -9.37
N GLU A 18 -9.08 5.19 -10.37
CA GLU A 18 -8.55 6.56 -10.37
C GLU A 18 -9.19 7.41 -9.28
N GLU A 19 -10.31 6.96 -8.71
CA GLU A 19 -11.05 7.68 -7.68
C GLU A 19 -10.54 7.33 -6.27
N VAL A 20 -9.66 6.33 -6.16
CA VAL A 20 -9.15 5.91 -4.87
C VAL A 20 -8.19 6.97 -4.33
N ASP A 21 -8.35 7.30 -3.05
CA ASP A 21 -7.55 8.29 -2.33
C ASP A 21 -6.94 7.71 -1.06
N ASP A 22 -6.06 8.47 -0.40
CA ASP A 22 -5.40 8.00 0.81
C ASP A 22 -6.37 7.68 1.95
N LYS A 23 -7.57 8.28 1.94
CA LYS A 23 -8.61 7.98 2.91
C LYS A 23 -9.21 6.60 2.64
N VAL A 24 -9.21 6.16 1.38
CA VAL A 24 -9.76 4.86 1.01
C VAL A 24 -8.84 3.76 1.48
N LEU A 25 -7.53 3.93 1.24
CA LEU A 25 -6.55 2.95 1.65
C LEU A 25 -6.41 2.93 3.17
N HIS A 26 -6.61 4.08 3.84
CA HIS A 26 -6.57 4.09 5.29
C HIS A 26 -7.78 3.33 5.85
N ALA A 27 -8.97 3.56 5.28
CA ALA A 27 -10.16 2.87 5.73
C ALA A 27 -10.10 1.37 5.41
N ALA A 28 -9.37 0.99 4.36
CA ALA A 28 -9.24 -0.40 3.97
C ALA A 28 -8.16 -1.13 4.77
N PHE A 29 -7.07 -0.45 5.10
CA PHE A 29 -5.93 -1.05 5.79
C PHE A 29 -5.89 -0.95 7.32
N ILE A 30 -6.76 -0.13 7.93
CA ILE A 30 -6.70 0.12 9.35
C ILE A 30 -7.12 -1.06 10.26
N PRO A 31 -7.99 -2.00 9.83
CA PRO A 31 -8.44 -3.05 10.72
C PRO A 31 -7.37 -4.13 10.95
N PHE A 32 -6.27 -4.11 10.17
CA PHE A 32 -5.23 -5.12 10.29
C PHE A 32 -4.15 -4.65 11.27
N GLY A 33 -4.15 -3.37 11.65
CA GLY A 33 -3.15 -2.85 12.55
C GLY A 33 -3.00 -1.34 12.41
N ASP A 34 -2.08 -0.76 13.20
CA ASP A 34 -1.82 0.66 13.16
C ASP A 34 -1.08 1.13 11.92
N ILE A 35 -1.75 1.84 11.02
CA ILE A 35 -1.11 2.44 9.86
C ILE A 35 -0.20 3.58 10.33
N THR A 36 0.91 3.79 9.63
CA THR A 36 1.84 4.86 9.95
C THR A 36 2.17 5.82 8.81
N ASP A 37 1.93 5.41 7.56
CA ASP A 37 2.10 6.31 6.43
C ASP A 37 1.34 5.73 5.23
N ILE A 38 0.99 6.59 4.27
CA ILE A 38 0.28 6.20 3.05
C ILE A 38 0.71 7.12 1.91
N GLN A 39 0.80 6.56 0.70
CA GLN A 39 1.22 7.28 -0.49
C GLN A 39 0.37 6.90 -1.70
N ILE A 40 -0.03 7.91 -2.48
CA ILE A 40 -0.73 7.72 -3.75
C ILE A 40 -0.16 8.75 -4.74
N PRO A 41 1.01 8.48 -5.30
CA PRO A 41 1.69 9.38 -6.22
C PRO A 41 0.95 9.45 -7.55
N LEU A 42 0.93 10.63 -8.15
CA LEU A 42 0.38 10.83 -9.48
C LEU A 42 1.43 10.50 -10.53
N ASP A 43 1.11 10.69 -11.81
CA ASP A 43 1.94 10.24 -12.91
C ASP A 43 3.23 11.06 -13.08
N TYR A 44 3.38 12.17 -12.33
CA TYR A 44 4.53 13.06 -12.45
C TYR A 44 4.82 13.60 -13.85
N GLU A 45 3.79 13.66 -14.71
CA GLU A 45 3.92 14.13 -16.08
C GLU A 45 2.62 14.80 -16.52
N THR A 46 1.49 14.32 -16.00
CA THR A 46 0.16 14.85 -16.27
C THR A 46 -0.73 15.05 -15.05
N GLU A 47 -0.16 14.89 -13.85
CA GLU A 47 -0.83 15.13 -12.58
C GLU A 47 -2.12 14.30 -12.42
N LYS A 48 -2.08 13.03 -12.81
CA LYS A 48 -3.21 12.11 -12.63
C LYS A 48 -2.74 10.80 -12.02
N HIS A 49 -3.65 10.08 -11.37
CA HIS A 49 -3.35 8.83 -10.67
C HIS A 49 -3.13 7.69 -11.67
N ARG A 50 -2.24 6.75 -11.32
CA ARG A 50 -1.90 5.60 -12.17
C ARG A 50 -2.58 4.31 -11.74
N GLY A 51 -3.42 4.33 -10.70
CA GLY A 51 -4.13 3.15 -10.24
C GLY A 51 -3.27 2.25 -9.34
N PHE A 52 -2.26 2.82 -8.67
CA PHE A 52 -1.39 2.04 -7.80
C PHE A 52 -1.09 2.98 -6.62
N ALA A 53 -0.58 2.40 -5.52
CA ALA A 53 -0.33 3.15 -4.30
C ALA A 53 0.62 2.37 -3.37
N PHE A 54 0.92 2.96 -2.21
CA PHE A 54 1.73 2.34 -1.18
C PHE A 54 1.08 2.63 0.17
N VAL A 55 1.27 1.73 1.13
CA VAL A 55 0.74 1.83 2.47
C VAL A 55 1.85 1.35 3.40
N GLU A 56 1.94 1.88 4.61
CA GLU A 56 2.98 1.48 5.55
C GLU A 56 2.46 1.40 6.98
N PHE A 57 2.74 0.27 7.62
CA PHE A 57 2.33 -0.03 8.99
C PHE A 57 3.33 0.37 10.09
N GLU A 58 2.85 0.50 11.32
CA GLU A 58 3.71 0.79 12.45
C GLU A 58 4.43 -0.48 12.91
N LEU A 59 3.89 -1.65 12.55
CA LEU A 59 4.47 -2.95 12.88
C LEU A 59 4.61 -3.80 11.61
N ALA A 60 5.59 -4.71 11.59
CA ALA A 60 5.82 -5.59 10.46
C ALA A 60 4.77 -6.70 10.38
N GLU A 61 4.31 -7.19 11.53
CA GLU A 61 3.34 -8.27 11.58
C GLU A 61 1.97 -7.77 11.12
N ASP A 62 1.71 -6.46 11.24
CA ASP A 62 0.48 -5.88 10.74
C ASP A 62 0.48 -5.81 9.21
N ALA A 63 1.67 -5.61 8.62
CA ALA A 63 1.81 -5.60 7.18
C ALA A 63 1.68 -7.02 6.63
N ALA A 64 2.20 -8.02 7.37
CA ALA A 64 2.05 -9.41 6.96
C ALA A 64 0.59 -9.84 7.04
N ALA A 65 -0.13 -9.42 8.09
CA ALA A 65 -1.53 -9.74 8.24
C ALA A 65 -2.35 -9.02 7.16
N ALA A 66 -1.93 -7.81 6.78
CA ALA A 66 -2.61 -7.07 5.73
C ALA A 66 -2.43 -7.78 4.40
N ILE A 67 -1.25 -8.34 4.11
CA ILE A 67 -1.07 -9.10 2.88
C ILE A 67 -1.98 -10.34 2.92
N ASP A 68 -2.08 -10.98 4.08
CA ASP A 68 -2.91 -12.17 4.23
C ASP A 68 -4.42 -11.89 4.17
N ASN A 69 -4.84 -10.66 4.49
CA ASN A 69 -6.26 -10.34 4.58
C ASN A 69 -6.73 -9.19 3.67
N MET A 70 -5.93 -8.77 2.68
CA MET A 70 -6.35 -7.71 1.77
C MET A 70 -5.93 -7.99 0.32
N ASN A 71 -5.02 -8.94 0.07
CA ASN A 71 -4.69 -9.27 -1.31
C ASN A 71 -5.90 -9.80 -2.06
N GLU A 72 -5.92 -9.61 -3.38
CA GLU A 72 -7.02 -10.04 -4.25
C GLU A 72 -8.39 -9.47 -3.83
N SER A 73 -8.40 -8.45 -2.97
CA SER A 73 -9.63 -7.77 -2.56
C SER A 73 -10.17 -6.90 -3.70
N GLU A 74 -11.27 -6.19 -3.47
CA GLU A 74 -11.90 -5.37 -4.49
C GLU A 74 -12.29 -4.00 -3.93
N LEU A 75 -11.72 -2.94 -4.53
CA LEU A 75 -11.98 -1.56 -4.14
C LEU A 75 -12.54 -0.82 -5.36
N PHE A 76 -13.53 0.04 -5.14
CA PHE A 76 -14.14 0.81 -6.22
C PHE A 76 -14.68 0.03 -7.43
N GLY A 77 -14.92 -1.28 -7.24
CA GLY A 77 -15.43 -2.13 -8.29
C GLY A 77 -14.32 -2.78 -9.12
N ARG A 78 -13.07 -2.73 -8.65
CA ARG A 78 -11.93 -3.31 -9.33
C ARG A 78 -11.07 -4.13 -8.37
N THR A 79 -10.56 -5.27 -8.86
CA THR A 79 -9.65 -6.10 -8.07
C THR A 79 -8.30 -5.45 -7.79
N ILE A 80 -7.71 -5.75 -6.63
CA ILE A 80 -6.43 -5.17 -6.25
C ILE A 80 -5.38 -6.25 -6.00
N ARG A 81 -4.13 -5.80 -5.95
CA ARG A 81 -2.96 -6.64 -5.67
C ARG A 81 -2.16 -5.98 -4.55
N VAL A 82 -1.62 -6.79 -3.63
CA VAL A 82 -0.92 -6.28 -2.45
C VAL A 82 0.30 -7.14 -2.10
N ASN A 83 1.46 -6.50 -1.92
CA ASN A 83 2.67 -7.22 -1.49
C ASN A 83 3.74 -6.21 -1.06
N LEU A 84 4.85 -6.69 -0.48
CA LEU A 84 5.95 -5.84 -0.06
C LEU A 84 6.56 -5.10 -1.26
N ALA A 85 7.14 -3.92 -1.02
CA ALA A 85 7.71 -3.08 -2.06
C ALA A 85 8.96 -3.70 -2.70
N LYS A 86 9.19 -3.38 -3.98
CA LYS A 86 10.39 -3.75 -4.70
C LYS A 86 11.61 -3.01 -4.14
N PRO A 87 12.82 -3.51 -4.38
CA PRO A 87 14.05 -2.89 -3.92
C PRO A 87 14.29 -1.54 -4.60
N MET A 88 14.41 -0.50 -3.77
CA MET A 88 14.76 0.86 -4.19
C MET A 88 15.02 1.69 -2.93
N ARG A 89 15.70 2.83 -3.05
CA ARG A 89 15.86 3.74 -1.91
C ARG A 89 14.50 4.32 -1.58
N ILE A 90 14.18 4.45 -0.29
CA ILE A 90 12.85 4.87 0.14
C ILE A 90 12.88 6.32 0.65
N LYS A 91 11.69 6.92 0.78
CA LYS A 91 11.48 8.30 1.21
C LYS A 91 11.89 8.59 2.66
N GLU A 92 12.58 7.65 3.31
CA GLU A 92 13.06 7.85 4.68
C GLU A 92 14.25 8.81 4.71
N GLY A 93 14.53 9.35 5.90
CA GLY A 93 15.64 10.27 6.09
C GLY A 93 15.74 10.71 7.55
N ALA A 1 18.93 -6.35 11.88
CA ALA A 1 18.29 -7.67 11.74
C ALA A 1 17.64 -7.82 10.37
N GLY A 2 17.31 -9.06 9.99
CA GLY A 2 16.67 -9.35 8.71
C GLY A 2 15.20 -8.93 8.70
N HIS A 3 14.55 -9.08 7.54
CA HIS A 3 13.15 -8.74 7.36
C HIS A 3 12.55 -9.58 6.23
N MET A 4 11.24 -9.48 6.03
CA MET A 4 10.53 -10.25 5.02
C MET A 4 10.91 -9.83 3.60
N ALA A 5 11.53 -8.64 3.45
CA ALA A 5 11.96 -8.13 2.17
C ALA A 5 13.01 -7.03 2.36
N THR A 6 13.42 -6.41 1.25
CA THR A 6 14.35 -5.29 1.24
C THR A 6 13.72 -4.08 1.94
N THR A 7 12.38 -4.02 1.97
CA THR A 7 11.65 -2.96 2.66
C THR A 7 11.19 -3.38 4.04
N LYS A 8 10.55 -2.46 4.78
CA LYS A 8 10.09 -2.74 6.14
C LYS A 8 8.72 -2.10 6.39
N ARG A 9 7.74 -2.94 6.73
CA ARG A 9 6.36 -2.60 7.03
C ARG A 9 5.67 -1.82 5.91
N VAL A 10 6.13 -1.95 4.66
CA VAL A 10 5.51 -1.25 3.54
C VAL A 10 4.80 -2.27 2.65
N LEU A 11 3.72 -1.81 2.00
CA LEU A 11 2.93 -2.64 1.12
C LEU A 11 2.62 -1.90 -0.18
N TYR A 12 3.00 -2.50 -1.31
CA TYR A 12 2.59 -2.05 -2.61
C TYR A 12 1.15 -2.43 -2.92
N VAL A 13 0.42 -1.53 -3.57
CA VAL A 13 -0.97 -1.76 -3.95
C VAL A 13 -1.19 -1.43 -5.42
N GLY A 14 -1.96 -2.26 -6.12
CA GLY A 14 -2.22 -2.08 -7.54
C GLY A 14 -3.66 -2.45 -7.90
N GLY A 15 -4.07 -2.09 -9.12
CA GLY A 15 -5.41 -2.37 -9.62
C GLY A 15 -6.45 -1.34 -9.14
N LEU A 16 -6.01 -0.33 -8.40
CA LEU A 16 -6.89 0.68 -7.83
C LEU A 16 -7.54 1.52 -8.92
N ALA A 17 -8.74 2.05 -8.63
CA ALA A 17 -9.41 2.99 -9.52
C ALA A 17 -8.79 4.37 -9.36
N GLU A 18 -8.95 5.24 -10.35
CA GLU A 18 -8.40 6.59 -10.32
C GLU A 18 -9.11 7.46 -9.27
N GLU A 19 -10.18 6.95 -8.67
CA GLU A 19 -10.96 7.68 -7.67
C GLU A 19 -10.48 7.34 -6.25
N VAL A 20 -9.61 6.34 -6.12
CA VAL A 20 -9.08 5.91 -4.82
C VAL A 20 -8.12 6.97 -4.29
N ASP A 21 -8.33 7.35 -3.03
CA ASP A 21 -7.50 8.31 -2.32
C ASP A 21 -6.88 7.71 -1.05
N ASP A 22 -5.98 8.45 -0.38
CA ASP A 22 -5.33 7.96 0.81
C ASP A 22 -6.29 7.65 1.96
N LYS A 23 -7.47 8.26 1.95
CA LYS A 23 -8.51 7.99 2.93
C LYS A 23 -9.16 6.63 2.67
N VAL A 24 -9.18 6.20 1.40
CA VAL A 24 -9.77 4.91 1.04
C VAL A 24 -8.84 3.80 1.47
N LEU A 25 -7.53 3.96 1.24
CA LEU A 25 -6.56 2.96 1.63
C LEU A 25 -6.43 2.93 3.15
N HIS A 26 -6.62 4.07 3.83
CA HIS A 26 -6.57 4.08 5.27
C HIS A 26 -7.78 3.34 5.83
N ALA A 27 -8.97 3.56 5.25
CA ALA A 27 -10.17 2.88 5.69
C ALA A 27 -10.12 1.38 5.38
N ALA A 28 -9.39 0.99 4.32
CA ALA A 28 -9.27 -0.40 3.95
C ALA A 28 -8.19 -1.12 4.75
N PHE A 29 -7.08 -0.44 5.06
CA PHE A 29 -5.95 -1.05 5.75
C PHE A 29 -5.90 -0.96 7.27
N ILE A 30 -6.75 -0.13 7.89
CA ILE A 30 -6.70 0.11 9.33
C ILE A 30 -7.13 -1.08 10.21
N PRO A 31 -8.00 -2.00 9.79
CA PRO A 31 -8.46 -3.06 10.67
C PRO A 31 -7.39 -4.12 10.91
N PHE A 32 -6.28 -4.09 10.16
CA PHE A 32 -5.24 -5.10 10.31
C PHE A 32 -4.18 -4.62 11.31
N GLY A 33 -4.19 -3.34 11.66
CA GLY A 33 -3.22 -2.79 12.60
C GLY A 33 -3.05 -1.28 12.43
N ASP A 34 -2.17 -0.68 13.23
CA ASP A 34 -1.93 0.74 13.18
C ASP A 34 -1.15 1.19 11.95
N ILE A 35 -1.81 1.88 11.03
CA ILE A 35 -1.14 2.46 9.87
C ILE A 35 -0.24 3.61 10.34
N THR A 36 0.89 3.81 9.67
CA THR A 36 1.80 4.89 9.99
C THR A 36 2.11 5.85 8.85
N ASP A 37 1.90 5.44 7.59
CA ASP A 37 2.04 6.34 6.46
C ASP A 37 1.33 5.73 5.26
N ILE A 38 0.99 6.57 4.26
CA ILE A 38 0.32 6.17 3.03
C ILE A 38 0.78 7.09 1.90
N GLN A 39 0.91 6.53 0.69
CA GLN A 39 1.34 7.27 -0.49
C GLN A 39 0.50 6.91 -1.69
N ILE A 40 0.10 7.92 -2.47
CA ILE A 40 -0.59 7.76 -3.73
C ILE A 40 -0.03 8.78 -4.71
N PRO A 41 1.15 8.51 -5.28
CA PRO A 41 1.81 9.41 -6.20
C PRO A 41 1.05 9.46 -7.52
N LEU A 42 1.00 10.65 -8.12
CA LEU A 42 0.37 10.83 -9.43
C LEU A 42 1.38 10.50 -10.53
N ASP A 43 0.99 10.69 -11.79
CA ASP A 43 1.75 10.24 -12.95
C ASP A 43 3.05 11.01 -13.18
N TYR A 44 3.26 12.12 -12.46
CA TYR A 44 4.43 12.98 -12.68
C TYR A 44 4.63 13.50 -14.10
N GLU A 45 3.54 13.62 -14.87
CA GLU A 45 3.60 14.09 -16.24
C GLU A 45 2.31 14.84 -16.58
N THR A 46 1.18 14.39 -16.03
CA THR A 46 -0.14 15.00 -16.20
C THR A 46 -0.95 15.14 -14.91
N GLU A 47 -0.31 14.90 -13.76
CA GLU A 47 -0.92 15.06 -12.44
C GLU A 47 -2.19 14.23 -12.27
N LYS A 48 -2.19 12.99 -12.77
CA LYS A 48 -3.31 12.07 -12.64
C LYS A 48 -2.85 10.77 -11.97
N HIS A 49 -3.76 10.03 -11.34
CA HIS A 49 -3.42 8.79 -10.65
C HIS A 49 -3.20 7.65 -11.63
N ARG A 50 -2.29 6.73 -11.30
CA ARG A 50 -1.93 5.59 -12.15
C ARG A 50 -2.60 4.29 -11.71
N GLY A 51 -3.42 4.31 -10.66
CA GLY A 51 -4.11 3.10 -10.19
C GLY A 51 -3.24 2.21 -9.31
N PHE A 52 -2.23 2.78 -8.64
CA PHE A 52 -1.35 2.00 -7.77
C PHE A 52 -1.05 2.94 -6.60
N ALA A 53 -0.56 2.37 -5.49
CA ALA A 53 -0.28 3.13 -4.29
C ALA A 53 0.65 2.35 -3.35
N PHE A 54 0.96 2.95 -2.20
CA PHE A 54 1.76 2.33 -1.17
C PHE A 54 1.11 2.61 0.17
N VAL A 55 1.34 1.72 1.14
CA VAL A 55 0.77 1.81 2.48
C VAL A 55 1.87 1.35 3.43
N GLU A 56 1.90 1.87 4.65
CA GLU A 56 2.95 1.53 5.59
C GLU A 56 2.44 1.45 7.02
N PHE A 57 2.75 0.33 7.68
CA PHE A 57 2.34 0.02 9.04
C PHE A 57 3.33 0.41 10.14
N GLU A 58 2.82 0.53 11.37
CA GLU A 58 3.65 0.82 12.53
C GLU A 58 4.42 -0.44 12.96
N LEU A 59 3.96 -1.61 12.51
CA LEU A 59 4.56 -2.90 12.83
C LEU A 59 4.54 -3.81 11.60
N ALA A 60 5.53 -4.69 11.49
CA ALA A 60 5.64 -5.61 10.37
C ALA A 60 4.59 -6.72 10.47
N GLU A 61 4.08 -6.97 11.68
CA GLU A 61 3.10 -8.01 11.90
C GLU A 61 1.78 -7.61 11.24
N ASP A 62 1.48 -6.31 11.29
CA ASP A 62 0.26 -5.77 10.71
C ASP A 62 0.38 -5.76 9.18
N ALA A 63 1.61 -5.62 8.67
CA ALA A 63 1.84 -5.62 7.23
C ALA A 63 1.69 -7.04 6.69
N ALA A 64 2.15 -8.05 7.43
CA ALA A 64 2.01 -9.43 7.00
C ALA A 64 0.54 -9.85 7.08
N ALA A 65 -0.17 -9.42 8.12
CA ALA A 65 -1.58 -9.72 8.25
C ALA A 65 -2.38 -9.00 7.16
N ALA A 66 -1.95 -7.81 6.76
CA ALA A 66 -2.62 -7.08 5.71
C ALA A 66 -2.41 -7.77 4.36
N ILE A 67 -1.21 -8.31 4.09
CA ILE A 67 -1.01 -9.07 2.87
C ILE A 67 -1.92 -10.30 2.87
N ASP A 68 -2.05 -10.96 4.02
CA ASP A 68 -2.87 -12.15 4.15
C ASP A 68 -4.37 -11.89 4.07
N ASN A 69 -4.81 -10.68 4.42
CA ASN A 69 -6.24 -10.36 4.51
C ASN A 69 -6.70 -9.21 3.61
N MET A 70 -5.90 -8.77 2.64
CA MET A 70 -6.32 -7.71 1.73
C MET A 70 -5.89 -7.96 0.28
N ASN A 71 -4.98 -8.91 0.04
CA ASN A 71 -4.61 -9.23 -1.34
C ASN A 71 -5.85 -9.74 -2.11
N GLU A 72 -5.85 -9.52 -3.43
CA GLU A 72 -6.93 -9.97 -4.31
C GLU A 72 -8.31 -9.45 -3.90
N SER A 73 -8.36 -8.43 -3.04
CA SER A 73 -9.59 -7.80 -2.61
C SER A 73 -10.14 -6.91 -3.73
N GLU A 74 -11.24 -6.19 -3.49
CA GLU A 74 -11.86 -5.36 -4.50
C GLU A 74 -12.25 -3.99 -3.93
N LEU A 75 -11.71 -2.92 -4.53
CA LEU A 75 -11.97 -1.54 -4.15
C LEU A 75 -12.51 -0.81 -5.38
N PHE A 76 -13.52 0.05 -5.19
CA PHE A 76 -14.09 0.82 -6.28
C PHE A 76 -14.60 0.04 -7.50
N GLY A 77 -14.87 -1.25 -7.31
CA GLY A 77 -15.37 -2.12 -8.37
C GLY A 77 -14.25 -2.76 -9.17
N ARG A 78 -13.01 -2.69 -8.69
CA ARG A 78 -11.85 -3.26 -9.35
C ARG A 78 -11.03 -4.12 -8.39
N THR A 79 -10.51 -5.25 -8.89
CA THR A 79 -9.63 -6.10 -8.11
C THR A 79 -8.28 -5.46 -7.80
N ILE A 80 -7.70 -5.77 -6.65
CA ILE A 80 -6.43 -5.17 -6.26
C ILE A 80 -5.37 -6.24 -6.00
N ARG A 81 -4.12 -5.79 -5.96
CA ARG A 81 -2.95 -6.62 -5.66
C ARG A 81 -2.20 -5.97 -4.51
N VAL A 82 -1.63 -6.78 -3.61
CA VAL A 82 -0.93 -6.28 -2.43
C VAL A 82 0.27 -7.15 -2.09
N ASN A 83 1.46 -6.53 -1.92
CA ASN A 83 2.66 -7.26 -1.53
C ASN A 83 3.74 -6.28 -1.09
N LEU A 84 4.87 -6.78 -0.56
CA LEU A 84 5.98 -5.94 -0.14
C LEU A 84 6.59 -5.20 -1.34
N ALA A 85 7.15 -4.00 -1.09
CA ALA A 85 7.71 -3.17 -2.14
C ALA A 85 8.97 -3.77 -2.76
N LYS A 86 9.21 -3.45 -4.04
CA LYS A 86 10.42 -3.80 -4.74
C LYS A 86 11.62 -3.02 -4.18
N PRO A 87 12.85 -3.49 -4.42
CA PRO A 87 14.05 -2.80 -3.99
C PRO A 87 14.24 -1.48 -4.75
N MET A 88 14.42 -0.40 -3.99
CA MET A 88 14.68 0.94 -4.50
C MET A 88 15.07 1.84 -3.35
N ARG A 89 15.56 3.05 -3.65
CA ARG A 89 15.75 4.06 -2.63
C ARG A 89 14.38 4.44 -2.09
N ILE A 90 14.21 4.42 -0.76
CA ILE A 90 12.92 4.70 -0.15
C ILE A 90 12.90 6.09 0.47
N LYS A 91 11.71 6.65 0.68
CA LYS A 91 11.51 7.98 1.26
C LYS A 91 11.96 8.05 2.72
N GLU A 92 12.42 6.94 3.30
CA GLU A 92 12.98 6.91 4.64
C GLU A 92 14.49 7.20 4.62
N GLY A 93 15.07 7.35 3.42
CA GLY A 93 16.49 7.61 3.24
C GLY A 93 17.32 6.39 3.64
N ALA A 1 16.62 -8.80 13.39
CA ALA A 1 16.42 -9.67 12.21
C ALA A 1 16.47 -8.85 10.92
N GLY A 2 16.66 -9.53 9.79
CA GLY A 2 16.71 -8.89 8.48
C GLY A 2 15.32 -8.47 8.01
N HIS A 3 15.27 -7.76 6.87
CA HIS A 3 14.03 -7.30 6.28
C HIS A 3 13.21 -8.49 5.76
N MET A 4 11.91 -8.29 5.58
CA MET A 4 11.03 -9.35 5.08
C MET A 4 11.30 -9.65 3.60
N ALA A 5 11.94 -8.71 2.89
CA ALA A 5 12.33 -8.89 1.50
C ALA A 5 13.36 -7.85 1.09
N THR A 6 13.05 -6.58 1.33
CA THR A 6 13.91 -5.45 0.98
C THR A 6 13.50 -4.16 1.70
N THR A 7 12.37 -4.19 2.41
CA THR A 7 11.81 -3.05 3.09
C THR A 7 11.15 -3.44 4.40
N LYS A 8 10.65 -2.47 5.17
CA LYS A 8 10.05 -2.73 6.47
C LYS A 8 8.71 -2.04 6.61
N ARG A 9 7.69 -2.85 6.93
CA ARG A 9 6.29 -2.45 7.12
C ARG A 9 5.68 -1.70 5.93
N VAL A 10 6.19 -1.88 4.71
CA VAL A 10 5.62 -1.23 3.53
C VAL A 10 4.91 -2.21 2.62
N LEU A 11 3.81 -1.77 2.01
CA LEU A 11 3.02 -2.59 1.11
C LEU A 11 2.73 -1.86 -0.19
N TYR A 12 2.98 -2.52 -1.31
CA TYR A 12 2.55 -2.08 -2.61
C TYR A 12 1.11 -2.47 -2.90
N VAL A 13 0.36 -1.56 -3.55
CA VAL A 13 -1.03 -1.80 -3.91
C VAL A 13 -1.25 -1.45 -5.38
N GLY A 14 -2.03 -2.27 -6.08
CA GLY A 14 -2.30 -2.06 -7.50
C GLY A 14 -3.73 -2.44 -7.86
N GLY A 15 -4.15 -2.09 -9.07
CA GLY A 15 -5.49 -2.40 -9.57
C GLY A 15 -6.53 -1.39 -9.07
N LEU A 16 -6.09 -0.33 -8.39
CA LEU A 16 -6.98 0.67 -7.81
C LEU A 16 -7.65 1.52 -8.89
N ALA A 17 -8.81 2.10 -8.55
CA ALA A 17 -9.50 3.02 -9.43
C ALA A 17 -8.90 4.42 -9.29
N GLU A 18 -9.13 5.28 -10.28
CA GLU A 18 -8.61 6.64 -10.29
C GLU A 18 -9.29 7.51 -9.23
N GLU A 19 -10.34 7.00 -8.59
CA GLU A 19 -11.08 7.72 -7.57
C GLU A 19 -10.56 7.40 -6.16
N VAL A 20 -9.69 6.40 -6.04
CA VAL A 20 -9.15 5.98 -4.76
C VAL A 20 -8.17 7.03 -4.23
N ASP A 21 -8.34 7.39 -2.96
CA ASP A 21 -7.50 8.34 -2.25
C ASP A 21 -6.88 7.72 -1.00
N ASP A 22 -5.99 8.46 -0.32
CA ASP A 22 -5.34 7.94 0.88
C ASP A 22 -6.31 7.61 2.01
N LYS A 23 -7.49 8.24 2.02
CA LYS A 23 -8.52 7.97 3.00
C LYS A 23 -9.18 6.62 2.73
N VAL A 24 -9.23 6.20 1.46
CA VAL A 24 -9.83 4.93 1.09
C VAL A 24 -8.91 3.80 1.51
N LEU A 25 -7.60 3.97 1.28
CA LEU A 25 -6.63 2.97 1.67
C LEU A 25 -6.49 2.93 3.19
N HIS A 26 -6.70 4.06 3.86
CA HIS A 26 -6.65 4.07 5.32
C HIS A 26 -7.85 3.29 5.87
N ALA A 27 -9.04 3.52 5.29
CA ALA A 27 -10.23 2.82 5.74
C ALA A 27 -10.16 1.33 5.40
N ALA A 28 -9.43 0.96 4.34
CA ALA A 28 -9.29 -0.42 3.94
C ALA A 28 -8.21 -1.15 4.75
N PHE A 29 -7.11 -0.48 5.08
CA PHE A 29 -5.97 -1.09 5.76
C PHE A 29 -5.92 -1.01 7.29
N ILE A 30 -6.78 -0.20 7.91
CA ILE A 30 -6.72 0.03 9.34
C ILE A 30 -7.13 -1.16 10.22
N PRO A 31 -8.00 -2.09 9.81
CA PRO A 31 -8.45 -3.16 10.69
C PRO A 31 -7.36 -4.23 10.90
N PHE A 32 -6.27 -4.20 10.14
CA PHE A 32 -5.22 -5.21 10.26
C PHE A 32 -4.13 -4.71 11.22
N GLY A 33 -4.15 -3.43 11.59
CA GLY A 33 -3.15 -2.90 12.50
C GLY A 33 -3.03 -1.38 12.37
N ASP A 34 -2.16 -0.78 13.17
CA ASP A 34 -1.97 0.67 13.15
C ASP A 34 -1.19 1.15 11.94
N ILE A 35 -1.87 1.85 11.04
CA ILE A 35 -1.22 2.47 9.89
C ILE A 35 -0.36 3.64 10.37
N THR A 36 0.77 3.88 9.71
CA THR A 36 1.65 4.99 10.03
C THR A 36 1.94 5.94 8.87
N ASP A 37 1.78 5.44 7.64
CA ASP A 37 1.94 6.23 6.42
C ASP A 37 1.18 5.67 5.20
N ILE A 38 0.87 6.55 4.25
CA ILE A 38 0.21 6.17 3.00
C ILE A 38 0.70 7.09 1.88
N GLN A 39 0.89 6.51 0.68
CA GLN A 39 1.39 7.24 -0.47
C GLN A 39 0.54 6.91 -1.70
N ILE A 40 0.16 7.95 -2.46
CA ILE A 40 -0.56 7.78 -3.73
C ILE A 40 0.02 8.77 -4.73
N PRO A 41 1.17 8.44 -5.32
CA PRO A 41 1.81 9.24 -6.34
C PRO A 41 1.00 9.21 -7.64
N LEU A 42 1.34 10.12 -8.55
CA LEU A 42 0.65 10.32 -9.82
C LEU A 42 1.64 10.16 -10.98
N ASP A 43 1.21 10.50 -12.20
CA ASP A 43 2.07 10.45 -13.38
C ASP A 43 3.34 11.30 -13.34
N TYR A 44 3.39 12.32 -12.49
CA TYR A 44 4.50 13.27 -12.49
C TYR A 44 4.78 13.95 -13.84
N GLU A 45 3.75 14.03 -14.69
CA GLU A 45 3.84 14.66 -16.00
C GLU A 45 2.49 15.29 -16.35
N THR A 46 1.39 14.70 -15.87
CA THR A 46 0.03 15.19 -16.10
C THR A 46 -0.86 15.23 -14.87
N GLU A 47 -0.28 15.00 -13.68
CA GLU A 47 -0.98 15.13 -12.40
C GLU A 47 -2.24 14.26 -12.29
N LYS A 48 -2.16 13.00 -12.74
CA LYS A 48 -3.28 12.06 -12.60
C LYS A 48 -2.79 10.70 -12.12
N HIS A 49 -3.69 9.95 -11.46
CA HIS A 49 -3.39 8.68 -10.80
C HIS A 49 -3.04 7.57 -11.81
N ARG A 50 -2.35 6.53 -11.31
CA ARG A 50 -1.90 5.40 -12.12
C ARG A 50 -2.54 4.08 -11.69
N GLY A 51 -3.46 4.12 -10.73
CA GLY A 51 -4.14 2.91 -10.27
C GLY A 51 -3.29 2.07 -9.32
N PHE A 52 -2.32 2.68 -8.62
CA PHE A 52 -1.44 1.96 -7.72
C PHE A 52 -1.17 2.92 -6.56
N ALA A 53 -0.64 2.38 -5.46
CA ALA A 53 -0.37 3.14 -4.26
C ALA A 53 0.57 2.36 -3.33
N PHE A 54 0.88 2.95 -2.18
CA PHE A 54 1.69 2.33 -1.15
C PHE A 54 1.04 2.59 0.20
N VAL A 55 1.24 1.68 1.15
CA VAL A 55 0.69 1.77 2.49
C VAL A 55 1.79 1.34 3.44
N GLU A 56 1.83 1.92 4.65
CA GLU A 56 2.92 1.64 5.58
C GLU A 56 2.40 1.53 7.01
N PHE A 57 2.75 0.42 7.66
CA PHE A 57 2.35 0.09 9.02
C PHE A 57 3.30 0.49 10.13
N GLU A 58 2.79 0.60 11.36
CA GLU A 58 3.61 0.89 12.52
C GLU A 58 4.39 -0.34 12.97
N LEU A 59 3.96 -1.54 12.52
CA LEU A 59 4.58 -2.81 12.86
C LEU A 59 4.62 -3.72 11.63
N ALA A 60 5.63 -4.59 11.54
CA ALA A 60 5.80 -5.46 10.39
C ALA A 60 4.78 -6.60 10.38
N GLU A 61 4.35 -7.05 11.55
CA GLU A 61 3.37 -8.13 11.64
C GLU A 61 2.00 -7.65 11.18
N ASP A 62 1.74 -6.34 11.27
CA ASP A 62 0.51 -5.76 10.76
C ASP A 62 0.53 -5.69 9.24
N ALA A 63 1.72 -5.50 8.66
CA ALA A 63 1.88 -5.48 7.22
C ALA A 63 1.73 -6.90 6.66
N ALA A 64 2.25 -7.90 7.37
CA ALA A 64 2.12 -9.28 6.94
C ALA A 64 0.66 -9.74 7.05
N ALA A 65 -0.03 -9.31 8.12
CA ALA A 65 -1.44 -9.64 8.27
C ALA A 65 -2.27 -8.93 7.21
N ALA A 66 -1.86 -7.72 6.83
CA ALA A 66 -2.57 -6.99 5.78
C ALA A 66 -2.36 -7.67 4.43
N ILE A 67 -1.18 -8.22 4.15
CA ILE A 67 -0.98 -8.97 2.91
C ILE A 67 -1.90 -10.19 2.92
N ASP A 68 -1.98 -10.87 4.06
CA ASP A 68 -2.79 -12.08 4.19
C ASP A 68 -4.30 -11.82 4.13
N ASN A 69 -4.73 -10.61 4.51
CA ASN A 69 -6.16 -10.30 4.59
C ASN A 69 -6.65 -9.17 3.67
N MET A 70 -5.85 -8.74 2.69
CA MET A 70 -6.28 -7.70 1.75
C MET A 70 -5.87 -7.98 0.31
N ASN A 71 -4.94 -8.92 0.08
CA ASN A 71 -4.59 -9.26 -1.30
C ASN A 71 -5.80 -9.81 -2.05
N GLU A 72 -5.80 -9.65 -3.38
CA GLU A 72 -6.86 -10.11 -4.25
C GLU A 72 -8.25 -9.58 -3.87
N SER A 73 -8.30 -8.53 -3.03
CA SER A 73 -9.54 -7.90 -2.63
C SER A 73 -10.05 -6.99 -3.76
N GLU A 74 -11.04 -6.15 -3.48
CA GLU A 74 -11.65 -5.29 -4.50
C GLU A 74 -11.97 -3.92 -3.91
N LEU A 75 -11.61 -2.86 -4.65
CA LEU A 75 -11.89 -1.48 -4.28
C LEU A 75 -12.44 -0.74 -5.49
N PHE A 76 -13.47 0.10 -5.29
CA PHE A 76 -14.08 0.86 -6.36
C PHE A 76 -14.57 0.08 -7.57
N GLY A 77 -14.83 -1.22 -7.39
CA GLY A 77 -15.34 -2.08 -8.44
C GLY A 77 -14.22 -2.74 -9.26
N ARG A 78 -12.97 -2.65 -8.81
CA ARG A 78 -11.84 -3.26 -9.49
C ARG A 78 -11.01 -4.10 -8.52
N THR A 79 -10.55 -5.26 -8.99
CA THR A 79 -9.67 -6.12 -8.20
C THR A 79 -8.31 -5.49 -7.88
N ILE A 80 -7.77 -5.76 -6.69
CA ILE A 80 -6.51 -5.17 -6.27
C ILE A 80 -5.46 -6.25 -6.04
N ARG A 81 -4.20 -5.80 -5.95
CA ARG A 81 -3.04 -6.63 -5.67
C ARG A 81 -2.25 -5.99 -4.54
N VAL A 82 -1.71 -6.81 -3.63
CA VAL A 82 -1.00 -6.31 -2.46
C VAL A 82 0.19 -7.20 -2.10
N ASN A 83 1.36 -6.59 -1.89
CA ASN A 83 2.56 -7.32 -1.48
C ASN A 83 3.63 -6.33 -1.02
N LEU A 84 4.76 -6.82 -0.51
CA LEU A 84 5.87 -5.95 -0.13
C LEU A 84 6.40 -5.20 -1.36
N ALA A 85 6.97 -4.02 -1.15
CA ALA A 85 7.48 -3.22 -2.25
C ALA A 85 8.72 -3.85 -2.88
N LYS A 86 8.95 -3.53 -4.16
CA LYS A 86 10.15 -3.94 -4.88
C LYS A 86 11.40 -3.27 -4.29
N PRO A 87 12.58 -3.83 -4.51
CA PRO A 87 13.83 -3.26 -4.06
C PRO A 87 14.09 -1.95 -4.79
N MET A 88 14.45 -0.90 -4.05
CA MET A 88 14.72 0.42 -4.61
C MET A 88 15.42 1.28 -3.57
N ARG A 89 15.86 2.49 -3.97
CA ARG A 89 16.36 3.49 -3.04
C ARG A 89 15.18 4.14 -2.33
N ILE A 90 14.62 3.43 -1.35
CA ILE A 90 13.45 3.89 -0.59
C ILE A 90 13.77 5.21 0.11
N LYS A 91 12.73 6.02 0.34
CA LYS A 91 12.87 7.31 1.02
C LYS A 91 13.37 7.17 2.46
N GLU A 92 13.10 6.02 3.09
CA GLU A 92 13.51 5.76 4.46
C GLU A 92 14.99 5.39 4.54
N GLY A 93 15.56 5.50 5.75
CA GLY A 93 16.96 5.14 6.00
C GLY A 93 17.14 3.63 5.93
N ALA A 1 17.51 -11.65 12.92
CA ALA A 1 17.33 -11.91 11.47
C ALA A 1 16.89 -10.63 10.75
N GLY A 2 17.02 -10.62 9.43
CA GLY A 2 16.61 -9.50 8.60
C GLY A 2 15.09 -9.41 8.47
N HIS A 3 14.59 -8.33 7.87
CA HIS A 3 13.17 -8.13 7.65
C HIS A 3 12.65 -9.08 6.57
N MET A 4 11.34 -9.10 6.36
CA MET A 4 10.70 -9.99 5.39
C MET A 4 11.09 -9.63 3.95
N ALA A 5 11.63 -8.42 3.74
CA ALA A 5 12.04 -7.97 2.42
C ALA A 5 13.03 -6.80 2.55
N THR A 6 13.40 -6.23 1.40
CA THR A 6 14.29 -5.07 1.32
C THR A 6 13.64 -3.86 1.97
N THR A 7 12.31 -3.84 2.07
CA THR A 7 11.55 -2.78 2.71
C THR A 7 11.13 -3.12 4.15
N LYS A 8 10.52 -2.17 4.84
CA LYS A 8 10.12 -2.36 6.24
C LYS A 8 8.71 -1.82 6.46
N ARG A 9 7.78 -2.74 6.77
CA ARG A 9 6.36 -2.48 7.01
C ARG A 9 5.68 -1.74 5.85
N VAL A 10 6.21 -1.85 4.63
CA VAL A 10 5.60 -1.20 3.46
C VAL A 10 4.90 -2.21 2.55
N LEU A 11 3.78 -1.80 1.96
CA LEU A 11 3.00 -2.64 1.06
C LEU A 11 2.71 -1.92 -0.24
N TYR A 12 3.07 -2.56 -1.36
CA TYR A 12 2.66 -2.13 -2.67
C TYR A 12 1.22 -2.50 -2.97
N VAL A 13 0.49 -1.60 -3.63
CA VAL A 13 -0.89 -1.81 -4.02
C VAL A 13 -1.09 -1.49 -5.49
N GLY A 14 -1.86 -2.33 -6.20
CA GLY A 14 -2.14 -2.14 -7.61
C GLY A 14 -3.57 -2.51 -7.95
N GLY A 15 -4.01 -2.16 -9.16
CA GLY A 15 -5.36 -2.44 -9.61
C GLY A 15 -6.38 -1.43 -9.07
N LEU A 16 -5.92 -0.38 -8.40
CA LEU A 16 -6.79 0.63 -7.81
C LEU A 16 -7.50 1.45 -8.88
N ALA A 17 -8.72 1.89 -8.57
CA ALA A 17 -9.47 2.77 -9.46
C ALA A 17 -8.94 4.20 -9.32
N GLU A 18 -9.24 5.05 -10.31
CA GLU A 18 -8.79 6.43 -10.33
C GLU A 18 -9.43 7.25 -9.20
N GLU A 19 -10.54 6.73 -8.66
CA GLU A 19 -11.28 7.39 -7.58
C GLU A 19 -10.71 7.09 -6.21
N VAL A 20 -9.71 6.19 -6.11
CA VAL A 20 -9.13 5.81 -4.83
C VAL A 20 -8.17 6.89 -4.34
N ASP A 21 -8.34 7.28 -3.07
CA ASP A 21 -7.51 8.25 -2.38
C ASP A 21 -6.88 7.67 -1.10
N ASP A 22 -5.98 8.43 -0.47
CA ASP A 22 -5.33 7.96 0.75
C ASP A 22 -6.28 7.68 1.91
N LYS A 23 -7.46 8.33 1.89
CA LYS A 23 -8.49 8.10 2.88
C LYS A 23 -9.14 6.74 2.65
N VAL A 24 -9.18 6.28 1.39
CA VAL A 24 -9.78 5.00 1.04
C VAL A 24 -8.84 3.87 1.43
N LEU A 25 -7.54 4.04 1.19
CA LEU A 25 -6.57 3.03 1.57
C LEU A 25 -6.45 2.99 3.09
N HIS A 26 -6.63 4.12 3.78
CA HIS A 26 -6.59 4.12 5.22
C HIS A 26 -7.81 3.38 5.77
N ALA A 27 -8.99 3.62 5.21
CA ALA A 27 -10.19 2.95 5.64
C ALA A 27 -10.16 1.45 5.31
N ALA A 28 -9.41 1.08 4.27
CA ALA A 28 -9.30 -0.32 3.87
C ALA A 28 -8.23 -1.07 4.67
N PHE A 29 -7.12 -0.41 4.99
CA PHE A 29 -5.98 -1.03 5.67
C PHE A 29 -5.94 -0.96 7.20
N ILE A 30 -6.81 -0.14 7.82
CA ILE A 30 -6.75 0.09 9.26
C ILE A 30 -7.17 -1.10 10.14
N PRO A 31 -8.06 -2.01 9.71
CA PRO A 31 -8.53 -3.07 10.59
C PRO A 31 -7.48 -4.16 10.81
N PHE A 32 -6.36 -4.12 10.08
CA PHE A 32 -5.32 -5.14 10.18
C PHE A 32 -4.23 -4.69 11.15
N GLY A 33 -4.21 -3.40 11.53
CA GLY A 33 -3.21 -2.89 12.43
C GLY A 33 -3.04 -1.37 12.31
N ASP A 34 -2.12 -0.81 13.10
CA ASP A 34 -1.87 0.62 13.10
C ASP A 34 -1.12 1.10 11.86
N ILE A 35 -1.82 1.81 10.97
CA ILE A 35 -1.18 2.43 9.82
C ILE A 35 -0.31 3.59 10.32
N THR A 36 0.81 3.84 9.63
CA THR A 36 1.69 4.96 9.96
C THR A 36 1.94 5.95 8.82
N ASP A 37 1.74 5.52 7.57
CA ASP A 37 1.83 6.45 6.44
C ASP A 37 1.19 5.79 5.22
N ILE A 38 0.87 6.60 4.21
CA ILE A 38 0.25 6.15 2.95
C ILE A 38 0.75 7.05 1.82
N GLN A 39 0.94 6.46 0.63
CA GLN A 39 1.43 7.16 -0.54
C GLN A 39 0.55 6.85 -1.75
N ILE A 40 0.20 7.89 -2.51
CA ILE A 40 -0.52 7.75 -3.77
C ILE A 40 0.09 8.74 -4.77
N PRO A 41 1.27 8.41 -5.31
CA PRO A 41 1.94 9.22 -6.30
C PRO A 41 1.16 9.22 -7.60
N LEU A 42 1.42 10.23 -8.44
CA LEU A 42 0.69 10.46 -9.68
C LEU A 42 1.63 10.31 -10.88
N ASP A 43 1.15 10.68 -12.07
CA ASP A 43 1.94 10.62 -13.30
C ASP A 43 3.27 11.35 -13.28
N TYR A 44 3.43 12.35 -12.41
CA TYR A 44 4.58 13.23 -12.43
C TYR A 44 4.85 13.93 -13.77
N GLU A 45 3.80 14.10 -14.58
CA GLU A 45 3.88 14.71 -15.89
C GLU A 45 2.54 15.37 -16.23
N THR A 46 1.46 14.83 -15.66
CA THR A 46 0.09 15.33 -15.87
C THR A 46 -0.76 15.44 -14.60
N GLU A 47 -0.18 15.12 -13.43
CA GLU A 47 -0.84 15.23 -12.14
C GLU A 47 -2.10 14.35 -12.04
N LYS A 48 -2.06 13.15 -12.62
CA LYS A 48 -3.16 12.20 -12.54
C LYS A 48 -2.72 10.85 -11.98
N HIS A 49 -3.65 10.12 -11.36
CA HIS A 49 -3.37 8.86 -10.67
C HIS A 49 -3.00 7.74 -11.66
N ARG A 50 -2.27 6.75 -11.18
CA ARG A 50 -1.77 5.63 -11.98
C ARG A 50 -2.42 4.29 -11.62
N GLY A 51 -3.36 4.28 -10.67
CA GLY A 51 -4.05 3.07 -10.26
C GLY A 51 -3.21 2.16 -9.37
N PHE A 52 -2.22 2.73 -8.67
CA PHE A 52 -1.35 1.95 -7.78
C PHE A 52 -1.07 2.91 -6.62
N ALA A 53 -0.54 2.36 -5.53
CA ALA A 53 -0.27 3.11 -4.32
C ALA A 53 0.66 2.31 -3.40
N PHE A 54 0.97 2.88 -2.23
CA PHE A 54 1.74 2.20 -1.20
C PHE A 54 1.10 2.53 0.14
N VAL A 55 1.25 1.63 1.10
CA VAL A 55 0.70 1.78 2.45
C VAL A 55 1.81 1.33 3.40
N GLU A 56 1.91 1.96 4.57
CA GLU A 56 2.98 1.64 5.50
C GLU A 56 2.46 1.54 6.93
N PHE A 57 2.77 0.42 7.58
CA PHE A 57 2.35 0.09 8.93
C PHE A 57 3.34 0.47 10.04
N GLU A 58 2.84 0.59 11.27
CA GLU A 58 3.67 0.87 12.42
C GLU A 58 4.40 -0.41 12.87
N LEU A 59 3.85 -1.59 12.53
CA LEU A 59 4.44 -2.88 12.85
C LEU A 59 4.57 -3.73 11.59
N ALA A 60 5.54 -4.65 11.56
CA ALA A 60 5.77 -5.51 10.42
C ALA A 60 4.74 -6.64 10.35
N GLU A 61 4.27 -7.12 11.51
CA GLU A 61 3.29 -8.18 11.56
C GLU A 61 1.92 -7.68 11.10
N ASP A 62 1.67 -6.37 11.24
CA ASP A 62 0.44 -5.78 10.74
C ASP A 62 0.45 -5.70 9.22
N ALA A 63 1.64 -5.52 8.62
CA ALA A 63 1.80 -5.50 7.19
C ALA A 63 1.66 -6.91 6.63
N ALA A 64 2.16 -7.92 7.36
CA ALA A 64 2.02 -9.30 6.95
C ALA A 64 0.56 -9.73 7.01
N ALA A 65 -0.17 -9.31 8.06
CA ALA A 65 -1.58 -9.62 8.19
C ALA A 65 -2.38 -8.90 7.09
N ALA A 66 -1.97 -7.67 6.75
CA ALA A 66 -2.65 -6.93 5.71
C ALA A 66 -2.45 -7.61 4.35
N ILE A 67 -1.27 -8.18 4.09
CA ILE A 67 -1.08 -8.94 2.87
C ILE A 67 -2.00 -10.15 2.88
N ASP A 68 -2.09 -10.84 4.02
CA ASP A 68 -2.92 -12.02 4.16
C ASP A 68 -4.43 -11.77 4.21
N ASN A 69 -4.86 -10.52 4.42
CA ASN A 69 -6.28 -10.20 4.53
C ASN A 69 -6.77 -9.08 3.61
N MET A 70 -5.98 -8.64 2.63
CA MET A 70 -6.41 -7.60 1.70
C MET A 70 -6.02 -7.90 0.26
N ASN A 71 -5.10 -8.84 0.02
CA ASN A 71 -4.76 -9.21 -1.35
C ASN A 71 -5.99 -9.74 -2.09
N GLU A 72 -6.01 -9.55 -3.41
CA GLU A 72 -7.10 -10.00 -4.29
C GLU A 72 -8.48 -9.46 -3.91
N SER A 73 -8.54 -8.46 -3.02
CA SER A 73 -9.78 -7.82 -2.62
C SER A 73 -10.26 -6.85 -3.70
N GLU A 74 -11.38 -6.15 -3.46
CA GLU A 74 -11.90 -5.17 -4.41
C GLU A 74 -12.06 -3.79 -3.80
N LEU A 75 -11.56 -2.78 -4.51
CA LEU A 75 -11.74 -1.37 -4.19
C LEU A 75 -12.49 -0.76 -5.37
N PHE A 76 -13.52 0.03 -5.11
CA PHE A 76 -14.37 0.56 -6.18
C PHE A 76 -14.99 -0.49 -7.12
N GLY A 77 -15.01 -1.75 -6.67
CA GLY A 77 -15.56 -2.87 -7.44
C GLY A 77 -14.53 -3.50 -8.37
N ARG A 78 -13.27 -3.07 -8.30
CA ARG A 78 -12.19 -3.59 -9.14
C ARG A 78 -11.16 -4.31 -8.29
N THR A 79 -10.61 -5.41 -8.80
CA THR A 79 -9.61 -6.20 -8.10
C THR A 79 -8.29 -5.50 -7.82
N ILE A 80 -7.67 -5.81 -6.68
CA ILE A 80 -6.39 -5.20 -6.30
C ILE A 80 -5.34 -6.28 -6.03
N ARG A 81 -4.09 -5.84 -5.98
CA ARG A 81 -2.92 -6.68 -5.70
C ARG A 81 -2.13 -6.04 -4.57
N VAL A 82 -1.61 -6.84 -3.65
CA VAL A 82 -0.90 -6.34 -2.48
C VAL A 82 0.28 -7.22 -2.09
N ASN A 83 1.46 -6.61 -1.90
CA ASN A 83 2.64 -7.34 -1.44
C ASN A 83 3.74 -6.35 -1.00
N LEU A 84 4.83 -6.84 -0.43
CA LEU A 84 5.95 -5.99 -0.01
C LEU A 84 6.54 -5.27 -1.22
N ALA A 85 7.10 -4.08 -1.01
CA ALA A 85 7.66 -3.27 -2.07
C ALA A 85 8.92 -3.89 -2.68
N LYS A 86 9.14 -3.60 -3.96
CA LYS A 86 10.35 -3.99 -4.69
C LYS A 86 11.57 -3.21 -4.18
N PRO A 87 12.78 -3.70 -4.48
CA PRO A 87 14.01 -3.03 -4.09
C PRO A 87 14.22 -1.76 -4.90
N MET A 88 14.49 -0.66 -4.20
CA MET A 88 14.72 0.65 -4.81
C MET A 88 15.28 1.59 -3.75
N ARG A 89 15.66 2.80 -4.18
CA ARG A 89 16.00 3.88 -3.27
C ARG A 89 14.70 4.30 -2.56
N ILE A 90 14.56 3.96 -1.28
CA ILE A 90 13.37 4.31 -0.53
C ILE A 90 13.56 5.69 0.09
N LYS A 91 12.51 6.52 0.07
CA LYS A 91 12.55 7.87 0.62
C LYS A 91 12.22 7.91 2.11
N GLU A 92 12.66 6.89 2.86
CA GLU A 92 12.43 6.79 4.28
C GLU A 92 13.05 7.98 5.02
N GLY A 93 12.38 8.45 6.08
CA GLY A 93 12.83 9.58 6.87
C GLY A 93 14.00 9.21 7.76
N ALA A 1 17.37 -0.82 6.03
CA ALA A 1 16.81 -1.79 6.99
C ALA A 1 15.45 -2.32 6.50
N GLY A 2 14.99 -3.43 7.08
CA GLY A 2 13.72 -4.02 6.72
C GLY A 2 13.59 -5.44 7.26
N HIS A 3 12.45 -6.08 6.97
CA HIS A 3 12.16 -7.43 7.43
C HIS A 3 11.17 -8.07 6.45
N MET A 4 11.26 -9.40 6.30
CA MET A 4 10.55 -10.17 5.29
C MET A 4 10.91 -9.76 3.85
N ALA A 5 11.52 -8.58 3.69
CA ALA A 5 11.94 -8.06 2.40
C ALA A 5 12.91 -6.90 2.60
N THR A 6 13.27 -6.26 1.49
CA THR A 6 14.16 -5.10 1.42
C THR A 6 13.56 -3.83 2.03
N THR A 7 12.36 -3.91 2.61
CA THR A 7 11.65 -2.76 3.15
C THR A 7 11.07 -2.98 4.55
N LYS A 8 10.58 -1.91 5.18
CA LYS A 8 10.08 -1.96 6.54
C LYS A 8 8.59 -1.59 6.59
N ARG A 9 7.77 -2.62 6.83
CA ARG A 9 6.31 -2.53 6.97
C ARG A 9 5.63 -1.87 5.77
N VAL A 10 6.24 -1.89 4.58
CA VAL A 10 5.65 -1.24 3.41
C VAL A 10 4.88 -2.21 2.53
N LEU A 11 3.81 -1.74 1.90
CA LEU A 11 3.00 -2.56 1.03
C LEU A 11 2.67 -1.83 -0.26
N TYR A 12 3.05 -2.44 -1.39
CA TYR A 12 2.63 -2.01 -2.69
C TYR A 12 1.18 -2.38 -2.98
N VAL A 13 0.44 -1.47 -3.61
CA VAL A 13 -0.94 -1.69 -3.98
C VAL A 13 -1.16 -1.36 -5.45
N GLY A 14 -1.95 -2.18 -6.15
CA GLY A 14 -2.24 -1.98 -7.57
C GLY A 14 -3.67 -2.34 -7.89
N GLY A 15 -4.11 -1.99 -9.10
CA GLY A 15 -5.47 -2.29 -9.56
C GLY A 15 -6.49 -1.31 -9.02
N LEU A 16 -6.04 -0.24 -8.36
CA LEU A 16 -6.91 0.76 -7.77
C LEU A 16 -7.61 1.60 -8.83
N ALA A 17 -8.80 2.12 -8.51
CA ALA A 17 -9.50 3.04 -9.40
C ALA A 17 -8.89 4.44 -9.24
N GLU A 18 -9.13 5.31 -10.22
CA GLU A 18 -8.58 6.66 -10.22
C GLU A 18 -9.26 7.55 -9.17
N GLU A 19 -10.31 7.03 -8.53
CA GLU A 19 -11.06 7.76 -7.50
C GLU A 19 -10.54 7.42 -6.10
N VAL A 20 -9.66 6.42 -5.99
CA VAL A 20 -9.12 5.99 -4.71
C VAL A 20 -8.16 7.04 -4.18
N ASP A 21 -8.35 7.42 -2.90
CA ASP A 21 -7.51 8.37 -2.20
C ASP A 21 -6.89 7.76 -0.94
N ASP A 22 -5.99 8.49 -0.28
CA ASP A 22 -5.32 7.98 0.91
C ASP A 22 -6.28 7.65 2.05
N LYS A 23 -7.46 8.28 2.06
CA LYS A 23 -8.50 7.99 3.04
C LYS A 23 -9.16 6.64 2.76
N VAL A 24 -9.19 6.22 1.50
CA VAL A 24 -9.80 4.96 1.12
C VAL A 24 -8.87 3.83 1.54
N LEU A 25 -7.57 4.00 1.30
CA LEU A 25 -6.60 2.99 1.68
C LEU A 25 -6.47 2.94 3.20
N HIS A 26 -6.67 4.07 3.89
CA HIS A 26 -6.62 4.07 5.34
C HIS A 26 -7.82 3.30 5.89
N ALA A 27 -9.01 3.54 5.33
CA ALA A 27 -10.20 2.85 5.79
C ALA A 27 -10.15 1.35 5.44
N ALA A 28 -9.43 1.00 4.37
CA ALA A 28 -9.30 -0.39 3.96
C ALA A 28 -8.23 -1.14 4.76
N PHE A 29 -7.13 -0.46 5.08
CA PHE A 29 -5.99 -1.07 5.76
C PHE A 29 -5.96 -1.01 7.29
N ILE A 30 -6.81 -0.20 7.91
CA ILE A 30 -6.74 0.04 9.35
C ILE A 30 -7.14 -1.15 10.23
N PRO A 31 -8.01 -2.09 9.82
CA PRO A 31 -8.44 -3.16 10.71
C PRO A 31 -7.36 -4.23 10.92
N PHE A 32 -6.25 -4.17 10.18
CA PHE A 32 -5.19 -5.18 10.30
C PHE A 32 -4.11 -4.68 11.26
N GLY A 33 -4.13 -3.41 11.65
CA GLY A 33 -3.14 -2.85 12.54
C GLY A 33 -3.06 -1.34 12.40
N ASP A 34 -2.23 -0.70 13.23
CA ASP A 34 -2.09 0.75 13.20
C ASP A 34 -1.29 1.13 11.97
N ILE A 35 -1.93 1.82 11.03
CA ILE A 35 -1.25 2.37 9.87
C ILE A 35 -0.33 3.52 10.33
N THR A 36 0.85 3.62 9.73
CA THR A 36 1.79 4.68 10.06
C THR A 36 2.09 5.67 8.93
N ASP A 37 1.85 5.26 7.68
CA ASP A 37 1.99 6.16 6.54
C ASP A 37 1.25 5.59 5.33
N ILE A 38 0.93 6.45 4.37
CA ILE A 38 0.26 6.09 3.12
C ILE A 38 0.76 7.03 2.02
N GLN A 39 0.79 6.56 0.77
CA GLN A 39 1.23 7.39 -0.35
C GLN A 39 0.45 7.06 -1.61
N ILE A 40 0.09 8.10 -2.37
CA ILE A 40 -0.55 7.93 -3.67
C ILE A 40 0.03 8.95 -4.65
N PRO A 41 1.21 8.67 -5.21
CA PRO A 41 1.85 9.53 -6.20
C PRO A 41 1.07 9.46 -7.52
N LEU A 42 1.17 10.54 -8.31
CA LEU A 42 0.47 10.63 -9.59
C LEU A 42 1.43 10.30 -10.73
N ASP A 43 0.96 10.49 -11.97
CA ASP A 43 1.67 10.17 -13.20
C ASP A 43 2.99 10.89 -13.45
N TYR A 44 3.27 11.96 -12.71
CA TYR A 44 4.47 12.78 -12.88
C TYR A 44 4.71 13.36 -14.28
N GLU A 45 3.65 13.55 -15.07
CA GLU A 45 3.74 14.15 -16.39
C GLU A 45 2.45 14.89 -16.70
N THR A 46 1.32 14.36 -16.21
CA THR A 46 0.00 14.98 -16.34
C THR A 46 -0.80 15.06 -15.05
N GLU A 47 -0.18 14.67 -13.91
CA GLU A 47 -0.79 14.75 -12.60
C GLU A 47 -2.12 14.00 -12.48
N LYS A 48 -2.14 12.76 -12.96
CA LYS A 48 -3.29 11.88 -12.84
C LYS A 48 -2.85 10.57 -12.20
N HIS A 49 -3.77 9.90 -11.49
CA HIS A 49 -3.45 8.68 -10.75
C HIS A 49 -3.20 7.51 -11.70
N ARG A 50 -2.22 6.66 -11.37
CA ARG A 50 -1.83 5.51 -12.17
C ARG A 50 -2.53 4.22 -11.73
N GLY A 51 -3.39 4.29 -10.70
CA GLY A 51 -4.10 3.12 -10.21
C GLY A 51 -3.25 2.25 -9.28
N PHE A 52 -2.27 2.84 -8.60
CA PHE A 52 -1.39 2.09 -7.70
C PHE A 52 -1.12 3.03 -6.52
N ALA A 53 -0.61 2.48 -5.43
CA ALA A 53 -0.35 3.24 -4.22
C ALA A 53 0.61 2.49 -3.29
N PHE A 54 0.89 3.09 -2.13
CA PHE A 54 1.72 2.47 -1.10
C PHE A 54 1.06 2.70 0.25
N VAL A 55 1.25 1.75 1.17
CA VAL A 55 0.72 1.80 2.53
C VAL A 55 1.83 1.30 3.44
N GLU A 56 1.91 1.81 4.68
CA GLU A 56 2.93 1.38 5.60
C GLU A 56 2.39 1.29 7.03
N PHE A 57 2.70 0.17 7.69
CA PHE A 57 2.27 -0.11 9.05
C PHE A 57 3.24 0.26 10.17
N GLU A 58 2.72 0.40 11.39
CA GLU A 58 3.53 0.68 12.56
C GLU A 58 4.34 -0.54 12.98
N LEU A 59 3.92 -1.73 12.54
CA LEU A 59 4.58 -2.99 12.85
C LEU A 59 4.62 -3.88 11.62
N ALA A 60 5.65 -4.73 11.52
CA ALA A 60 5.82 -5.59 10.35
C ALA A 60 4.80 -6.72 10.32
N GLU A 61 4.36 -7.19 11.49
CA GLU A 61 3.37 -8.26 11.55
C GLU A 61 2.00 -7.76 11.11
N ASP A 62 1.75 -6.45 11.22
CA ASP A 62 0.51 -5.86 10.73
C ASP A 62 0.50 -5.80 9.21
N ALA A 63 1.68 -5.61 8.61
CA ALA A 63 1.82 -5.60 7.17
C ALA A 63 1.69 -7.02 6.63
N ALA A 64 2.19 -8.01 7.39
CA ALA A 64 2.05 -9.40 6.99
C ALA A 64 0.59 -9.82 7.04
N ALA A 65 -0.13 -9.40 8.08
CA ALA A 65 -1.54 -9.71 8.20
C ALA A 65 -2.34 -8.98 7.11
N ALA A 66 -1.91 -7.77 6.76
CA ALA A 66 -2.58 -7.02 5.71
C ALA A 66 -2.41 -7.72 4.37
N ILE A 67 -1.23 -8.29 4.08
CA ILE A 67 -1.06 -9.04 2.85
C ILE A 67 -1.97 -10.26 2.87
N ASP A 68 -2.03 -10.95 4.02
CA ASP A 68 -2.86 -12.13 4.18
C ASP A 68 -4.37 -11.89 4.23
N ASN A 69 -4.81 -10.64 4.43
CA ASN A 69 -6.22 -10.33 4.53
C ASN A 69 -6.70 -9.18 3.63
N MET A 70 -5.89 -8.72 2.67
CA MET A 70 -6.32 -7.66 1.76
C MET A 70 -5.88 -7.92 0.31
N ASN A 71 -4.95 -8.85 0.07
CA ASN A 71 -4.57 -9.16 -1.30
C ASN A 71 -5.78 -9.66 -2.09
N GLU A 72 -5.78 -9.43 -3.40
CA GLU A 72 -6.83 -9.89 -4.31
C GLU A 72 -8.22 -9.41 -3.90
N SER A 73 -8.31 -8.39 -3.05
CA SER A 73 -9.57 -7.78 -2.64
C SER A 73 -10.10 -6.90 -3.78
N GLU A 74 -11.22 -6.20 -3.55
CA GLU A 74 -11.84 -5.36 -4.57
C GLU A 74 -12.23 -4.00 -4.00
N LEU A 75 -11.69 -2.93 -4.59
CA LEU A 75 -11.96 -1.55 -4.20
C LEU A 75 -12.49 -0.81 -5.43
N PHE A 76 -13.49 0.06 -5.23
CA PHE A 76 -14.07 0.84 -6.32
C PHE A 76 -14.57 0.07 -7.55
N GLY A 77 -14.81 -1.23 -7.38
CA GLY A 77 -15.31 -2.08 -8.46
C GLY A 77 -14.19 -2.72 -9.28
N ARG A 78 -12.94 -2.69 -8.78
CA ARG A 78 -11.82 -3.30 -9.47
C ARG A 78 -10.99 -4.12 -8.49
N THR A 79 -10.46 -5.26 -8.96
CA THR A 79 -9.57 -6.10 -8.17
C THR A 79 -8.22 -5.47 -7.89
N ILE A 80 -7.70 -5.65 -6.67
CA ILE A 80 -6.43 -5.04 -6.27
C ILE A 80 -5.38 -6.12 -6.04
N ARG A 81 -4.12 -5.69 -6.00
CA ARG A 81 -2.96 -6.52 -5.73
C ARG A 81 -2.21 -5.89 -4.57
N VAL A 82 -1.65 -6.71 -3.67
CA VAL A 82 -0.95 -6.22 -2.48
C VAL A 82 0.23 -7.11 -2.13
N ASN A 83 1.41 -6.50 -1.92
CA ASN A 83 2.60 -7.24 -1.49
C ASN A 83 3.68 -6.25 -1.02
N LEU A 84 4.78 -6.75 -0.44
CA LEU A 84 5.89 -5.91 -0.03
C LEU A 84 6.48 -5.19 -1.24
N ALA A 85 7.03 -3.99 -1.04
CA ALA A 85 7.57 -3.19 -2.13
C ALA A 85 8.85 -3.79 -2.70
N LYS A 86 9.09 -3.52 -3.99
CA LYS A 86 10.32 -3.87 -4.68
C LYS A 86 11.52 -3.12 -4.10
N PRO A 87 12.74 -3.60 -4.32
CA PRO A 87 13.96 -2.90 -3.90
C PRO A 87 14.10 -1.60 -4.68
N MET A 88 14.30 -0.49 -3.95
CA MET A 88 14.47 0.84 -4.51
C MET A 88 14.96 1.76 -3.42
N ARG A 89 15.31 3.01 -3.76
CA ARG A 89 15.64 4.01 -2.76
C ARG A 89 14.35 4.42 -2.06
N ILE A 90 14.18 3.99 -0.81
CA ILE A 90 12.99 4.34 -0.04
C ILE A 90 13.22 5.66 0.67
N LYS A 91 12.13 6.39 0.95
CA LYS A 91 12.18 7.68 1.62
C LYS A 91 12.60 7.55 3.08
N GLU A 92 12.78 6.33 3.58
CA GLU A 92 13.21 6.05 4.94
C GLU A 92 14.16 4.85 4.97
N GLY A 93 15.12 4.86 5.90
CA GLY A 93 16.13 3.82 6.03
C GLY A 93 15.53 2.52 6.55
N ALA A 1 15.23 -13.13 10.65
CA ALA A 1 15.11 -11.98 11.57
C ALA A 1 14.88 -10.69 10.79
N GLY A 2 14.45 -9.63 11.48
CA GLY A 2 14.21 -8.33 10.88
C GLY A 2 12.92 -8.33 10.06
N HIS A 3 12.66 -7.22 9.37
CA HIS A 3 11.48 -7.04 8.53
C HIS A 3 11.52 -7.99 7.32
N MET A 4 10.35 -8.28 6.74
CA MET A 4 10.27 -9.13 5.57
C MET A 4 10.80 -8.38 4.34
N ALA A 5 11.49 -9.10 3.45
CA ALA A 5 12.07 -8.56 2.24
C ALA A 5 12.96 -7.34 2.52
N THR A 6 13.30 -6.61 1.46
CA THR A 6 14.11 -5.41 1.51
C THR A 6 13.38 -4.24 2.15
N THR A 7 12.04 -4.31 2.21
CA THR A 7 11.21 -3.24 2.75
C THR A 7 11.03 -3.25 4.27
N LYS A 8 10.32 -2.24 4.80
CA LYS A 8 10.01 -2.16 6.22
C LYS A 8 8.58 -1.66 6.41
N ARG A 9 7.70 -2.62 6.73
CA ARG A 9 6.26 -2.44 6.92
C ARG A 9 5.58 -1.78 5.73
N VAL A 10 6.13 -1.88 4.52
CA VAL A 10 5.52 -1.27 3.34
C VAL A 10 4.77 -2.26 2.48
N LEU A 11 3.66 -1.82 1.88
CA LEU A 11 2.86 -2.65 1.02
C LEU A 11 2.52 -1.93 -0.28
N TYR A 12 2.88 -2.56 -1.39
CA TYR A 12 2.46 -2.13 -2.71
C TYR A 12 1.01 -2.51 -2.97
N VAL A 13 0.26 -1.62 -3.62
CA VAL A 13 -1.13 -1.86 -3.99
C VAL A 13 -1.35 -1.54 -5.46
N GLY A 14 -2.11 -2.39 -6.15
CA GLY A 14 -2.36 -2.20 -7.58
C GLY A 14 -3.81 -2.56 -7.91
N GLY A 15 -4.24 -2.22 -9.12
CA GLY A 15 -5.59 -2.50 -9.61
C GLY A 15 -6.61 -1.48 -9.10
N LEU A 16 -6.14 -0.41 -8.45
CA LEU A 16 -7.01 0.61 -7.88
C LEU A 16 -7.67 1.45 -8.96
N ALA A 17 -8.86 1.97 -8.65
CA ALA A 17 -9.55 2.90 -9.52
C ALA A 17 -8.96 4.29 -9.37
N GLU A 18 -9.21 5.17 -10.34
CA GLU A 18 -8.68 6.53 -10.34
C GLU A 18 -9.35 7.40 -9.28
N GLU A 19 -10.43 6.89 -8.66
CA GLU A 19 -11.17 7.62 -7.64
C GLU A 19 -10.64 7.30 -6.23
N VAL A 20 -9.78 6.28 -6.12
CA VAL A 20 -9.24 5.87 -4.82
C VAL A 20 -8.28 6.92 -4.29
N ASP A 21 -8.47 7.29 -3.02
CA ASP A 21 -7.64 8.25 -2.30
C ASP A 21 -7.02 7.65 -1.05
N ASP A 22 -6.11 8.39 -0.40
CA ASP A 22 -5.45 7.89 0.80
C ASP A 22 -6.40 7.56 1.95
N LYS A 23 -7.58 8.19 1.96
CA LYS A 23 -8.61 7.92 2.94
C LYS A 23 -9.26 6.57 2.68
N VAL A 24 -9.30 6.13 1.42
CA VAL A 24 -9.88 4.85 1.06
C VAL A 24 -8.94 3.73 1.49
N LEU A 25 -7.64 3.90 1.24
CA LEU A 25 -6.66 2.91 1.63
C LEU A 25 -6.50 2.89 3.14
N HIS A 26 -6.69 4.04 3.80
CA HIS A 26 -6.61 4.06 5.25
C HIS A 26 -7.80 3.31 5.85
N ALA A 27 -9.00 3.52 5.31
CA ALA A 27 -10.18 2.84 5.79
C ALA A 27 -10.11 1.34 5.48
N ALA A 28 -9.42 0.96 4.39
CA ALA A 28 -9.29 -0.44 4.02
C ALA A 28 -8.19 -1.16 4.82
N PHE A 29 -7.10 -0.47 5.13
CA PHE A 29 -5.95 -1.07 5.81
C PHE A 29 -5.87 -0.95 7.33
N ILE A 30 -6.74 -0.15 7.95
CA ILE A 30 -6.66 0.12 9.37
C ILE A 30 -7.02 -1.08 10.27
N PRO A 31 -7.88 -2.04 9.89
CA PRO A 31 -8.27 -3.10 10.80
C PRO A 31 -7.16 -4.13 11.01
N PHE A 32 -6.07 -4.07 10.24
CA PHE A 32 -5.00 -5.04 10.34
C PHE A 32 -3.90 -4.52 11.28
N GLY A 33 -3.95 -3.25 11.65
CA GLY A 33 -2.96 -2.65 12.53
C GLY A 33 -2.91 -1.14 12.36
N ASP A 34 -2.11 -0.47 13.20
CA ASP A 34 -2.01 0.98 13.14
C ASP A 34 -1.20 1.38 11.89
N ILE A 35 -1.87 2.03 10.94
CA ILE A 35 -1.20 2.57 9.76
C ILE A 35 -0.31 3.73 10.20
N THR A 36 0.88 3.84 9.62
CA THR A 36 1.80 4.92 9.94
C THR A 36 2.06 5.91 8.80
N ASP A 37 1.83 5.49 7.55
CA ASP A 37 1.96 6.39 6.41
C ASP A 37 1.24 5.76 5.21
N ILE A 38 0.93 6.59 4.22
CA ILE A 38 0.25 6.19 2.99
C ILE A 38 0.72 7.08 1.83
N GLN A 39 0.81 6.51 0.63
CA GLN A 39 1.26 7.22 -0.57
C GLN A 39 0.35 6.88 -1.76
N ILE A 40 -0.02 7.92 -2.51
CA ILE A 40 -0.74 7.77 -3.77
C ILE A 40 -0.14 8.77 -4.76
N PRO A 41 1.03 8.44 -5.32
CA PRO A 41 1.73 9.26 -6.29
C PRO A 41 0.98 9.30 -7.62
N LEU A 42 1.38 10.24 -8.47
CA LEU A 42 0.79 10.47 -9.78
C LEU A 42 1.89 10.35 -10.84
N ASP A 43 1.57 10.68 -12.10
CA ASP A 43 2.54 10.70 -13.18
C ASP A 43 3.70 11.70 -13.05
N TYR A 44 3.62 12.63 -12.10
CA TYR A 44 4.62 13.68 -11.91
C TYR A 44 4.95 14.55 -13.12
N GLU A 45 4.00 14.67 -14.06
CA GLU A 45 4.16 15.50 -15.25
C GLU A 45 2.82 15.70 -15.96
N THR A 46 1.81 14.90 -15.60
CA THR A 46 0.44 15.08 -16.04
C THR A 46 -0.60 15.09 -14.91
N GLU A 47 -0.10 15.01 -13.67
CA GLU A 47 -0.90 15.12 -12.45
C GLU A 47 -2.09 14.15 -12.41
N LYS A 48 -1.91 12.91 -12.88
CA LYS A 48 -2.97 11.91 -12.84
C LYS A 48 -2.52 10.64 -12.15
N HIS A 49 -3.48 9.94 -11.54
CA HIS A 49 -3.22 8.69 -10.83
C HIS A 49 -2.87 7.57 -11.81
N ARG A 50 -2.25 6.51 -11.29
CA ARG A 50 -1.78 5.38 -12.10
C ARG A 50 -2.46 4.06 -11.71
N GLY A 51 -3.44 4.09 -10.80
CA GLY A 51 -4.17 2.90 -10.39
C GLY A 51 -3.37 2.02 -9.42
N PHE A 52 -2.44 2.61 -8.66
CA PHE A 52 -1.60 1.86 -7.75
C PHE A 52 -1.33 2.82 -6.59
N ALA A 53 -0.78 2.29 -5.49
CA ALA A 53 -0.50 3.07 -4.29
C ALA A 53 0.44 2.30 -3.37
N PHE A 54 0.75 2.89 -2.21
CA PHE A 54 1.55 2.23 -1.19
C PHE A 54 0.92 2.56 0.17
N VAL A 55 1.10 1.65 1.12
CA VAL A 55 0.62 1.80 2.49
C VAL A 55 1.74 1.33 3.40
N GLU A 56 1.88 1.93 4.59
CA GLU A 56 2.94 1.56 5.49
C GLU A 56 2.44 1.49 6.93
N PHE A 57 2.75 0.37 7.60
CA PHE A 57 2.34 0.08 8.96
C PHE A 57 3.30 0.48 10.06
N GLU A 58 2.79 0.60 11.30
CA GLU A 58 3.61 0.90 12.46
C GLU A 58 4.45 -0.31 12.88
N LEU A 59 4.05 -1.51 12.43
CA LEU A 59 4.74 -2.76 12.75
C LEU A 59 4.76 -3.66 11.52
N ALA A 60 5.76 -4.55 11.45
CA ALA A 60 5.92 -5.45 10.30
C ALA A 60 4.86 -6.56 10.31
N GLU A 61 4.46 -7.02 11.49
CA GLU A 61 3.49 -8.09 11.58
C GLU A 61 2.12 -7.61 11.12
N ASP A 62 1.85 -6.30 11.24
CA ASP A 62 0.60 -5.74 10.74
C ASP A 62 0.59 -5.71 9.21
N ALA A 63 1.76 -5.53 8.60
CA ALA A 63 1.89 -5.52 7.16
C ALA A 63 1.75 -6.93 6.62
N ALA A 64 2.29 -7.93 7.34
CA ALA A 64 2.16 -9.32 6.92
C ALA A 64 0.70 -9.77 7.05
N ALA A 65 0.02 -9.34 8.11
CA ALA A 65 -1.38 -9.67 8.30
C ALA A 65 -2.24 -8.97 7.24
N ALA A 66 -1.84 -7.76 6.85
CA ALA A 66 -2.57 -7.04 5.81
C ALA A 66 -2.42 -7.75 4.47
N ILE A 67 -1.23 -8.29 4.17
CA ILE A 67 -1.06 -9.06 2.94
C ILE A 67 -1.96 -10.29 2.99
N ASP A 68 -2.02 -10.94 4.16
CA ASP A 68 -2.82 -12.15 4.34
C ASP A 68 -4.33 -11.90 4.30
N ASN A 69 -4.77 -10.68 4.61
CA ASN A 69 -6.19 -10.37 4.72
C ASN A 69 -6.69 -9.25 3.79
N MET A 70 -5.90 -8.82 2.80
CA MET A 70 -6.36 -7.79 1.87
C MET A 70 -5.95 -8.05 0.43
N ASN A 71 -5.02 -8.98 0.16
CA ASN A 71 -4.67 -9.30 -1.21
C ASN A 71 -5.87 -9.83 -1.98
N GLU A 72 -5.87 -9.66 -3.30
CA GLU A 72 -6.93 -10.13 -4.18
C GLU A 72 -8.32 -9.60 -3.81
N SER A 73 -8.39 -8.56 -2.96
CA SER A 73 -9.64 -7.93 -2.57
C SER A 73 -10.15 -7.04 -3.72
N GLU A 74 -11.17 -6.22 -3.47
CA GLU A 74 -11.77 -5.36 -4.47
C GLU A 74 -12.09 -3.98 -3.90
N LEU A 75 -11.72 -2.92 -4.64
CA LEU A 75 -11.99 -1.55 -4.27
C LEU A 75 -12.55 -0.81 -5.49
N PHE A 76 -13.56 0.04 -5.29
CA PHE A 76 -14.18 0.80 -6.36
C PHE A 76 -14.70 0.01 -7.56
N GLY A 77 -14.95 -1.29 -7.37
CA GLY A 77 -15.45 -2.17 -8.41
C GLY A 77 -14.35 -2.82 -9.23
N ARG A 78 -13.08 -2.74 -8.78
CA ARG A 78 -11.96 -3.34 -9.48
C ARG A 78 -11.13 -4.18 -8.50
N THR A 79 -10.64 -5.33 -8.95
CA THR A 79 -9.76 -6.18 -8.17
C THR A 79 -8.41 -5.55 -7.85
N ILE A 80 -7.86 -5.83 -6.67
CA ILE A 80 -6.59 -5.24 -6.24
C ILE A 80 -5.55 -6.32 -5.99
N ARG A 81 -4.30 -5.89 -5.92
CA ARG A 81 -3.14 -6.72 -5.62
C ARG A 81 -2.37 -6.06 -4.48
N VAL A 82 -1.79 -6.86 -3.58
CA VAL A 82 -1.07 -6.36 -2.42
C VAL A 82 0.13 -7.23 -2.08
N ASN A 83 1.30 -6.60 -1.91
CA ASN A 83 2.51 -7.34 -1.52
C ASN A 83 3.59 -6.36 -1.06
N LEU A 84 4.72 -6.86 -0.54
CA LEU A 84 5.84 -6.03 -0.13
C LEU A 84 6.43 -5.29 -1.33
N ALA A 85 7.03 -4.12 -1.08
CA ALA A 85 7.60 -3.29 -2.14
C ALA A 85 8.85 -3.91 -2.75
N LYS A 86 9.07 -3.63 -4.04
CA LYS A 86 10.28 -4.02 -4.76
C LYS A 86 11.49 -3.29 -4.20
N PRO A 87 12.71 -3.83 -4.41
CA PRO A 87 13.94 -3.18 -4.01
C PRO A 87 14.15 -1.91 -4.83
N MET A 88 14.45 -0.80 -4.15
CA MET A 88 14.66 0.49 -4.78
C MET A 88 15.30 1.44 -3.76
N ARG A 89 15.80 2.59 -4.23
CA ARG A 89 16.30 3.64 -3.34
C ARG A 89 15.10 4.36 -2.73
N ILE A 90 14.58 3.82 -1.63
CA ILE A 90 13.39 4.35 -0.96
C ILE A 90 13.65 5.76 -0.42
N LYS A 91 12.64 6.62 -0.48
CA LYS A 91 12.71 8.00 0.00
C LYS A 91 12.53 8.07 1.52
N GLU A 92 13.26 7.23 2.26
CA GLU A 92 13.18 7.19 3.72
C GLU A 92 13.55 8.53 4.34
N GLY A 93 13.02 8.81 5.54
CA GLY A 93 13.30 10.05 6.26
C GLY A 93 12.51 10.11 7.56
N ALA A 1 16.06 -13.78 10.48
CA ALA A 1 16.35 -12.53 11.18
C ALA A 1 16.15 -11.32 10.27
N GLY A 2 16.06 -10.12 10.85
CA GLY A 2 15.85 -8.89 10.11
C GLY A 2 14.42 -8.79 9.59
N HIS A 3 14.17 -7.77 8.75
CA HIS A 3 12.85 -7.53 8.17
C HIS A 3 12.48 -8.64 7.17
N MET A 4 11.20 -8.71 6.80
CA MET A 4 10.70 -9.75 5.91
C MET A 4 11.20 -9.57 4.48
N ALA A 5 11.72 -8.37 4.15
CA ALA A 5 12.20 -8.06 2.82
C ALA A 5 13.11 -6.83 2.85
N THR A 6 13.45 -6.34 1.65
CA THR A 6 14.27 -5.15 1.44
C THR A 6 13.62 -3.86 1.98
N THR A 7 12.37 -3.97 2.44
CA THR A 7 11.62 -2.84 3.01
C THR A 7 11.06 -3.13 4.39
N LYS A 8 10.58 -2.10 5.07
CA LYS A 8 10.11 -2.22 6.45
C LYS A 8 8.66 -1.75 6.59
N ARG A 9 7.77 -2.70 6.87
CA ARG A 9 6.34 -2.49 7.06
C ARG A 9 5.66 -1.78 5.88
N VAL A 10 6.22 -1.86 4.68
CA VAL A 10 5.62 -1.25 3.50
C VAL A 10 4.88 -2.24 2.63
N LEU A 11 3.82 -1.79 1.96
CA LEU A 11 3.03 -2.62 1.07
C LEU A 11 2.71 -1.89 -0.22
N TYR A 12 3.03 -2.52 -1.35
CA TYR A 12 2.59 -2.08 -2.66
C TYR A 12 1.14 -2.43 -2.94
N VAL A 13 0.40 -1.51 -3.57
CA VAL A 13 -0.99 -1.73 -3.93
C VAL A 13 -1.21 -1.40 -5.40
N GLY A 14 -1.97 -2.23 -6.11
CA GLY A 14 -2.23 -2.04 -7.53
C GLY A 14 -3.65 -2.41 -7.91
N GLY A 15 -4.06 -2.07 -9.14
CA GLY A 15 -5.39 -2.35 -9.65
C GLY A 15 -6.42 -1.33 -9.16
N LEU A 16 -5.98 -0.27 -8.47
CA LEU A 16 -6.87 0.73 -7.90
C LEU A 16 -7.53 1.59 -8.99
N ALA A 17 -8.74 2.06 -8.71
CA ALA A 17 -9.44 2.99 -9.60
C ALA A 17 -8.86 4.39 -9.42
N GLU A 18 -9.10 5.27 -10.42
CA GLU A 18 -8.58 6.63 -10.41
C GLU A 18 -9.21 7.48 -9.29
N GLU A 19 -10.32 7.00 -8.73
CA GLU A 19 -11.05 7.72 -7.68
C GLU A 19 -10.51 7.38 -6.29
N VAL A 20 -9.66 6.35 -6.17
CA VAL A 20 -9.13 5.92 -4.88
C VAL A 20 -8.15 6.97 -4.34
N ASP A 21 -8.32 7.32 -3.07
CA ASP A 21 -7.49 8.28 -2.35
C ASP A 21 -6.88 7.69 -1.08
N ASP A 22 -6.02 8.45 -0.40
CA ASP A 22 -5.37 7.97 0.81
C ASP A 22 -6.36 7.64 1.94
N LYS A 23 -7.54 8.25 1.92
CA LYS A 23 -8.58 7.98 2.89
C LYS A 23 -9.22 6.62 2.64
N VAL A 24 -9.22 6.17 1.38
CA VAL A 24 -9.80 4.89 1.00
C VAL A 24 -8.87 3.77 1.44
N LEU A 25 -7.56 3.95 1.23
CA LEU A 25 -6.58 2.96 1.63
C LEU A 25 -6.45 2.94 3.14
N HIS A 26 -6.63 4.09 3.81
CA HIS A 26 -6.60 4.10 5.26
C HIS A 26 -7.79 3.34 5.81
N ALA A 27 -8.98 3.56 5.25
CA ALA A 27 -10.17 2.86 5.70
C ALA A 27 -10.11 1.37 5.38
N ALA A 28 -9.40 0.98 4.31
CA ALA A 28 -9.28 -0.41 3.93
C ALA A 28 -8.20 -1.14 4.73
N PHE A 29 -7.09 -0.45 5.07
CA PHE A 29 -5.97 -1.06 5.76
C PHE A 29 -5.91 -0.97 7.28
N ILE A 30 -6.78 -0.16 7.89
CA ILE A 30 -6.70 0.09 9.33
C ILE A 30 -7.11 -1.10 10.22
N PRO A 31 -7.99 -2.03 9.80
CA PRO A 31 -8.43 -3.10 10.69
C PRO A 31 -7.35 -4.17 10.91
N PHE A 32 -6.26 -4.15 10.14
CA PHE A 32 -5.21 -5.16 10.26
C PHE A 32 -4.13 -4.68 11.22
N GLY A 33 -4.13 -3.40 11.59
CA GLY A 33 -3.14 -2.85 12.50
C GLY A 33 -3.01 -1.34 12.36
N ASP A 34 -2.14 -0.74 13.18
CA ASP A 34 -1.93 0.69 13.15
C ASP A 34 -1.15 1.15 11.91
N ILE A 35 -1.83 1.88 11.01
CA ILE A 35 -1.17 2.48 9.87
C ILE A 35 -0.29 3.62 10.35
N THR A 36 0.85 3.84 9.69
CA THR A 36 1.76 4.93 10.02
C THR A 36 2.06 5.87 8.85
N ASP A 37 1.89 5.38 7.62
CA ASP A 37 2.06 6.15 6.39
C ASP A 37 1.28 5.63 5.19
N ILE A 38 0.95 6.51 4.24
CA ILE A 38 0.27 6.17 2.99
C ILE A 38 0.77 7.07 1.88
N GLN A 39 0.93 6.52 0.68
CA GLN A 39 1.40 7.25 -0.49
C GLN A 39 0.53 6.92 -1.71
N ILE A 40 0.14 7.96 -2.46
CA ILE A 40 -0.58 7.80 -3.72
C ILE A 40 0.00 8.79 -4.72
N PRO A 41 1.16 8.47 -5.30
CA PRO A 41 1.80 9.27 -6.32
C PRO A 41 0.99 9.26 -7.62
N LEU A 42 1.32 10.18 -8.53
CA LEU A 42 0.59 10.39 -9.77
C LEU A 42 1.51 10.21 -10.97
N ASP A 43 1.04 10.56 -12.15
CA ASP A 43 1.81 10.47 -13.39
C ASP A 43 3.15 11.20 -13.38
N TYR A 44 3.30 12.21 -12.52
CA TYR A 44 4.46 13.10 -12.53
C TYR A 44 4.73 13.79 -13.87
N GLU A 45 3.69 13.93 -14.69
CA GLU A 45 3.78 14.54 -16.00
C GLU A 45 2.43 15.18 -16.35
N THR A 46 1.34 14.64 -15.78
CA THR A 46 -0.02 15.13 -15.99
C THR A 46 -0.88 15.28 -14.74
N GLU A 47 -0.28 15.01 -13.56
CA GLU A 47 -0.95 15.15 -12.27
C GLU A 47 -2.20 14.27 -12.13
N LYS A 48 -2.19 13.06 -12.71
CA LYS A 48 -3.29 12.10 -12.61
C LYS A 48 -2.83 10.78 -12.03
N HIS A 49 -3.73 10.05 -11.36
CA HIS A 49 -3.42 8.80 -10.67
C HIS A 49 -3.08 7.67 -11.64
N ARG A 50 -2.16 6.79 -11.21
CA ARG A 50 -1.69 5.66 -12.00
C ARG A 50 -2.37 4.34 -11.65
N GLY A 51 -3.30 4.35 -10.69
CA GLY A 51 -4.02 3.15 -10.28
C GLY A 51 -3.20 2.25 -9.35
N PHE A 52 -2.21 2.81 -8.65
CA PHE A 52 -1.36 2.03 -7.76
C PHE A 52 -1.07 2.99 -6.59
N ALA A 53 -0.56 2.43 -5.49
CA ALA A 53 -0.31 3.18 -4.27
C ALA A 53 0.62 2.39 -3.35
N PHE A 54 0.92 2.98 -2.19
CA PHE A 54 1.72 2.32 -1.17
C PHE A 54 1.08 2.59 0.19
N VAL A 55 1.26 1.68 1.13
CA VAL A 55 0.73 1.76 2.48
C VAL A 55 1.83 1.31 3.41
N GLU A 56 1.88 1.87 4.63
CA GLU A 56 2.95 1.55 5.56
C GLU A 56 2.44 1.45 7.00
N PHE A 57 2.76 0.33 7.64
CA PHE A 57 2.35 0.02 9.00
C PHE A 57 3.32 0.41 10.10
N GLU A 58 2.81 0.53 11.33
CA GLU A 58 3.64 0.82 12.50
C GLU A 58 4.41 -0.42 12.94
N LEU A 59 3.98 -1.60 12.49
CA LEU A 59 4.60 -2.88 12.84
C LEU A 59 4.61 -3.81 11.62
N ALA A 60 5.63 -4.68 11.53
CA ALA A 60 5.80 -5.56 10.39
C ALA A 60 4.76 -6.69 10.37
N GLU A 61 4.31 -7.12 11.55
CA GLU A 61 3.33 -8.20 11.63
C GLU A 61 1.97 -7.70 11.17
N ASP A 62 1.72 -6.38 11.28
CA ASP A 62 0.48 -5.80 10.78
C ASP A 62 0.49 -5.75 9.26
N ALA A 63 1.67 -5.56 8.66
CA ALA A 63 1.81 -5.56 7.22
C ALA A 63 1.68 -6.98 6.69
N ALA A 64 2.16 -7.97 7.44
CA ALA A 64 2.04 -9.36 7.06
C ALA A 64 0.58 -9.79 7.10
N ALA A 65 -0.15 -9.34 8.14
CA ALA A 65 -1.57 -9.66 8.24
C ALA A 65 -2.37 -8.93 7.15
N ALA A 66 -1.95 -7.72 6.79
CA ALA A 66 -2.61 -6.99 5.74
C ALA A 66 -2.42 -7.69 4.39
N ILE A 67 -1.24 -8.25 4.13
CA ILE A 67 -1.04 -9.03 2.92
C ILE A 67 -1.96 -10.25 2.95
N ASP A 68 -2.03 -10.92 4.10
CA ASP A 68 -2.85 -12.12 4.26
C ASP A 68 -4.36 -11.88 4.29
N ASN A 69 -4.80 -10.63 4.47
CA ASN A 69 -6.23 -10.32 4.56
C ASN A 69 -6.70 -9.19 3.63
N MET A 70 -5.89 -8.75 2.66
CA MET A 70 -6.31 -7.72 1.72
C MET A 70 -5.86 -7.99 0.28
N ASN A 71 -4.92 -8.90 0.05
CA ASN A 71 -4.55 -9.22 -1.32
C ASN A 71 -5.73 -9.78 -2.09
N GLU A 72 -5.73 -9.58 -3.41
CA GLU A 72 -6.80 -10.05 -4.30
C GLU A 72 -8.19 -9.54 -3.91
N SER A 73 -8.26 -8.53 -3.03
CA SER A 73 -9.52 -7.93 -2.61
C SER A 73 -10.05 -7.02 -3.73
N GLU A 74 -11.05 -6.19 -3.42
CA GLU A 74 -11.71 -5.34 -4.40
C GLU A 74 -11.99 -3.96 -3.81
N LEU A 75 -11.69 -2.92 -4.59
CA LEU A 75 -11.96 -1.53 -4.23
C LEU A 75 -12.55 -0.82 -5.45
N PHE A 76 -13.53 0.07 -5.23
CA PHE A 76 -14.17 0.80 -6.31
C PHE A 76 -14.78 -0.04 -7.45
N GLY A 77 -15.05 -1.32 -7.18
CA GLY A 77 -15.68 -2.21 -8.14
C GLY A 77 -14.68 -2.96 -9.01
N ARG A 78 -13.39 -2.95 -8.64
CA ARG A 78 -12.36 -3.67 -9.39
C ARG A 78 -11.32 -4.28 -8.46
N THR A 79 -10.73 -5.39 -8.90
CA THR A 79 -9.73 -6.13 -8.14
C THR A 79 -8.44 -5.38 -7.84
N ILE A 80 -7.77 -5.75 -6.74
CA ILE A 80 -6.51 -5.13 -6.34
C ILE A 80 -5.45 -6.20 -6.09
N ARG A 81 -4.20 -5.75 -5.98
CA ARG A 81 -3.05 -6.58 -5.69
C ARG A 81 -2.25 -5.95 -4.55
N VAL A 82 -1.71 -6.76 -3.64
CA VAL A 82 -0.99 -6.26 -2.47
C VAL A 82 0.19 -7.15 -2.10
N ASN A 83 1.37 -6.55 -1.90
CA ASN A 83 2.55 -7.29 -1.46
C ASN A 83 3.64 -6.31 -1.00
N LEU A 84 4.74 -6.81 -0.44
CA LEU A 84 5.87 -5.98 -0.03
C LEU A 84 6.45 -5.25 -1.25
N ALA A 85 7.02 -4.05 -1.03
CA ALA A 85 7.58 -3.25 -2.10
C ALA A 85 8.84 -3.87 -2.69
N LYS A 86 9.10 -3.58 -3.97
CA LYS A 86 10.31 -3.98 -4.67
C LYS A 86 11.53 -3.29 -4.09
N PRO A 87 12.74 -3.84 -4.31
CA PRO A 87 13.98 -3.22 -3.88
C PRO A 87 14.23 -1.93 -4.67
N MET A 88 14.55 -0.85 -3.95
CA MET A 88 14.81 0.45 -4.54
C MET A 88 15.45 1.35 -3.49
N ARG A 89 15.97 2.50 -3.92
CA ARG A 89 16.48 3.52 -3.01
C ARG A 89 15.28 4.24 -2.39
N ILE A 90 14.68 3.65 -1.35
CA ILE A 90 13.51 4.20 -0.69
C ILE A 90 13.84 5.58 -0.11
N LYS A 91 12.89 6.52 -0.21
CA LYS A 91 13.10 7.90 0.25
C LYS A 91 13.16 8.02 1.77
N GLU A 92 12.91 6.93 2.49
CA GLU A 92 13.00 6.90 3.94
C GLU A 92 14.45 6.74 4.41
N GLY A 93 15.36 6.45 3.48
CA GLY A 93 16.78 6.30 3.78
C GLY A 93 17.49 7.65 3.78
N ALA A 1 12.38 -3.44 13.89
CA ALA A 1 11.21 -4.02 13.20
C ALA A 1 11.49 -5.44 12.76
N GLY A 2 10.44 -6.19 12.42
CA GLY A 2 10.57 -7.56 11.96
C GLY A 2 11.18 -7.63 10.56
N HIS A 3 11.78 -8.77 10.22
CA HIS A 3 12.39 -9.00 8.92
C HIS A 3 11.33 -9.15 7.84
N MET A 4 11.61 -8.61 6.65
CA MET A 4 10.74 -8.72 5.48
C MET A 4 11.61 -8.84 4.23
N ALA A 5 10.99 -8.96 3.05
CA ALA A 5 11.70 -9.26 1.81
C ALA A 5 12.81 -8.25 1.51
N THR A 6 12.56 -6.96 1.72
CA THR A 6 13.58 -5.92 1.47
C THR A 6 13.14 -4.61 2.09
N THR A 7 11.83 -4.33 2.09
CA THR A 7 11.27 -3.13 2.70
C THR A 7 10.97 -3.32 4.19
N LYS A 8 10.44 -2.29 4.85
CA LYS A 8 10.08 -2.39 6.25
C LYS A 8 8.69 -1.80 6.48
N ARG A 9 7.74 -2.68 6.81
CA ARG A 9 6.33 -2.38 7.04
C ARG A 9 5.65 -1.65 5.88
N VAL A 10 6.16 -1.79 4.64
CA VAL A 10 5.52 -1.16 3.48
C VAL A 10 4.84 -2.17 2.57
N LEU A 11 3.66 -1.81 2.08
CA LEU A 11 2.88 -2.64 1.17
C LEU A 11 2.60 -1.92 -0.13
N TYR A 12 2.86 -2.61 -1.24
CA TYR A 12 2.46 -2.18 -2.56
C TYR A 12 1.01 -2.54 -2.86
N VAL A 13 0.30 -1.62 -3.52
CA VAL A 13 -1.09 -1.82 -3.91
C VAL A 13 -1.29 -1.48 -5.39
N GLY A 14 -2.07 -2.30 -6.10
CA GLY A 14 -2.30 -2.09 -7.52
C GLY A 14 -3.73 -2.44 -7.93
N GLY A 15 -4.10 -2.08 -9.16
CA GLY A 15 -5.41 -2.33 -9.71
C GLY A 15 -6.44 -1.28 -9.28
N LEU A 16 -6.00 -0.26 -8.54
CA LEU A 16 -6.88 0.77 -7.99
C LEU A 16 -7.48 1.64 -9.09
N ALA A 17 -8.68 2.16 -8.83
CA ALA A 17 -9.32 3.12 -9.71
C ALA A 17 -8.70 4.51 -9.49
N GLU A 18 -8.85 5.41 -10.47
CA GLU A 18 -8.29 6.75 -10.38
C GLU A 18 -9.00 7.61 -9.32
N GLU A 19 -10.09 7.09 -8.74
CA GLU A 19 -10.87 7.81 -7.73
C GLU A 19 -10.42 7.43 -6.31
N VAL A 20 -9.56 6.41 -6.19
CA VAL A 20 -9.08 5.96 -4.89
C VAL A 20 -8.11 7.00 -4.31
N ASP A 21 -8.31 7.32 -3.02
CA ASP A 21 -7.50 8.27 -2.27
C ASP A 21 -6.91 7.65 -1.00
N ASP A 22 -6.06 8.40 -0.30
CA ASP A 22 -5.44 7.89 0.91
C ASP A 22 -6.43 7.55 2.02
N LYS A 23 -7.62 8.18 2.00
CA LYS A 23 -8.68 7.86 2.95
C LYS A 23 -9.28 6.50 2.66
N VAL A 24 -9.27 6.07 1.39
CA VAL A 24 -9.84 4.80 0.99
C VAL A 24 -8.92 3.68 1.45
N LEU A 25 -7.62 3.83 1.22
CA LEU A 25 -6.64 2.84 1.63
C LEU A 25 -6.50 2.83 3.15
N HIS A 26 -6.70 3.97 3.82
CA HIS A 26 -6.64 4.00 5.27
C HIS A 26 -7.84 3.25 5.85
N ALA A 27 -9.04 3.44 5.28
CA ALA A 27 -10.23 2.74 5.74
C ALA A 27 -10.15 1.25 5.42
N ALA A 28 -9.43 0.88 4.36
CA ALA A 28 -9.29 -0.51 3.97
C ALA A 28 -8.20 -1.23 4.79
N PHE A 29 -7.11 -0.52 5.13
CA PHE A 29 -5.96 -1.12 5.81
C PHE A 29 -5.90 -1.02 7.33
N ILE A 30 -6.78 -0.23 7.95
CA ILE A 30 -6.73 0.01 9.39
C ILE A 30 -7.12 -1.18 10.28
N PRO A 31 -7.99 -2.12 9.87
CA PRO A 31 -8.42 -3.18 10.77
C PRO A 31 -7.33 -4.23 11.00
N PHE A 32 -6.23 -4.20 10.24
CA PHE A 32 -5.17 -5.19 10.36
C PHE A 32 -4.10 -4.70 11.33
N GLY A 33 -4.10 -3.41 11.68
CA GLY A 33 -3.10 -2.84 12.58
C GLY A 33 -2.98 -1.34 12.40
N ASP A 34 -2.12 -0.72 13.21
CA ASP A 34 -1.92 0.71 13.16
C ASP A 34 -1.15 1.18 11.94
N ILE A 35 -1.84 1.88 11.03
CA ILE A 35 -1.19 2.49 9.87
C ILE A 35 -0.34 3.65 10.36
N THR A 36 0.79 3.89 9.69
CA THR A 36 1.69 4.99 10.03
C THR A 36 1.94 5.98 8.90
N ASP A 37 1.74 5.57 7.64
CA ASP A 37 1.85 6.49 6.50
C ASP A 37 1.19 5.83 5.30
N ILE A 38 0.85 6.64 4.29
CA ILE A 38 0.24 6.20 3.03
C ILE A 38 0.72 7.09 1.89
N GLN A 39 0.90 6.50 0.71
CA GLN A 39 1.37 7.21 -0.47
C GLN A 39 0.51 6.87 -1.68
N ILE A 40 0.09 7.90 -2.42
CA ILE A 40 -0.64 7.74 -3.67
C ILE A 40 -0.08 8.75 -4.68
N PRO A 41 1.09 8.45 -5.26
CA PRO A 41 1.73 9.29 -6.24
C PRO A 41 0.93 9.31 -7.55
N LEU A 42 1.23 10.29 -8.39
CA LEU A 42 0.53 10.53 -9.64
C LEU A 42 1.46 10.26 -10.83
N ASP A 43 1.02 10.64 -12.03
CA ASP A 43 1.71 10.38 -13.28
C ASP A 43 3.05 11.11 -13.33
N TYR A 44 3.24 12.14 -12.51
CA TYR A 44 4.43 13.00 -12.55
C TYR A 44 4.73 13.65 -13.90
N GLU A 45 3.69 13.81 -14.72
CA GLU A 45 3.79 14.39 -16.06
C GLU A 45 2.45 15.05 -16.41
N THR A 46 1.36 14.52 -15.86
CA THR A 46 0.01 15.02 -16.08
C THR A 46 -0.85 15.11 -14.81
N GLU A 47 -0.23 14.92 -13.63
CA GLU A 47 -0.88 15.10 -12.34
C GLU A 47 -2.16 14.27 -12.16
N LYS A 48 -2.16 13.02 -12.63
CA LYS A 48 -3.30 12.12 -12.46
C LYS A 48 -2.82 10.79 -11.89
N HIS A 49 -3.71 10.08 -11.19
CA HIS A 49 -3.38 8.82 -10.52
C HIS A 49 -3.07 7.72 -11.54
N ARG A 50 -2.13 6.84 -11.19
CA ARG A 50 -1.68 5.76 -12.07
C ARG A 50 -2.35 4.43 -11.72
N GLY A 51 -3.23 4.40 -10.72
CA GLY A 51 -3.94 3.20 -10.33
C GLY A 51 -3.12 2.28 -9.42
N PHE A 52 -2.18 2.83 -8.65
CA PHE A 52 -1.35 2.02 -7.75
C PHE A 52 -1.05 2.95 -6.58
N ALA A 53 -0.59 2.36 -5.47
CA ALA A 53 -0.33 3.11 -4.25
C ALA A 53 0.55 2.30 -3.30
N PHE A 54 0.85 2.89 -2.14
CA PHE A 54 1.61 2.24 -1.09
C PHE A 54 0.95 2.54 0.25
N VAL A 55 1.12 1.64 1.21
CA VAL A 55 0.59 1.77 2.56
C VAL A 55 1.71 1.34 3.50
N GLU A 56 1.83 1.99 4.67
CA GLU A 56 2.92 1.69 5.57
C GLU A 56 2.42 1.59 7.01
N PHE A 57 2.78 0.49 7.66
CA PHE A 57 2.36 0.15 9.02
C PHE A 57 3.33 0.55 10.12
N GLU A 58 2.82 0.65 11.34
CA GLU A 58 3.64 0.95 12.52
C GLU A 58 4.44 -0.29 12.94
N LEU A 59 4.03 -1.47 12.49
CA LEU A 59 4.65 -2.75 12.83
C LEU A 59 4.70 -3.66 11.60
N ALA A 60 5.71 -4.51 11.52
CA ALA A 60 5.91 -5.38 10.36
C ALA A 60 4.91 -6.54 10.35
N GLU A 61 4.48 -7.00 11.53
CA GLU A 61 3.53 -8.10 11.61
C GLU A 61 2.14 -7.64 11.16
N ASP A 62 1.84 -6.35 11.30
CA ASP A 62 0.58 -5.79 10.83
C ASP A 62 0.56 -5.69 9.31
N ALA A 63 1.74 -5.45 8.71
CA ALA A 63 1.86 -5.37 7.26
C ALA A 63 1.75 -6.77 6.67
N ALA A 64 2.37 -7.76 7.30
CA ALA A 64 2.31 -9.13 6.81
C ALA A 64 0.89 -9.68 6.95
N ALA A 65 0.19 -9.33 8.04
CA ALA A 65 -1.18 -9.75 8.22
C ALA A 65 -2.09 -9.06 7.20
N ALA A 66 -1.79 -7.79 6.90
CA ALA A 66 -2.56 -7.05 5.90
C ALA A 66 -2.37 -7.67 4.52
N ILE A 67 -1.18 -8.18 4.21
CA ILE A 67 -0.97 -8.89 2.95
C ILE A 67 -1.84 -10.14 2.94
N ASP A 68 -1.83 -10.87 4.06
CA ASP A 68 -2.61 -12.09 4.18
C ASP A 68 -4.12 -11.90 4.26
N ASN A 69 -4.59 -10.68 4.52
CA ASN A 69 -6.02 -10.42 4.65
C ASN A 69 -6.57 -9.29 3.76
N MET A 70 -5.82 -8.85 2.74
CA MET A 70 -6.31 -7.81 1.85
C MET A 70 -5.92 -8.07 0.38
N ASN A 71 -4.98 -8.98 0.12
CA ASN A 71 -4.64 -9.28 -1.27
C ASN A 71 -5.84 -9.85 -2.03
N GLU A 72 -5.86 -9.66 -3.35
CA GLU A 72 -6.93 -10.12 -4.23
C GLU A 72 -8.32 -9.59 -3.84
N SER A 73 -8.37 -8.55 -3.00
CA SER A 73 -9.62 -7.91 -2.61
C SER A 73 -10.11 -7.01 -3.75
N GLU A 74 -11.08 -6.12 -3.48
CA GLU A 74 -11.65 -5.26 -4.49
C GLU A 74 -11.94 -3.88 -3.92
N LEU A 75 -11.61 -2.83 -4.69
CA LEU A 75 -11.87 -1.45 -4.33
C LEU A 75 -12.40 -0.71 -5.56
N PHE A 76 -13.40 0.15 -5.37
CA PHE A 76 -13.99 0.90 -6.48
C PHE A 76 -14.52 0.10 -7.67
N GLY A 77 -14.84 -1.18 -7.44
CA GLY A 77 -15.35 -2.06 -8.47
C GLY A 77 -14.23 -2.72 -9.28
N ARG A 78 -12.98 -2.62 -8.81
CA ARG A 78 -11.83 -3.22 -9.48
C ARG A 78 -11.04 -4.09 -8.52
N THR A 79 -10.60 -5.25 -9.00
CA THR A 79 -9.72 -6.12 -8.24
C THR A 79 -8.38 -5.49 -7.91
N ILE A 80 -7.82 -5.78 -6.73
CA ILE A 80 -6.55 -5.19 -6.32
C ILE A 80 -5.50 -6.26 -6.10
N ARG A 81 -4.24 -5.81 -6.06
CA ARG A 81 -3.08 -6.64 -5.77
C ARG A 81 -2.34 -6.01 -4.60
N VAL A 82 -1.83 -6.84 -3.67
CA VAL A 82 -1.15 -6.36 -2.48
C VAL A 82 0.02 -7.26 -2.10
N ASN A 83 1.19 -6.66 -1.90
CA ASN A 83 2.37 -7.40 -1.46
C ASN A 83 3.45 -6.41 -1.03
N LEU A 84 4.61 -6.89 -0.56
CA LEU A 84 5.71 -6.02 -0.19
C LEU A 84 6.22 -5.27 -1.43
N ALA A 85 6.74 -4.07 -1.22
CA ALA A 85 7.26 -3.25 -2.30
C ALA A 85 8.51 -3.88 -2.91
N LYS A 86 8.78 -3.57 -4.19
CA LYS A 86 9.98 -4.03 -4.87
C LYS A 86 11.23 -3.46 -4.19
N PRO A 87 12.38 -4.13 -4.33
CA PRO A 87 13.64 -3.66 -3.77
C PRO A 87 14.08 -2.38 -4.47
N MET A 88 14.46 -1.37 -3.67
CA MET A 88 14.93 -0.10 -4.17
C MET A 88 15.51 0.72 -3.01
N ARG A 89 16.24 1.79 -3.33
CA ARG A 89 16.67 2.76 -2.34
C ARG A 89 15.47 3.65 -2.00
N ILE A 90 14.67 3.21 -1.02
CA ILE A 90 13.48 3.92 -0.60
C ILE A 90 13.83 5.31 -0.07
N LYS A 91 12.95 6.29 -0.27
CA LYS A 91 13.17 7.67 0.14
C LYS A 91 13.21 7.84 1.67
N GLU A 92 12.95 6.77 2.43
CA GLU A 92 13.01 6.81 3.88
C GLU A 92 14.46 6.85 4.37
N GLY A 93 15.42 6.50 3.51
CA GLY A 93 16.84 6.50 3.85
C GLY A 93 17.69 6.12 2.66
N ALA A 1 16.45 -2.23 1.77
CA ALA A 1 16.61 -3.15 2.92
C ALA A 1 15.53 -2.89 3.98
N GLY A 2 15.24 -3.91 4.80
CA GLY A 2 14.24 -3.81 5.84
C GLY A 2 14.01 -5.15 6.53
N HIS A 3 12.99 -5.20 7.40
CA HIS A 3 12.71 -6.37 8.22
C HIS A 3 12.07 -7.52 7.43
N MET A 4 11.60 -7.26 6.21
CA MET A 4 10.98 -8.29 5.37
C MET A 4 11.34 -8.05 3.90
N ALA A 5 11.78 -9.11 3.22
CA ALA A 5 12.23 -9.07 1.83
C ALA A 5 13.32 -8.03 1.58
N THR A 6 12.91 -6.77 1.42
CA THR A 6 13.79 -5.65 1.12
C THR A 6 13.25 -4.32 1.64
N THR A 7 12.19 -4.38 2.45
CA THR A 7 11.53 -3.19 2.99
C THR A 7 11.03 -3.39 4.42
N LYS A 8 10.51 -2.32 5.04
CA LYS A 8 10.08 -2.36 6.43
C LYS A 8 8.68 -1.80 6.59
N ARG A 9 7.73 -2.71 6.89
CA ARG A 9 6.32 -2.44 7.08
C ARG A 9 5.66 -1.72 5.90
N VAL A 10 6.20 -1.84 4.69
CA VAL A 10 5.60 -1.23 3.51
C VAL A 10 4.89 -2.22 2.61
N LEU A 11 3.79 -1.79 2.00
CA LEU A 11 3.00 -2.61 1.10
C LEU A 11 2.71 -1.89 -0.19
N TYR A 12 3.03 -2.53 -1.31
CA TYR A 12 2.61 -2.09 -2.62
C TYR A 12 1.17 -2.45 -2.92
N VAL A 13 0.44 -1.54 -3.56
CA VAL A 13 -0.95 -1.75 -3.94
C VAL A 13 -1.17 -1.42 -5.40
N GLY A 14 -1.95 -2.24 -6.10
CA GLY A 14 -2.24 -2.02 -7.52
C GLY A 14 -3.66 -2.42 -7.86
N GLY A 15 -4.09 -2.10 -9.09
CA GLY A 15 -5.44 -2.41 -9.57
C GLY A 15 -6.47 -1.40 -9.07
N LEU A 16 -6.02 -0.32 -8.42
CA LEU A 16 -6.90 0.68 -7.86
C LEU A 16 -7.53 1.54 -8.95
N ALA A 17 -8.74 2.04 -8.70
CA ALA A 17 -9.40 2.98 -9.59
C ALA A 17 -8.78 4.38 -9.40
N GLU A 18 -8.95 5.26 -10.37
CA GLU A 18 -8.40 6.61 -10.29
C GLU A 18 -9.13 7.46 -9.23
N GLU A 19 -10.21 6.94 -8.68
CA GLU A 19 -11.00 7.65 -7.67
C GLU A 19 -10.50 7.32 -6.25
N VAL A 20 -9.63 6.32 -6.12
CA VAL A 20 -9.12 5.89 -4.83
C VAL A 20 -8.15 6.96 -4.29
N ASP A 21 -8.34 7.31 -3.01
CA ASP A 21 -7.52 8.27 -2.29
C ASP A 21 -6.90 7.67 -1.03
N ASP A 22 -6.02 8.42 -0.36
CA ASP A 22 -5.37 7.91 0.83
C ASP A 22 -6.34 7.59 1.97
N LYS A 23 -7.52 8.21 1.97
CA LYS A 23 -8.57 7.94 2.94
C LYS A 23 -9.21 6.57 2.66
N VAL A 24 -9.23 6.14 1.40
CA VAL A 24 -9.80 4.86 1.03
C VAL A 24 -8.88 3.75 1.47
N LEU A 25 -7.57 3.93 1.25
CA LEU A 25 -6.60 2.93 1.64
C LEU A 25 -6.46 2.90 3.16
N HIS A 26 -6.66 4.03 3.84
CA HIS A 26 -6.61 4.04 5.29
C HIS A 26 -7.82 3.30 5.84
N ALA A 27 -9.01 3.52 5.29
CA ALA A 27 -10.21 2.86 5.74
C ALA A 27 -10.16 1.35 5.41
N ALA A 28 -9.44 0.97 4.36
CA ALA A 28 -9.32 -0.42 3.97
C ALA A 28 -8.24 -1.15 4.79
N PHE A 29 -7.12 -0.48 5.08
CA PHE A 29 -5.99 -1.09 5.77
C PHE A 29 -5.94 -1.01 7.30
N ILE A 30 -6.81 -0.20 7.92
CA ILE A 30 -6.73 0.05 9.34
C ILE A 30 -7.14 -1.13 10.24
N PRO A 31 -8.03 -2.05 9.83
CA PRO A 31 -8.47 -3.12 10.73
C PRO A 31 -7.39 -4.18 10.96
N PHE A 32 -6.30 -4.17 10.19
CA PHE A 32 -5.25 -5.18 10.30
C PHE A 32 -4.17 -4.70 11.27
N GLY A 33 -4.16 -3.41 11.62
CA GLY A 33 -3.15 -2.88 12.52
C GLY A 33 -2.99 -1.37 12.38
N ASP A 34 -2.09 -0.79 13.17
CA ASP A 34 -1.85 0.64 13.14
C ASP A 34 -1.11 1.11 11.90
N ILE A 35 -1.81 1.82 11.01
CA ILE A 35 -1.17 2.44 9.85
C ILE A 35 -0.30 3.60 10.33
N THR A 36 0.83 3.84 9.65
CA THR A 36 1.72 4.94 9.96
C THR A 36 1.98 5.92 8.83
N ASP A 37 1.78 5.50 7.57
CA ASP A 37 1.91 6.41 6.44
C ASP A 37 1.22 5.78 5.23
N ILE A 38 0.88 6.60 4.23
CA ILE A 38 0.24 6.18 2.99
C ILE A 38 0.70 7.10 1.85
N GLN A 39 0.89 6.52 0.66
CA GLN A 39 1.34 7.24 -0.51
C GLN A 39 0.50 6.88 -1.73
N ILE A 40 0.08 7.91 -2.48
CA ILE A 40 -0.62 7.76 -3.74
C ILE A 40 -0.06 8.79 -4.72
N PRO A 41 1.13 8.54 -5.27
CA PRO A 41 1.80 9.44 -6.17
C PRO A 41 1.06 9.49 -7.51
N LEU A 42 0.98 10.68 -8.09
CA LEU A 42 0.39 10.86 -9.42
C LEU A 42 1.45 10.57 -10.48
N ASP A 43 1.08 10.72 -11.76
CA ASP A 43 1.88 10.29 -12.87
C ASP A 43 3.16 11.10 -13.07
N TYR A 44 3.33 12.22 -12.35
CA TYR A 44 4.47 13.12 -12.53
C TYR A 44 4.72 13.62 -13.95
N GLU A 45 3.67 13.66 -14.78
CA GLU A 45 3.77 14.14 -16.15
C GLU A 45 2.45 14.81 -16.55
N THR A 46 1.34 14.34 -15.99
CA THR A 46 0.01 14.88 -16.23
C THR A 46 -0.85 15.07 -14.98
N GLU A 47 -0.26 14.89 -13.80
CA GLU A 47 -0.92 15.08 -12.52
C GLU A 47 -2.19 14.24 -12.35
N LYS A 48 -2.15 12.98 -12.79
CA LYS A 48 -3.27 12.05 -12.62
C LYS A 48 -2.79 10.76 -11.97
N HIS A 49 -3.71 10.03 -11.32
CA HIS A 49 -3.39 8.79 -10.64
C HIS A 49 -3.14 7.66 -11.64
N ARG A 50 -2.24 6.73 -11.28
CA ARG A 50 -1.88 5.59 -12.14
C ARG A 50 -2.54 4.28 -11.71
N GLY A 51 -3.39 4.31 -10.69
CA GLY A 51 -4.09 3.12 -10.23
C GLY A 51 -3.22 2.23 -9.33
N PHE A 52 -2.22 2.80 -8.66
CA PHE A 52 -1.34 2.04 -7.79
C PHE A 52 -1.05 2.98 -6.61
N ALA A 53 -0.56 2.41 -5.51
CA ALA A 53 -0.31 3.16 -4.29
C ALA A 53 0.62 2.37 -3.37
N PHE A 54 0.92 2.94 -2.20
CA PHE A 54 1.72 2.28 -1.18
C PHE A 54 1.08 2.58 0.17
N VAL A 55 1.23 1.65 1.10
CA VAL A 55 0.69 1.76 2.46
C VAL A 55 1.81 1.33 3.40
N GLU A 56 1.88 1.92 4.60
CA GLU A 56 2.95 1.61 5.53
C GLU A 56 2.43 1.53 6.96
N PHE A 57 2.74 0.40 7.61
CA PHE A 57 2.33 0.09 8.97
C PHE A 57 3.32 0.48 10.07
N GLU A 58 2.83 0.58 11.31
CA GLU A 58 3.67 0.86 12.46
C GLU A 58 4.40 -0.42 12.90
N LEU A 59 3.84 -1.60 12.57
CA LEU A 59 4.42 -2.89 12.88
C LEU A 59 4.56 -3.72 11.60
N ALA A 60 5.58 -4.59 11.56
CA ALA A 60 5.82 -5.44 10.39
C ALA A 60 4.81 -6.59 10.33
N GLU A 61 4.39 -7.11 11.48
CA GLU A 61 3.44 -8.21 11.52
C GLU A 61 2.06 -7.74 11.07
N ASP A 62 1.77 -6.44 11.23
CA ASP A 62 0.52 -5.88 10.75
C ASP A 62 0.50 -5.76 9.23
N ALA A 63 1.68 -5.53 8.63
CA ALA A 63 1.80 -5.47 7.19
C ALA A 63 1.71 -6.87 6.61
N ALA A 64 2.27 -7.87 7.30
CA ALA A 64 2.17 -9.26 6.84
C ALA A 64 0.73 -9.75 6.94
N ALA A 65 0.02 -9.36 8.00
CA ALA A 65 -1.38 -9.72 8.15
C ALA A 65 -2.23 -9.01 7.11
N ALA A 66 -1.85 -7.76 6.77
CA ALA A 66 -2.56 -7.03 5.73
C ALA A 66 -2.37 -7.68 4.38
N ILE A 67 -1.18 -8.22 4.09
CA ILE A 67 -0.99 -8.96 2.84
C ILE A 67 -1.89 -10.18 2.85
N ASP A 68 -1.94 -10.89 3.98
CA ASP A 68 -2.75 -12.09 4.11
C ASP A 68 -4.26 -11.87 4.18
N ASN A 69 -4.71 -10.63 4.43
CA ASN A 69 -6.14 -10.35 4.56
C ASN A 69 -6.65 -9.20 3.68
N MET A 70 -5.87 -8.74 2.69
CA MET A 70 -6.33 -7.68 1.78
C MET A 70 -5.93 -7.95 0.33
N ASN A 71 -5.01 -8.89 0.07
CA ASN A 71 -4.68 -9.23 -1.30
C ASN A 71 -5.92 -9.75 -2.03
N GLU A 72 -5.95 -9.58 -3.36
CA GLU A 72 -7.05 -10.01 -4.22
C GLU A 72 -8.42 -9.45 -3.81
N SER A 73 -8.44 -8.41 -2.96
CA SER A 73 -9.67 -7.74 -2.56
C SER A 73 -10.18 -6.87 -3.71
N GLU A 74 -11.28 -6.15 -3.49
CA GLU A 74 -11.90 -5.33 -4.52
C GLU A 74 -12.31 -3.97 -3.97
N LEU A 75 -11.75 -2.91 -4.54
CA LEU A 75 -12.04 -1.52 -4.17
C LEU A 75 -12.56 -0.80 -5.41
N PHE A 76 -13.56 0.07 -5.23
CA PHE A 76 -14.12 0.83 -6.34
C PHE A 76 -14.63 0.03 -7.55
N GLY A 77 -14.92 -1.26 -7.33
CA GLY A 77 -15.43 -2.13 -8.38
C GLY A 77 -14.32 -2.78 -9.21
N ARG A 78 -13.07 -2.71 -8.73
CA ARG A 78 -11.92 -3.28 -9.41
C ARG A 78 -11.08 -4.10 -8.45
N THR A 79 -10.56 -5.24 -8.91
CA THR A 79 -9.66 -6.07 -8.12
C THR A 79 -8.31 -5.43 -7.83
N ILE A 80 -7.75 -5.70 -6.65
CA ILE A 80 -6.47 -5.11 -6.26
C ILE A 80 -5.43 -6.20 -6.03
N ARG A 81 -4.17 -5.77 -5.96
CA ARG A 81 -3.02 -6.60 -5.69
C ARG A 81 -2.22 -5.97 -4.57
N VAL A 82 -1.68 -6.79 -3.65
CA VAL A 82 -0.96 -6.29 -2.48
C VAL A 82 0.23 -7.18 -2.11
N ASN A 83 1.40 -6.57 -1.91
CA ASN A 83 2.59 -7.31 -1.48
C ASN A 83 3.65 -6.32 -0.99
N LEU A 84 4.79 -6.82 -0.49
CA LEU A 84 5.90 -5.96 -0.08
C LEU A 84 6.45 -5.19 -1.29
N ALA A 85 7.05 -4.02 -1.05
CA ALA A 85 7.60 -3.19 -2.11
C ALA A 85 8.82 -3.84 -2.75
N LYS A 86 9.05 -3.52 -4.03
CA LYS A 86 10.24 -3.94 -4.75
C LYS A 86 11.50 -3.32 -4.13
N PRO A 87 12.67 -3.91 -4.39
CA PRO A 87 13.93 -3.40 -3.88
C PRO A 87 14.26 -2.05 -4.52
N MET A 88 14.54 -1.06 -3.67
CA MET A 88 14.95 0.27 -4.08
C MET A 88 15.39 1.05 -2.85
N ARG A 89 16.09 2.17 -3.06
CA ARG A 89 16.37 3.09 -1.97
C ARG A 89 15.07 3.79 -1.62
N ILE A 90 14.63 3.67 -0.36
CA ILE A 90 13.37 4.25 0.07
C ILE A 90 13.58 5.63 0.67
N LYS A 91 12.66 6.56 0.43
CA LYS A 91 12.77 7.93 0.91
C LYS A 91 12.53 8.06 2.41
N GLU A 92 11.96 7.02 3.03
CA GLU A 92 11.72 7.00 4.47
C GLU A 92 13.00 6.71 5.25
N GLY A 93 13.97 6.08 4.58
CA GLY A 93 15.24 5.71 5.21
C GLY A 93 15.98 4.68 4.36
N ALA A 1 8.11 -0.67 14.86
CA ALA A 1 9.33 -1.12 14.15
C ALA A 1 9.16 -2.55 13.62
N GLY A 2 10.07 -2.98 12.74
CA GLY A 2 10.05 -4.32 12.18
C GLY A 2 10.86 -4.39 10.89
N HIS A 3 11.06 -5.60 10.37
CA HIS A 3 11.81 -5.83 9.15
C HIS A 3 11.45 -7.20 8.56
N MET A 4 11.39 -7.30 7.22
CA MET A 4 11.04 -8.56 6.56
C MET A 4 11.68 -8.70 5.18
N ALA A 5 12.07 -7.60 4.53
CA ALA A 5 12.56 -7.65 3.15
C ALA A 5 13.39 -6.41 2.82
N THR A 6 13.55 -6.15 1.51
CA THR A 6 14.21 -4.95 1.01
C THR A 6 13.53 -3.67 1.50
N THR A 7 12.34 -3.80 2.10
CA THR A 7 11.61 -2.71 2.72
C THR A 7 11.06 -3.11 4.09
N LYS A 8 10.51 -2.15 4.85
CA LYS A 8 10.03 -2.43 6.20
C LYS A 8 8.64 -1.85 6.42
N ARG A 9 7.70 -2.74 6.74
CA ARG A 9 6.29 -2.47 6.98
C ARG A 9 5.62 -1.74 5.82
N VAL A 10 6.14 -1.85 4.59
CA VAL A 10 5.52 -1.23 3.43
C VAL A 10 4.80 -2.23 2.54
N LEU A 11 3.66 -1.83 1.99
CA LEU A 11 2.86 -2.66 1.12
C LEU A 11 2.56 -1.97 -0.20
N TYR A 12 2.91 -2.62 -1.31
CA TYR A 12 2.49 -2.21 -2.62
C TYR A 12 1.04 -2.58 -2.92
N VAL A 13 0.31 -1.68 -3.56
CA VAL A 13 -1.07 -1.91 -3.94
C VAL A 13 -1.27 -1.58 -5.42
N GLY A 14 -2.00 -2.44 -6.13
CA GLY A 14 -2.23 -2.26 -7.55
C GLY A 14 -3.67 -2.60 -7.93
N GLY A 15 -4.05 -2.30 -9.17
CA GLY A 15 -5.40 -2.57 -9.67
C GLY A 15 -6.40 -1.52 -9.19
N LEU A 16 -5.92 -0.46 -8.53
CA LEU A 16 -6.79 0.58 -7.99
C LEU A 16 -7.40 1.43 -9.09
N ALA A 17 -8.60 1.96 -8.83
CA ALA A 17 -9.27 2.88 -9.73
C ALA A 17 -8.69 4.29 -9.55
N GLU A 18 -8.92 5.16 -10.53
CA GLU A 18 -8.43 6.53 -10.50
C GLU A 18 -9.07 7.34 -9.36
N GLU A 19 -10.21 6.85 -8.85
CA GLU A 19 -10.97 7.51 -7.80
C GLU A 19 -10.46 7.17 -6.40
N VAL A 20 -9.53 6.22 -6.28
CA VAL A 20 -9.01 5.80 -4.98
C VAL A 20 -8.07 6.87 -4.42
N ASP A 21 -8.31 7.23 -3.15
CA ASP A 21 -7.51 8.20 -2.41
C ASP A 21 -6.90 7.61 -1.15
N ASP A 22 -6.01 8.34 -0.48
CA ASP A 22 -5.37 7.85 0.73
C ASP A 22 -6.34 7.53 1.86
N LYS A 23 -7.52 8.15 1.84
CA LYS A 23 -8.58 7.87 2.80
C LYS A 23 -9.22 6.52 2.54
N VAL A 24 -9.21 6.07 1.28
CA VAL A 24 -9.79 4.79 0.91
C VAL A 24 -8.88 3.67 1.37
N LEU A 25 -7.58 3.83 1.16
CA LEU A 25 -6.61 2.83 1.59
C LEU A 25 -6.48 2.84 3.11
N HIS A 26 -6.69 3.99 3.75
CA HIS A 26 -6.65 4.05 5.20
C HIS A 26 -7.85 3.30 5.78
N ALA A 27 -9.03 3.51 5.19
CA ALA A 27 -10.23 2.83 5.66
C ALA A 27 -10.16 1.33 5.38
N ALA A 28 -9.44 0.93 4.33
CA ALA A 28 -9.29 -0.48 3.98
C ALA A 28 -8.22 -1.18 4.84
N PHE A 29 -7.11 -0.49 5.13
CA PHE A 29 -5.97 -1.07 5.84
C PHE A 29 -5.93 -0.94 7.37
N ILE A 30 -6.79 -0.11 7.95
CA ILE A 30 -6.71 0.19 9.37
C ILE A 30 -7.08 -0.97 10.30
N PRO A 31 -7.95 -1.93 9.95
CA PRO A 31 -8.34 -2.97 10.89
C PRO A 31 -7.23 -4.00 11.12
N PHE A 32 -6.16 -3.96 10.34
CA PHE A 32 -5.08 -4.93 10.46
C PHE A 32 -3.99 -4.41 11.41
N GLY A 33 -4.02 -3.12 11.74
CA GLY A 33 -3.03 -2.53 12.63
C GLY A 33 -2.89 -1.03 12.44
N ASP A 34 -2.00 -0.41 13.22
CA ASP A 34 -1.78 1.02 13.14
C ASP A 34 -1.04 1.44 11.88
N ILE A 35 -1.74 2.06 10.92
CA ILE A 35 -1.11 2.60 9.73
C ILE A 35 -0.30 3.82 10.12
N THR A 36 0.98 3.85 9.72
CA THR A 36 1.85 4.98 10.02
C THR A 36 2.02 5.97 8.89
N ASP A 37 1.80 5.55 7.63
CA ASP A 37 1.88 6.47 6.50
C ASP A 37 1.21 5.82 5.30
N ILE A 38 0.87 6.63 4.29
CA ILE A 38 0.24 6.19 3.05
C ILE A 38 0.71 7.08 1.90
N GLN A 39 0.88 6.49 0.71
CA GLN A 39 1.34 7.20 -0.47
C GLN A 39 0.49 6.85 -1.68
N ILE A 40 0.10 7.87 -2.45
CA ILE A 40 -0.59 7.71 -3.73
C ILE A 40 -0.01 8.73 -4.70
N PRO A 41 1.14 8.40 -5.31
CA PRO A 41 1.80 9.27 -6.27
C PRO A 41 1.00 9.34 -7.57
N LEU A 42 1.36 10.32 -8.41
CA LEU A 42 0.70 10.60 -9.66
C LEU A 42 1.70 10.51 -10.82
N ASP A 43 1.26 10.82 -12.04
CA ASP A 43 2.13 10.79 -13.21
C ASP A 43 3.39 11.65 -13.18
N TYR A 44 3.44 12.68 -12.32
CA TYR A 44 4.52 13.66 -12.35
C TYR A 44 4.76 14.34 -13.71
N GLU A 45 3.71 14.40 -14.53
CA GLU A 45 3.76 15.00 -15.86
C GLU A 45 2.38 15.61 -16.18
N THR A 46 1.32 15.00 -15.66
CA THR A 46 -0.06 15.44 -15.85
C THR A 46 -0.92 15.47 -14.58
N GLU A 47 -0.30 15.25 -13.42
CA GLU A 47 -0.96 15.33 -12.12
C GLU A 47 -2.19 14.44 -11.99
N LYS A 48 -2.10 13.18 -12.45
CA LYS A 48 -3.20 12.23 -12.30
C LYS A 48 -2.69 10.85 -11.87
N HIS A 49 -3.57 10.08 -11.24
CA HIS A 49 -3.26 8.79 -10.63
C HIS A 49 -2.91 7.72 -11.68
N ARG A 50 -2.24 6.65 -11.22
CA ARG A 50 -1.76 5.56 -12.08
C ARG A 50 -2.37 4.20 -11.71
N GLY A 51 -3.29 4.18 -10.73
CA GLY A 51 -3.95 2.94 -10.34
C GLY A 51 -3.11 2.07 -9.42
N PHE A 52 -2.14 2.66 -8.70
CA PHE A 52 -1.30 1.90 -7.79
C PHE A 52 -1.03 2.84 -6.63
N ALA A 53 -0.55 2.29 -5.51
CA ALA A 53 -0.31 3.05 -4.29
C ALA A 53 0.58 2.27 -3.33
N PHE A 54 0.85 2.87 -2.16
CA PHE A 54 1.63 2.23 -1.11
C PHE A 54 0.95 2.53 0.22
N VAL A 55 1.12 1.62 1.18
CA VAL A 55 0.60 1.76 2.53
C VAL A 55 1.71 1.31 3.46
N GLU A 56 1.85 1.95 4.62
CA GLU A 56 2.94 1.63 5.53
C GLU A 56 2.45 1.55 6.97
N PHE A 57 2.74 0.40 7.61
CA PHE A 57 2.35 0.09 8.97
C PHE A 57 3.37 0.48 10.04
N GLU A 58 2.90 0.58 11.29
CA GLU A 58 3.78 0.85 12.42
C GLU A 58 4.51 -0.43 12.85
N LEU A 59 3.92 -1.61 12.58
CA LEU A 59 4.52 -2.90 12.88
C LEU A 59 4.59 -3.74 11.61
N ALA A 60 5.59 -4.64 11.52
CA ALA A 60 5.75 -5.49 10.35
C ALA A 60 4.77 -6.65 10.36
N GLU A 61 4.37 -7.13 11.54
CA GLU A 61 3.42 -8.23 11.63
C GLU A 61 2.04 -7.76 11.19
N ASP A 62 1.76 -6.46 11.31
CA ASP A 62 0.50 -5.89 10.84
C ASP A 62 0.48 -5.80 9.32
N ALA A 63 1.66 -5.58 8.71
CA ALA A 63 1.79 -5.54 7.27
C ALA A 63 1.69 -6.95 6.70
N ALA A 64 2.22 -7.94 7.42
CA ALA A 64 2.12 -9.33 6.99
C ALA A 64 0.67 -9.80 7.09
N ALA A 65 -0.04 -9.39 8.15
CA ALA A 65 -1.45 -9.74 8.29
C ALA A 65 -2.27 -9.02 7.23
N ALA A 66 -1.89 -7.79 6.88
CA ALA A 66 -2.59 -7.05 5.86
C ALA A 66 -2.40 -7.71 4.49
N ILE A 67 -1.22 -8.26 4.20
CA ILE A 67 -1.03 -9.00 2.96
C ILE A 67 -1.93 -10.23 2.98
N ASP A 68 -1.97 -10.93 4.12
CA ASP A 68 -2.78 -12.13 4.26
C ASP A 68 -4.30 -11.92 4.34
N ASN A 69 -4.75 -10.67 4.56
CA ASN A 69 -6.17 -10.38 4.69
C ASN A 69 -6.68 -9.24 3.80
N MET A 70 -5.89 -8.79 2.82
CA MET A 70 -6.35 -7.74 1.90
C MET A 70 -5.96 -8.00 0.45
N ASN A 71 -5.04 -8.96 0.20
CA ASN A 71 -4.73 -9.31 -1.18
C ASN A 71 -5.98 -9.88 -1.87
N GLU A 72 -6.02 -9.76 -3.20
CA GLU A 72 -7.13 -10.23 -4.02
C GLU A 72 -8.48 -9.61 -3.62
N SER A 73 -8.46 -8.54 -2.83
CA SER A 73 -9.67 -7.81 -2.45
C SER A 73 -10.15 -6.96 -3.62
N GLU A 74 -11.13 -6.08 -3.38
CA GLU A 74 -11.73 -5.27 -4.43
C GLU A 74 -12.03 -3.86 -3.91
N LEU A 75 -11.67 -2.84 -4.69
CA LEU A 75 -11.95 -1.45 -4.39
C LEU A 75 -12.49 -0.76 -5.64
N PHE A 76 -13.48 0.12 -5.47
CA PHE A 76 -14.10 0.82 -6.58
C PHE A 76 -14.68 -0.03 -7.71
N GLY A 77 -14.95 -1.31 -7.41
CA GLY A 77 -15.52 -2.24 -8.37
C GLY A 77 -14.46 -2.97 -9.19
N ARG A 78 -13.18 -2.89 -8.78
CA ARG A 78 -12.08 -3.55 -9.47
C ARG A 78 -11.17 -4.27 -8.48
N THR A 79 -10.65 -5.42 -8.89
CA THR A 79 -9.74 -6.22 -8.07
C THR A 79 -8.40 -5.56 -7.79
N ILE A 80 -7.79 -5.87 -6.63
CA ILE A 80 -6.52 -5.26 -6.26
C ILE A 80 -5.45 -6.32 -6.00
N ARG A 81 -4.18 -5.88 -6.04
CA ARG A 81 -3.01 -6.69 -5.72
C ARG A 81 -2.36 -6.07 -4.48
N VAL A 82 -1.80 -6.90 -3.60
CA VAL A 82 -1.13 -6.43 -2.39
C VAL A 82 0.07 -7.30 -2.04
N ASN A 83 1.26 -6.68 -1.88
CA ASN A 83 2.45 -7.40 -1.46
C ASN A 83 3.54 -6.40 -1.06
N LEU A 84 4.70 -6.86 -0.59
CA LEU A 84 5.80 -5.97 -0.24
C LEU A 84 6.30 -5.23 -1.49
N ALA A 85 6.89 -4.04 -1.29
CA ALA A 85 7.39 -3.24 -2.39
C ALA A 85 8.63 -3.87 -3.02
N LYS A 86 8.87 -3.54 -4.29
CA LYS A 86 10.07 -3.96 -5.01
C LYS A 86 11.32 -3.31 -4.38
N PRO A 87 12.50 -3.89 -4.60
CA PRO A 87 13.75 -3.34 -4.09
C PRO A 87 14.07 -2.01 -4.78
N MET A 88 14.36 -1.00 -3.98
CA MET A 88 14.75 0.32 -4.46
C MET A 88 15.33 1.13 -3.29
N ARG A 89 16.03 2.21 -3.60
CA ARG A 89 16.46 3.18 -2.60
C ARG A 89 15.22 3.93 -2.10
N ILE A 90 14.63 3.44 -1.01
CA ILE A 90 13.43 4.02 -0.43
C ILE A 90 13.75 5.39 0.17
N LYS A 91 12.78 6.31 0.13
CA LYS A 91 12.94 7.67 0.65
C LYS A 91 12.82 7.72 2.17
N GLU A 92 13.27 6.67 2.86
CA GLU A 92 13.24 6.59 4.32
C GLU A 92 14.17 7.64 4.95
N GLY A 93 15.17 8.10 4.18
CA GLY A 93 16.14 9.09 4.63
C GLY A 93 17.20 9.35 3.58
N ALA A 1 18.61 -12.48 12.01
CA ALA A 1 17.26 -11.95 11.78
C ALA A 1 17.33 -10.69 10.91
N GLY A 2 16.18 -10.28 10.37
CA GLY A 2 16.10 -9.10 9.51
C GLY A 2 14.66 -8.87 9.04
N HIS A 3 14.46 -7.84 8.21
CA HIS A 3 13.17 -7.50 7.66
C HIS A 3 12.69 -8.56 6.68
N MET A 4 11.39 -8.58 6.37
CA MET A 4 10.79 -9.56 5.47
C MET A 4 11.25 -9.34 4.03
N ALA A 5 11.75 -8.15 3.70
CA ALA A 5 12.18 -7.81 2.35
C ALA A 5 13.09 -6.58 2.37
N THR A 6 13.36 -6.05 1.18
CA THR A 6 14.15 -4.84 0.95
C THR A 6 13.50 -3.59 1.56
N THR A 7 12.30 -3.73 2.14
CA THR A 7 11.56 -2.65 2.77
C THR A 7 11.04 -3.02 4.14
N LYS A 8 10.46 -2.05 4.86
CA LYS A 8 10.03 -2.25 6.24
C LYS A 8 8.60 -1.75 6.45
N ARG A 9 7.70 -2.68 6.79
CA ARG A 9 6.29 -2.45 7.05
C ARG A 9 5.57 -1.73 5.91
N VAL A 10 6.06 -1.84 4.67
CA VAL A 10 5.44 -1.17 3.53
C VAL A 10 4.74 -2.21 2.68
N LEU A 11 3.65 -1.79 2.02
CA LEU A 11 2.88 -2.64 1.12
C LEU A 11 2.58 -1.91 -0.17
N TYR A 12 2.98 -2.51 -1.29
CA TYR A 12 2.56 -2.07 -2.60
C TYR A 12 1.12 -2.45 -2.89
N VAL A 13 0.37 -1.55 -3.55
CA VAL A 13 -1.00 -1.78 -3.94
C VAL A 13 -1.21 -1.46 -5.41
N GLY A 14 -2.01 -2.27 -6.11
CA GLY A 14 -2.26 -2.10 -7.52
C GLY A 14 -3.69 -2.48 -7.89
N GLY A 15 -4.09 -2.15 -9.11
CA GLY A 15 -5.43 -2.43 -9.61
C GLY A 15 -6.48 -1.44 -9.10
N LEU A 16 -6.03 -0.39 -8.40
CA LEU A 16 -6.91 0.60 -7.82
C LEU A 16 -7.60 1.45 -8.90
N ALA A 17 -8.79 1.96 -8.58
CA ALA A 17 -9.49 2.88 -9.46
C ALA A 17 -8.86 4.26 -9.34
N GLU A 18 -9.09 5.12 -10.33
CA GLU A 18 -8.52 6.47 -10.34
C GLU A 18 -9.20 7.37 -9.31
N GLU A 19 -10.27 6.89 -8.67
CA GLU A 19 -10.99 7.64 -7.66
C GLU A 19 -10.47 7.33 -6.24
N VAL A 20 -9.64 6.30 -6.11
CA VAL A 20 -9.12 5.89 -4.81
C VAL A 20 -8.15 6.96 -4.29
N ASP A 21 -8.33 7.31 -3.00
CA ASP A 21 -7.51 8.27 -2.28
C ASP A 21 -6.88 7.68 -1.02
N ASP A 22 -5.99 8.42 -0.37
CA ASP A 22 -5.34 7.93 0.83
C ASP A 22 -6.29 7.61 1.97
N LYS A 23 -7.48 8.24 1.97
CA LYS A 23 -8.53 7.96 2.95
C LYS A 23 -9.18 6.61 2.68
N VAL A 24 -9.20 6.18 1.42
CA VAL A 24 -9.79 4.90 1.04
C VAL A 24 -8.86 3.77 1.48
N LEU A 25 -7.56 3.94 1.24
CA LEU A 25 -6.59 2.94 1.64
C LEU A 25 -6.44 2.92 3.16
N HIS A 26 -6.65 4.07 3.82
CA HIS A 26 -6.60 4.08 5.27
C HIS A 26 -7.79 3.32 5.83
N ALA A 27 -8.99 3.53 5.25
CA ALA A 27 -10.18 2.84 5.72
C ALA A 27 -10.12 1.35 5.39
N ALA A 28 -9.39 0.97 4.33
CA ALA A 28 -9.26 -0.43 3.94
C ALA A 28 -8.18 -1.16 4.75
N PHE A 29 -7.08 -0.47 5.08
CA PHE A 29 -5.94 -1.08 5.77
C PHE A 29 -5.90 -0.99 7.29
N ILE A 30 -6.77 -0.17 7.91
CA ILE A 30 -6.70 0.08 9.35
C ILE A 30 -7.11 -1.12 10.23
N PRO A 31 -7.99 -2.05 9.83
CA PRO A 31 -8.42 -3.11 10.72
C PRO A 31 -7.35 -4.18 10.96
N PHE A 32 -6.26 -4.17 10.18
CA PHE A 32 -5.21 -5.17 10.30
C PHE A 32 -4.14 -4.68 11.28
N GLY A 33 -4.14 -3.39 11.62
CA GLY A 33 -3.14 -2.84 12.53
C GLY A 33 -3.01 -1.33 12.39
N ASP A 34 -2.14 -0.73 13.20
CA ASP A 34 -1.94 0.71 13.16
C ASP A 34 -1.17 1.18 11.95
N ILE A 35 -1.84 1.87 11.03
CA ILE A 35 -1.18 2.48 9.88
C ILE A 35 -0.31 3.64 10.36
N THR A 36 0.81 3.88 9.67
CA THR A 36 1.71 4.98 10.00
C THR A 36 1.99 5.96 8.87
N ASP A 37 1.78 5.54 7.61
CA ASP A 37 1.92 6.45 6.47
C ASP A 37 1.22 5.81 5.28
N ILE A 38 0.88 6.64 4.27
CA ILE A 38 0.23 6.20 3.04
C ILE A 38 0.68 7.09 1.89
N GLN A 39 0.82 6.50 0.70
CA GLN A 39 1.27 7.20 -0.49
C GLN A 39 0.42 6.83 -1.70
N ILE A 40 0.04 7.86 -2.47
CA ILE A 40 -0.65 7.69 -3.74
C ILE A 40 -0.08 8.72 -4.71
N PRO A 41 1.10 8.45 -5.26
CA PRO A 41 1.79 9.36 -6.16
C PRO A 41 1.05 9.44 -7.49
N LEU A 42 0.95 10.64 -8.04
CA LEU A 42 0.38 10.84 -9.37
C LEU A 42 1.44 10.54 -10.43
N ASP A 43 1.07 10.69 -11.69
CA ASP A 43 1.88 10.25 -12.83
C ASP A 43 3.19 11.04 -13.00
N TYR A 44 3.38 12.14 -12.27
CA TYR A 44 4.56 12.99 -12.41
C TYR A 44 4.84 13.52 -13.82
N GLU A 45 3.80 13.62 -14.65
CA GLU A 45 3.92 14.11 -16.03
C GLU A 45 2.62 14.79 -16.44
N THR A 46 1.49 14.31 -15.89
CA THR A 46 0.15 14.85 -16.16
C THR A 46 -0.72 15.03 -14.92
N GLU A 47 -0.13 14.84 -13.73
CA GLU A 47 -0.79 15.07 -12.44
C GLU A 47 -2.09 14.27 -12.29
N LYS A 48 -2.06 12.98 -12.66
CA LYS A 48 -3.21 12.10 -12.49
C LYS A 48 -2.77 10.75 -11.91
N HIS A 49 -3.69 10.04 -11.26
CA HIS A 49 -3.41 8.77 -10.60
C HIS A 49 -3.18 7.66 -11.63
N ARG A 50 -2.33 6.68 -11.28
CA ARG A 50 -1.98 5.56 -12.14
C ARG A 50 -2.63 4.24 -11.73
N GLY A 51 -3.47 4.25 -10.67
CA GLY A 51 -4.15 3.06 -10.22
C GLY A 51 -3.28 2.16 -9.33
N PHE A 52 -2.29 2.74 -8.66
CA PHE A 52 -1.41 1.96 -7.78
C PHE A 52 -1.11 2.90 -6.62
N ALA A 53 -0.58 2.36 -5.52
CA ALA A 53 -0.30 3.10 -4.31
C ALA A 53 0.65 2.33 -3.39
N PHE A 54 0.96 2.92 -2.23
CA PHE A 54 1.77 2.28 -1.20
C PHE A 54 1.11 2.58 0.14
N VAL A 55 1.32 1.69 1.12
CA VAL A 55 0.75 1.81 2.45
C VAL A 55 1.85 1.41 3.42
N GLU A 56 1.87 1.97 4.63
CA GLU A 56 2.93 1.67 5.57
C GLU A 56 2.39 1.57 6.99
N PHE A 57 2.71 0.44 7.63
CA PHE A 57 2.31 0.12 8.99
C PHE A 57 3.28 0.50 10.11
N GLU A 58 2.78 0.61 11.33
CA GLU A 58 3.61 0.89 12.50
C GLU A 58 4.39 -0.36 12.93
N LEU A 59 3.95 -1.54 12.48
CA LEU A 59 4.57 -2.81 12.81
C LEU A 59 4.61 -3.72 11.58
N ALA A 60 5.62 -4.60 11.51
CA ALA A 60 5.81 -5.48 10.36
C ALA A 60 4.78 -6.62 10.36
N GLU A 61 4.35 -7.07 11.54
CA GLU A 61 3.38 -8.16 11.62
C GLU A 61 2.01 -7.68 11.17
N ASP A 62 1.74 -6.38 11.27
CA ASP A 62 0.50 -5.81 10.78
C ASP A 62 0.50 -5.76 9.25
N ALA A 63 1.69 -5.56 8.66
CA ALA A 63 1.83 -5.55 7.22
C ALA A 63 1.70 -6.97 6.67
N ALA A 64 2.21 -7.96 7.40
CA ALA A 64 2.08 -9.35 6.98
C ALA A 64 0.62 -9.80 7.08
N ALA A 65 -0.09 -9.36 8.14
CA ALA A 65 -1.49 -9.70 8.30
C ALA A 65 -2.32 -8.98 7.23
N ALA A 66 -1.90 -7.78 6.82
CA ALA A 66 -2.58 -7.05 5.77
C ALA A 66 -2.40 -7.76 4.43
N ILE A 67 -1.21 -8.30 4.15
CA ILE A 67 -1.01 -9.07 2.92
C ILE A 67 -1.92 -10.28 2.94
N ASP A 68 -2.02 -10.95 4.10
CA ASP A 68 -2.83 -12.15 4.24
C ASP A 68 -4.34 -11.89 4.15
N ASN A 69 -4.79 -10.68 4.52
CA ASN A 69 -6.21 -10.37 4.61
C ASN A 69 -6.69 -9.23 3.70
N MET A 70 -5.90 -8.81 2.71
CA MET A 70 -6.32 -7.77 1.78
C MET A 70 -5.91 -8.04 0.34
N ASN A 71 -5.00 -8.98 0.09
CA ASN A 71 -4.65 -9.31 -1.28
C ASN A 71 -5.85 -9.83 -2.05
N GLU A 72 -5.85 -9.65 -3.37
CA GLU A 72 -6.92 -10.10 -4.25
C GLU A 72 -8.30 -9.55 -3.87
N SER A 73 -8.34 -8.52 -3.01
CA SER A 73 -9.58 -7.86 -2.63
C SER A 73 -10.07 -6.97 -3.77
N GLU A 74 -11.08 -6.12 -3.51
CA GLU A 74 -11.67 -5.27 -4.53
C GLU A 74 -12.01 -3.90 -3.93
N LEU A 75 -11.64 -2.83 -4.66
CA LEU A 75 -11.94 -1.45 -4.29
C LEU A 75 -12.50 -0.71 -5.50
N PHE A 76 -13.51 0.12 -5.28
CA PHE A 76 -14.12 0.89 -6.36
C PHE A 76 -14.63 0.10 -7.58
N GLY A 77 -14.91 -1.19 -7.38
CA GLY A 77 -15.42 -2.06 -8.44
C GLY A 77 -14.30 -2.67 -9.27
N ARG A 78 -13.05 -2.57 -8.80
CA ARG A 78 -11.89 -3.13 -9.49
C ARG A 78 -11.04 -3.96 -8.54
N THR A 79 -10.58 -5.12 -9.00
CA THR A 79 -9.72 -5.99 -8.21
C THR A 79 -8.35 -5.42 -7.90
N ILE A 80 -7.80 -5.71 -6.71
CA ILE A 80 -6.52 -5.15 -6.29
C ILE A 80 -5.48 -6.24 -6.08
N ARG A 81 -4.23 -5.79 -5.92
CA ARG A 81 -3.07 -6.63 -5.64
C ARG A 81 -2.27 -5.97 -4.53
N VAL A 82 -1.70 -6.79 -3.63
CA VAL A 82 -0.98 -6.30 -2.46
C VAL A 82 0.22 -7.17 -2.11
N ASN A 83 1.40 -6.55 -1.94
CA ASN A 83 2.60 -7.27 -1.53
C ASN A 83 3.68 -6.28 -1.11
N LEU A 84 4.81 -6.78 -0.58
CA LEU A 84 5.93 -5.93 -0.19
C LEU A 84 6.50 -5.21 -1.40
N ALA A 85 7.13 -4.04 -1.18
CA ALA A 85 7.66 -3.22 -2.26
C ALA A 85 8.89 -3.83 -2.93
N LYS A 86 9.10 -3.49 -4.20
CA LYS A 86 10.28 -3.86 -4.97
C LYS A 86 11.52 -3.13 -4.45
N PRO A 87 12.73 -3.64 -4.74
CA PRO A 87 13.97 -3.00 -4.34
C PRO A 87 14.19 -1.67 -5.05
N MET A 88 14.37 -0.63 -4.24
CA MET A 88 14.69 0.72 -4.67
C MET A 88 15.07 1.53 -3.43
N ARG A 89 15.73 2.67 -3.58
CA ARG A 89 15.99 3.54 -2.43
C ARG A 89 14.64 4.05 -1.93
N ILE A 90 14.42 3.99 -0.62
CA ILE A 90 13.13 4.35 -0.03
C ILE A 90 13.22 5.70 0.68
N LYS A 91 12.08 6.35 0.88
CA LYS A 91 11.97 7.64 1.57
C LYS A 91 12.42 7.53 3.03
N GLU A 92 12.57 6.30 3.55
CA GLU A 92 13.03 6.05 4.90
C GLU A 92 13.61 4.65 5.00
N GLY A 93 14.64 4.48 5.84
CA GLY A 93 15.30 3.19 6.03
C GLY A 93 16.08 2.76 4.79
N ALA A 1 18.48 -12.49 10.60
CA ALA A 1 17.10 -12.55 10.09
C ALA A 1 16.77 -11.32 9.23
N GLY A 2 16.75 -10.13 9.85
CA GLY A 2 16.44 -8.89 9.16
C GLY A 2 14.96 -8.78 8.81
N HIS A 3 14.60 -7.74 8.05
CA HIS A 3 13.22 -7.51 7.63
C HIS A 3 12.78 -8.57 6.62
N MET A 4 11.47 -8.64 6.37
CA MET A 4 10.90 -9.65 5.49
C MET A 4 11.31 -9.41 4.03
N ALA A 5 11.78 -8.21 3.70
CA ALA A 5 12.18 -7.85 2.36
C ALA A 5 13.07 -6.61 2.36
N THR A 6 13.30 -6.06 1.17
CA THR A 6 14.07 -4.84 0.94
C THR A 6 13.48 -3.60 1.63
N THR A 7 12.27 -3.74 2.22
CA THR A 7 11.58 -2.65 2.90
C THR A 7 11.06 -3.03 4.28
N LYS A 8 10.56 -2.05 5.02
CA LYS A 8 10.10 -2.26 6.39
C LYS A 8 8.68 -1.76 6.58
N ARG A 9 7.76 -2.69 6.86
CA ARG A 9 6.34 -2.46 7.07
C ARG A 9 5.65 -1.71 5.92
N VAL A 10 6.19 -1.79 4.69
CA VAL A 10 5.57 -1.14 3.54
C VAL A 10 4.88 -2.13 2.62
N LEU A 11 3.74 -1.74 2.06
CA LEU A 11 2.97 -2.57 1.16
C LEU A 11 2.66 -1.85 -0.14
N TYR A 12 2.93 -2.51 -1.26
CA TYR A 12 2.50 -2.08 -2.56
C TYR A 12 1.06 -2.46 -2.84
N VAL A 13 0.31 -1.57 -3.51
CA VAL A 13 -1.07 -1.81 -3.87
C VAL A 13 -1.29 -1.49 -5.35
N GLY A 14 -2.07 -2.32 -6.04
CA GLY A 14 -2.32 -2.14 -7.46
C GLY A 14 -3.75 -2.51 -7.82
N GLY A 15 -4.17 -2.18 -9.05
CA GLY A 15 -5.51 -2.47 -9.54
C GLY A 15 -6.55 -1.44 -9.06
N LEU A 16 -6.09 -0.36 -8.41
CA LEU A 16 -6.96 0.66 -7.86
C LEU A 16 -7.59 1.52 -8.95
N ALA A 17 -8.78 2.04 -8.68
CA ALA A 17 -9.45 2.98 -9.57
C ALA A 17 -8.89 4.39 -9.37
N GLU A 18 -9.09 5.28 -10.33
CA GLU A 18 -8.60 6.64 -10.25
C GLU A 18 -9.31 7.44 -9.16
N GLU A 19 -10.45 6.93 -8.67
CA GLU A 19 -11.24 7.59 -7.64
C GLU A 19 -10.70 7.28 -6.23
N VAL A 20 -9.81 6.29 -6.11
CA VAL A 20 -9.26 5.89 -4.83
C VAL A 20 -8.31 6.96 -4.31
N ASP A 21 -8.48 7.31 -3.03
CA ASP A 21 -7.65 8.27 -2.32
C ASP A 21 -7.01 7.66 -1.07
N ASP A 22 -6.09 8.38 -0.44
CA ASP A 22 -5.41 7.87 0.75
C ASP A 22 -6.34 7.60 1.93
N LYS A 23 -7.54 8.20 1.92
CA LYS A 23 -8.55 7.94 2.93
C LYS A 23 -9.21 6.59 2.70
N VAL A 24 -9.27 6.14 1.43
CA VAL A 24 -9.88 4.86 1.08
C VAL A 24 -8.95 3.74 1.52
N LEU A 25 -7.65 3.91 1.29
CA LEU A 25 -6.67 2.92 1.68
C LEU A 25 -6.52 2.90 3.20
N HIS A 26 -6.70 4.05 3.86
CA HIS A 26 -6.64 4.06 5.31
C HIS A 26 -7.83 3.31 5.87
N ALA A 27 -9.02 3.53 5.32
CA ALA A 27 -10.22 2.84 5.77
C ALA A 27 -10.15 1.34 5.45
N ALA A 28 -9.44 0.96 4.39
CA ALA A 28 -9.30 -0.44 4.02
C ALA A 28 -8.20 -1.15 4.82
N PHE A 29 -7.11 -0.45 5.15
CA PHE A 29 -5.96 -1.04 5.82
C PHE A 29 -5.90 -0.93 7.35
N ILE A 30 -6.76 -0.11 7.95
CA ILE A 30 -6.68 0.15 9.39
C ILE A 30 -7.05 -1.04 10.29
N PRO A 31 -7.91 -2.00 9.89
CA PRO A 31 -8.30 -3.07 10.80
C PRO A 31 -7.19 -4.10 11.04
N PHE A 32 -6.11 -4.05 10.25
CA PHE A 32 -5.02 -5.02 10.38
C PHE A 32 -3.97 -4.49 11.35
N GLY A 33 -3.99 -3.19 11.66
CA GLY A 33 -3.03 -2.59 12.58
C GLY A 33 -2.93 -1.09 12.36
N ASP A 34 -2.15 -0.42 13.22
CA ASP A 34 -1.96 1.02 13.12
C ASP A 34 -1.13 1.44 11.91
N ILE A 35 -1.77 2.12 10.96
CA ILE A 35 -1.09 2.68 9.80
C ILE A 35 -0.29 3.91 10.23
N THR A 36 0.95 4.02 9.73
CA THR A 36 1.77 5.21 9.96
C THR A 36 1.78 6.19 8.79
N ASP A 37 1.66 5.68 7.56
CA ASP A 37 1.71 6.57 6.41
C ASP A 37 1.07 5.85 5.20
N ILE A 38 0.72 6.65 4.18
CA ILE A 38 0.10 6.18 2.95
C ILE A 38 0.55 7.08 1.80
N GLN A 39 0.72 6.49 0.61
CA GLN A 39 1.17 7.21 -0.58
C GLN A 39 0.31 6.86 -1.79
N ILE A 40 -0.08 7.88 -2.55
CA ILE A 40 -0.79 7.71 -3.82
C ILE A 40 -0.19 8.69 -4.82
N PRO A 41 1.00 8.37 -5.35
CA PRO A 41 1.69 9.19 -6.32
C PRO A 41 0.97 9.18 -7.66
N LEU A 42 1.36 10.12 -8.53
CA LEU A 42 0.76 10.34 -9.83
C LEU A 42 1.84 10.24 -10.92
N ASP A 43 1.49 10.58 -12.16
CA ASP A 43 2.45 10.59 -13.26
C ASP A 43 3.61 11.58 -13.16
N TYR A 44 3.56 12.52 -12.22
CA TYR A 44 4.58 13.55 -12.06
C TYR A 44 4.89 14.37 -13.31
N GLU A 45 3.91 14.45 -14.22
CA GLU A 45 4.05 15.18 -15.47
C GLU A 45 2.68 15.38 -16.12
N THR A 46 1.65 14.68 -15.60
CA THR A 46 0.26 14.86 -16.00
C THR A 46 -0.71 15.01 -14.83
N GLU A 47 -0.19 14.91 -13.60
CA GLU A 47 -0.95 15.04 -12.37
C GLU A 47 -2.15 14.08 -12.31
N LYS A 48 -2.01 12.88 -12.89
CA LYS A 48 -3.05 11.85 -12.87
C LYS A 48 -2.56 10.55 -12.24
N HIS A 49 -3.50 9.84 -11.61
CA HIS A 49 -3.23 8.60 -10.89
C HIS A 49 -2.89 7.46 -11.84
N ARG A 50 -2.17 6.46 -11.34
CA ARG A 50 -1.73 5.31 -12.13
C ARG A 50 -2.39 4.00 -11.70
N GLY A 51 -3.36 4.07 -10.78
CA GLY A 51 -4.09 2.90 -10.33
C GLY A 51 -3.29 2.04 -9.34
N PHE A 52 -2.34 2.64 -8.62
CA PHE A 52 -1.50 1.90 -7.67
C PHE A 52 -1.24 2.86 -6.52
N ALA A 53 -0.72 2.33 -5.41
CA ALA A 53 -0.46 3.09 -4.21
C ALA A 53 0.47 2.32 -3.28
N PHE A 54 0.77 2.91 -2.11
CA PHE A 54 1.57 2.26 -1.08
C PHE A 54 0.95 2.58 0.27
N VAL A 55 1.17 1.70 1.24
CA VAL A 55 0.65 1.83 2.61
C VAL A 55 1.77 1.40 3.54
N GLU A 56 1.87 2.01 4.72
CA GLU A 56 2.96 1.71 5.64
C GLU A 56 2.45 1.60 7.09
N PHE A 57 2.76 0.45 7.69
CA PHE A 57 2.36 0.05 9.04
C PHE A 57 3.33 0.36 10.17
N GLU A 58 2.82 0.39 11.41
CA GLU A 58 3.62 0.63 12.59
C GLU A 58 4.38 -0.63 13.03
N LEU A 59 3.97 -1.80 12.52
CA LEU A 59 4.59 -3.09 12.84
C LEU A 59 4.64 -3.95 11.59
N ALA A 60 5.66 -4.79 11.48
CA ALA A 60 5.85 -5.65 10.32
C ALA A 60 4.83 -6.79 10.29
N GLU A 61 4.38 -7.25 11.47
CA GLU A 61 3.40 -8.32 11.53
C GLU A 61 2.03 -7.81 11.10
N ASP A 62 1.77 -6.50 11.24
CA ASP A 62 0.52 -5.92 10.77
C ASP A 62 0.52 -5.81 9.25
N ALA A 63 1.70 -5.60 8.66
CA ALA A 63 1.85 -5.54 7.22
C ALA A 63 1.72 -6.95 6.64
N ALA A 64 2.24 -7.96 7.34
CA ALA A 64 2.12 -9.35 6.90
C ALA A 64 0.66 -9.80 6.99
N ALA A 65 -0.05 -9.39 8.04
CA ALA A 65 -1.46 -9.73 8.18
C ALA A 65 -2.28 -9.01 7.11
N ALA A 66 -1.88 -7.78 6.77
CA ALA A 66 -2.57 -7.02 5.73
C ALA A 66 -2.38 -7.69 4.37
N ILE A 67 -1.18 -8.22 4.09
CA ILE A 67 -0.98 -8.95 2.84
C ILE A 67 -1.89 -10.18 2.83
N ASP A 68 -1.96 -10.89 3.96
CA ASP A 68 -2.76 -12.10 4.08
C ASP A 68 -4.28 -11.88 4.14
N ASN A 69 -4.73 -10.65 4.40
CA ASN A 69 -6.16 -10.36 4.54
C ASN A 69 -6.66 -9.21 3.65
N MET A 70 -5.88 -8.76 2.67
CA MET A 70 -6.33 -7.71 1.77
C MET A 70 -5.93 -7.97 0.31
N ASN A 71 -4.99 -8.89 0.06
CA ASN A 71 -4.67 -9.23 -1.32
C ASN A 71 -5.89 -9.81 -2.03
N GLU A 72 -5.93 -9.68 -3.36
CA GLU A 72 -7.01 -10.17 -4.20
C GLU A 72 -8.39 -9.60 -3.81
N SER A 73 -8.41 -8.56 -2.97
CA SER A 73 -9.64 -7.89 -2.58
C SER A 73 -10.14 -6.99 -3.72
N GLU A 74 -11.15 -6.15 -3.44
CA GLU A 74 -11.75 -5.30 -4.46
C GLU A 74 -12.07 -3.92 -3.89
N LEU A 75 -11.71 -2.86 -4.64
CA LEU A 75 -12.02 -1.49 -4.28
C LEU A 75 -12.58 -0.77 -5.50
N PHE A 76 -13.60 0.08 -5.29
CA PHE A 76 -14.22 0.82 -6.38
C PHE A 76 -14.71 0.02 -7.58
N GLY A 77 -14.97 -1.27 -7.38
CA GLY A 77 -15.47 -2.15 -8.43
C GLY A 77 -14.34 -2.80 -9.24
N ARG A 78 -13.10 -2.71 -8.75
CA ARG A 78 -11.94 -3.29 -9.44
C ARG A 78 -11.09 -4.11 -8.48
N THR A 79 -10.61 -5.28 -8.92
CA THR A 79 -9.74 -6.12 -8.14
C THR A 79 -8.38 -5.49 -7.81
N ILE A 80 -7.84 -5.78 -6.63
CA ILE A 80 -6.57 -5.20 -6.20
C ILE A 80 -5.53 -6.28 -5.95
N ARG A 81 -4.28 -5.84 -5.85
CA ARG A 81 -3.12 -6.68 -5.57
C ARG A 81 -2.31 -6.02 -4.46
N VAL A 82 -1.73 -6.82 -3.56
CA VAL A 82 -0.99 -6.31 -2.41
C VAL A 82 0.22 -7.18 -2.08
N ASN A 83 1.39 -6.55 -1.93
CA ASN A 83 2.61 -7.28 -1.56
C ASN A 83 3.70 -6.30 -1.13
N LEU A 84 4.83 -6.80 -0.60
CA LEU A 84 5.95 -5.96 -0.20
C LEU A 84 6.54 -5.24 -1.41
N ALA A 85 7.18 -4.09 -1.18
CA ALA A 85 7.73 -3.26 -2.24
C ALA A 85 8.92 -3.92 -2.95
N LYS A 86 9.11 -3.57 -4.22
CA LYS A 86 10.27 -3.98 -5.01
C LYS A 86 11.54 -3.28 -4.51
N PRO A 87 12.72 -3.82 -4.82
CA PRO A 87 13.99 -3.23 -4.42
C PRO A 87 14.23 -1.90 -5.13
N MET A 88 14.45 -0.85 -4.33
CA MET A 88 14.78 0.49 -4.78
C MET A 88 15.15 1.32 -3.56
N ARG A 89 15.90 2.42 -3.73
CA ARG A 89 16.16 3.32 -2.62
C ARG A 89 14.83 3.91 -2.16
N ILE A 90 14.62 3.99 -0.85
CA ILE A 90 13.37 4.51 -0.31
C ILE A 90 13.57 5.93 0.20
N LYS A 91 12.53 6.77 0.06
CA LYS A 91 12.55 8.15 0.54
C LYS A 91 12.35 8.25 2.05
N GLU A 92 12.75 7.21 2.79
CA GLU A 92 12.63 7.14 4.23
C GLU A 92 13.50 8.20 4.91
N GLY A 93 14.54 8.67 4.23
CA GLY A 93 15.46 9.67 4.76
C GLY A 93 16.58 9.97 3.76
N ALA A 1 13.32 -2.46 15.27
CA ALA A 1 12.10 -2.46 14.45
C ALA A 1 11.94 -3.80 13.72
N GLY A 2 10.75 -4.05 13.17
CA GLY A 2 10.46 -5.28 12.44
C GLY A 2 11.20 -5.32 11.10
N HIS A 3 11.36 -6.53 10.55
CA HIS A 3 12.06 -6.74 9.30
C HIS A 3 11.62 -8.06 8.65
N MET A 4 11.47 -8.09 7.33
CA MET A 4 11.02 -9.28 6.62
C MET A 4 11.61 -9.38 5.21
N ALA A 5 12.08 -8.26 4.64
CA ALA A 5 12.56 -8.23 3.26
C ALA A 5 13.41 -6.98 3.02
N THR A 6 13.66 -6.67 1.74
CA THR A 6 14.36 -5.46 1.33
C THR A 6 13.65 -4.18 1.77
N THR A 7 12.45 -4.32 2.34
CA THR A 7 11.67 -3.22 2.88
C THR A 7 11.15 -3.51 4.29
N LYS A 8 10.60 -2.50 4.96
CA LYS A 8 10.14 -2.64 6.33
C LYS A 8 8.77 -2.00 6.51
N ARG A 9 7.77 -2.84 6.82
CA ARG A 9 6.37 -2.49 7.01
C ARG A 9 5.76 -1.73 5.83
N VAL A 10 6.29 -1.89 4.62
CA VAL A 10 5.72 -1.24 3.43
C VAL A 10 4.96 -2.22 2.55
N LEU A 11 3.88 -1.74 1.92
CA LEU A 11 3.08 -2.57 1.05
C LEU A 11 2.77 -1.85 -0.26
N TYR A 12 3.07 -2.52 -1.36
CA TYR A 12 2.65 -2.09 -2.68
C TYR A 12 1.20 -2.43 -2.95
N VAL A 13 0.48 -1.51 -3.59
CA VAL A 13 -0.92 -1.70 -3.95
C VAL A 13 -1.14 -1.35 -5.42
N GLY A 14 -1.89 -2.18 -6.13
CA GLY A 14 -2.17 -1.97 -7.55
C GLY A 14 -3.60 -2.36 -7.90
N GLY A 15 -4.03 -2.04 -9.12
CA GLY A 15 -5.37 -2.31 -9.60
C GLY A 15 -6.39 -1.31 -9.09
N LEU A 16 -5.93 -0.25 -8.41
CA LEU A 16 -6.81 0.74 -7.82
C LEU A 16 -7.50 1.59 -8.89
N ALA A 17 -8.70 2.07 -8.59
CA ALA A 17 -9.42 2.97 -9.47
C ALA A 17 -8.89 4.40 -9.30
N GLU A 18 -9.12 5.25 -10.30
CA GLU A 18 -8.70 6.65 -10.25
C GLU A 18 -9.49 7.44 -9.22
N GLU A 19 -10.52 6.84 -8.62
CA GLU A 19 -11.38 7.49 -7.64
C GLU A 19 -10.87 7.33 -6.22
N VAL A 20 -9.98 6.36 -5.98
CA VAL A 20 -9.47 6.10 -4.64
C VAL A 20 -8.45 7.13 -4.14
N ASP A 21 -8.50 7.39 -2.84
CA ASP A 21 -7.62 8.33 -2.14
C ASP A 21 -6.97 7.70 -0.91
N ASP A 22 -6.06 8.42 -0.25
CA ASP A 22 -5.39 7.89 0.93
C ASP A 22 -6.33 7.56 2.08
N LYS A 23 -7.51 8.19 2.10
CA LYS A 23 -8.54 7.90 3.09
C LYS A 23 -9.23 6.57 2.77
N VAL A 24 -9.25 6.16 1.50
CA VAL A 24 -9.85 4.90 1.11
C VAL A 24 -8.93 3.76 1.51
N LEU A 25 -7.63 3.93 1.26
CA LEU A 25 -6.65 2.94 1.64
C LEU A 25 -6.53 2.88 3.16
N HIS A 26 -6.71 4.01 3.85
CA HIS A 26 -6.67 3.99 5.30
C HIS A 26 -7.87 3.23 5.85
N ALA A 27 -9.07 3.46 5.29
CA ALA A 27 -10.26 2.77 5.74
C ALA A 27 -10.19 1.28 5.40
N ALA A 28 -9.47 0.91 4.34
CA ALA A 28 -9.32 -0.48 3.95
C ALA A 28 -8.24 -1.20 4.76
N PHE A 29 -7.13 -0.52 5.06
CA PHE A 29 -5.98 -1.11 5.75
C PHE A 29 -5.93 -1.03 7.27
N ILE A 30 -6.78 -0.21 7.89
CA ILE A 30 -6.70 0.03 9.32
C ILE A 30 -7.10 -1.16 10.22
N PRO A 31 -7.99 -2.09 9.81
CA PRO A 31 -8.43 -3.14 10.72
C PRO A 31 -7.35 -4.21 10.93
N PHE A 32 -6.26 -4.19 10.16
CA PHE A 32 -5.22 -5.20 10.26
C PHE A 32 -4.12 -4.72 11.22
N GLY A 33 -4.11 -3.44 11.59
CA GLY A 33 -3.11 -2.91 12.49
C GLY A 33 -2.96 -1.39 12.36
N ASP A 34 -2.07 -0.80 13.15
CA ASP A 34 -1.85 0.63 13.15
C ASP A 34 -1.10 1.11 11.92
N ILE A 35 -1.79 1.82 11.01
CA ILE A 35 -1.16 2.44 9.87
C ILE A 35 -0.29 3.61 10.34
N THR A 36 0.84 3.84 9.66
CA THR A 36 1.72 4.96 9.97
C THR A 36 1.99 5.90 8.79
N ASP A 37 1.79 5.41 7.57
CA ASP A 37 1.91 6.19 6.34
C ASP A 37 1.13 5.62 5.15
N ILE A 38 0.73 6.49 4.22
CA ILE A 38 0.04 6.11 2.99
C ILE A 38 0.44 7.08 1.88
N GLN A 39 0.71 6.54 0.68
CA GLN A 39 1.16 7.32 -0.46
C GLN A 39 0.32 6.98 -1.69
N ILE A 40 -0.05 8.00 -2.46
CA ILE A 40 -0.73 7.84 -3.74
C ILE A 40 -0.16 8.86 -4.72
N PRO A 41 1.01 8.55 -5.29
CA PRO A 41 1.65 9.40 -6.28
C PRO A 41 0.86 9.41 -7.59
N LEU A 42 1.05 10.47 -8.38
CA LEU A 42 0.40 10.62 -9.68
C LEU A 42 1.40 10.29 -10.79
N ASP A 43 1.01 10.51 -12.05
CA ASP A 43 1.78 10.15 -13.23
C ASP A 43 3.12 10.89 -13.34
N TYR A 44 3.34 11.91 -12.51
CA TYR A 44 4.52 12.75 -12.56
C TYR A 44 4.82 13.43 -13.91
N GLU A 45 3.78 13.62 -14.73
CA GLU A 45 3.92 14.24 -16.05
C GLU A 45 2.63 14.98 -16.41
N THR A 46 1.50 14.50 -15.89
CA THR A 46 0.18 15.10 -16.09
C THR A 46 -0.69 15.22 -14.84
N GLU A 47 -0.12 14.82 -13.69
CA GLU A 47 -0.80 14.85 -12.40
C GLU A 47 -2.12 14.08 -12.39
N LYS A 48 -2.11 12.87 -12.97
CA LYS A 48 -3.24 11.94 -12.90
C LYS A 48 -2.81 10.65 -12.22
N HIS A 49 -3.73 9.98 -11.51
CA HIS A 49 -3.43 8.77 -10.77
C HIS A 49 -3.06 7.62 -11.71
N ARG A 50 -2.10 6.79 -11.29
CA ARG A 50 -1.61 5.67 -12.07
C ARG A 50 -2.33 4.36 -11.69
N GLY A 51 -3.27 4.42 -10.74
CA GLY A 51 -4.01 3.24 -10.30
C GLY A 51 -3.18 2.36 -9.36
N PHE A 52 -2.21 2.94 -8.66
CA PHE A 52 -1.35 2.18 -7.77
C PHE A 52 -1.12 3.09 -6.55
N ALA A 53 -0.58 2.51 -5.48
CA ALA A 53 -0.34 3.24 -4.25
C ALA A 53 0.60 2.45 -3.33
N PHE A 54 0.92 3.05 -2.17
CA PHE A 54 1.74 2.42 -1.16
C PHE A 54 1.07 2.63 0.19
N VAL A 55 1.29 1.69 1.11
CA VAL A 55 0.73 1.72 2.46
C VAL A 55 1.85 1.31 3.41
N GLU A 56 1.90 1.88 4.61
CA GLU A 56 2.98 1.60 5.53
C GLU A 56 2.48 1.50 6.96
N PHE A 57 2.86 0.40 7.63
CA PHE A 57 2.44 0.08 8.98
C PHE A 57 3.41 0.47 10.09
N GLU A 58 2.89 0.59 11.31
CA GLU A 58 3.70 0.88 12.48
C GLU A 58 4.48 -0.36 12.92
N LEU A 59 4.04 -1.55 12.47
CA LEU A 59 4.66 -2.83 12.81
C LEU A 59 4.67 -3.74 11.58
N ALA A 60 5.66 -4.63 11.51
CA ALA A 60 5.82 -5.52 10.36
C ALA A 60 4.79 -6.64 10.36
N GLU A 61 4.34 -7.08 11.54
CA GLU A 61 3.35 -8.13 11.62
C GLU A 61 1.99 -7.63 11.15
N ASP A 62 1.75 -6.32 11.24
CA ASP A 62 0.52 -5.72 10.73
C ASP A 62 0.54 -5.68 9.21
N ALA A 63 1.72 -5.49 8.61
CA ALA A 63 1.88 -5.50 7.17
C ALA A 63 1.73 -6.92 6.64
N ALA A 64 2.22 -7.91 7.40
CA ALA A 64 2.07 -9.30 7.01
C ALA A 64 0.61 -9.73 7.07
N ALA A 65 -0.11 -9.29 8.10
CA ALA A 65 -1.53 -9.59 8.22
C ALA A 65 -2.32 -8.89 7.12
N ALA A 66 -1.91 -7.66 6.76
CA ALA A 66 -2.57 -6.93 5.70
C ALA A 66 -2.39 -7.63 4.36
N ILE A 67 -1.20 -8.20 4.10
CA ILE A 67 -1.02 -8.96 2.87
C ILE A 67 -1.93 -10.18 2.89
N ASP A 68 -2.01 -10.86 4.04
CA ASP A 68 -2.83 -12.05 4.19
C ASP A 68 -4.34 -11.81 4.24
N ASN A 69 -4.77 -10.56 4.42
CA ASN A 69 -6.19 -10.24 4.53
C ASN A 69 -6.67 -9.11 3.60
N MET A 70 -5.87 -8.67 2.62
CA MET A 70 -6.29 -7.62 1.69
C MET A 70 -5.86 -7.88 0.26
N ASN A 71 -4.91 -8.81 0.02
CA ASN A 71 -4.55 -9.13 -1.35
C ASN A 71 -5.75 -9.66 -2.12
N GLU A 72 -5.75 -9.47 -3.45
CA GLU A 72 -6.81 -9.95 -4.34
C GLU A 72 -8.21 -9.42 -3.95
N SER A 73 -8.27 -8.39 -3.10
CA SER A 73 -9.53 -7.77 -2.69
C SER A 73 -10.08 -6.90 -3.82
N GLU A 74 -11.19 -6.21 -3.57
CA GLU A 74 -11.84 -5.37 -4.57
C GLU A 74 -12.28 -4.04 -3.98
N LEU A 75 -11.79 -2.94 -4.57
CA LEU A 75 -12.09 -1.59 -4.14
C LEU A 75 -12.69 -0.84 -5.34
N PHE A 76 -13.71 -0.01 -5.10
CA PHE A 76 -14.33 0.77 -6.15
C PHE A 76 -14.84 0.01 -7.39
N GLY A 77 -15.05 -1.30 -7.25
CA GLY A 77 -15.54 -2.14 -8.33
C GLY A 77 -14.42 -2.74 -9.17
N ARG A 78 -13.16 -2.65 -8.72
CA ARG A 78 -12.02 -3.21 -9.43
C ARG A 78 -11.13 -4.00 -8.49
N THR A 79 -10.58 -5.12 -8.98
CA THR A 79 -9.67 -5.95 -8.20
C THR A 79 -8.33 -5.31 -7.90
N ILE A 80 -7.73 -5.64 -6.75
CA ILE A 80 -6.45 -5.06 -6.34
C ILE A 80 -5.41 -6.15 -6.10
N ARG A 81 -4.16 -5.71 -5.99
CA ARG A 81 -3.01 -6.56 -5.70
C ARG A 81 -2.20 -5.91 -4.58
N VAL A 82 -1.67 -6.73 -3.67
CA VAL A 82 -0.95 -6.25 -2.49
C VAL A 82 0.23 -7.14 -2.14
N ASN A 83 1.40 -6.54 -1.92
CA ASN A 83 2.59 -7.30 -1.49
C ASN A 83 3.67 -6.33 -0.99
N LEU A 84 4.78 -6.84 -0.45
CA LEU A 84 5.90 -6.01 -0.03
C LEU A 84 6.49 -5.26 -1.22
N ALA A 85 7.04 -4.08 -0.99
CA ALA A 85 7.62 -3.26 -2.03
C ALA A 85 8.89 -3.89 -2.62
N LYS A 86 9.20 -3.54 -3.87
CA LYS A 86 10.41 -3.96 -4.55
C LYS A 86 11.66 -3.38 -3.89
N PRO A 87 12.83 -4.01 -4.12
CA PRO A 87 14.10 -3.53 -3.61
C PRO A 87 14.48 -2.21 -4.27
N MET A 88 14.86 -1.23 -3.44
CA MET A 88 15.28 0.09 -3.90
C MET A 88 15.84 0.85 -2.71
N ARG A 89 16.37 2.06 -2.95
CA ARG A 89 16.75 2.98 -1.89
C ARG A 89 15.49 3.62 -1.34
N ILE A 90 14.74 2.86 -0.53
CA ILE A 90 13.49 3.31 0.04
C ILE A 90 13.73 4.43 1.05
N LYS A 91 12.79 5.38 1.14
CA LYS A 91 12.91 6.54 2.02
C LYS A 91 12.80 6.17 3.49
N GLU A 92 12.03 5.11 3.79
CA GLU A 92 11.81 4.55 5.12
C GLU A 92 11.52 5.57 6.22
N GLY A 93 11.06 6.77 5.83
CA GLY A 93 10.74 7.84 6.77
C GLY A 93 10.42 9.14 6.04
N ALA A 1 17.74 -6.84 12.17
CA ALA A 1 17.41 -7.99 11.31
C ALA A 1 17.26 -7.56 9.86
N GLY A 2 17.30 -8.53 8.93
CA GLY A 2 17.20 -8.26 7.51
C GLY A 2 15.75 -8.02 7.05
N HIS A 3 14.80 -8.10 7.99
CA HIS A 3 13.37 -7.93 7.72
C HIS A 3 12.85 -8.95 6.72
N MET A 4 11.55 -8.90 6.42
CA MET A 4 10.90 -9.82 5.50
C MET A 4 11.33 -9.57 4.06
N ALA A 5 11.85 -8.39 3.76
CA ALA A 5 12.26 -8.02 2.41
C ALA A 5 13.19 -6.80 2.44
N THR A 6 13.48 -6.27 1.25
CA THR A 6 14.27 -5.06 1.03
C THR A 6 13.62 -3.80 1.60
N THR A 7 12.43 -3.93 2.19
CA THR A 7 11.69 -2.84 2.79
C THR A 7 11.12 -3.19 4.16
N LYS A 8 10.56 -2.19 4.85
CA LYS A 8 10.06 -2.35 6.21
C LYS A 8 8.64 -1.82 6.33
N ARG A 9 7.71 -2.70 6.75
CA ARG A 9 6.32 -2.36 7.01
C ARG A 9 5.60 -1.68 5.84
N VAL A 10 6.05 -1.89 4.60
CA VAL A 10 5.43 -1.22 3.45
C VAL A 10 4.69 -2.26 2.63
N LEU A 11 3.61 -1.82 1.98
CA LEU A 11 2.80 -2.65 1.12
C LEU A 11 2.49 -1.93 -0.18
N TYR A 12 2.95 -2.48 -1.30
CA TYR A 12 2.54 -2.04 -2.62
C TYR A 12 1.11 -2.42 -2.93
N VAL A 13 0.38 -1.53 -3.59
CA VAL A 13 -0.99 -1.76 -3.98
C VAL A 13 -1.19 -1.45 -5.47
N GLY A 14 -1.96 -2.29 -6.16
CA GLY A 14 -2.23 -2.10 -7.58
C GLY A 14 -3.66 -2.47 -7.93
N GLY A 15 -4.07 -2.13 -9.16
CA GLY A 15 -5.41 -2.40 -9.66
C GLY A 15 -6.44 -1.37 -9.20
N LEU A 16 -6.00 -0.36 -8.43
CA LEU A 16 -6.88 0.66 -7.87
C LEU A 16 -7.53 1.52 -8.95
N ALA A 17 -8.72 2.05 -8.66
CA ALA A 17 -9.40 2.98 -9.53
C ALA A 17 -8.77 4.36 -9.37
N GLU A 18 -8.97 5.25 -10.35
CA GLU A 18 -8.47 6.62 -10.26
C GLU A 18 -9.26 7.45 -9.24
N GLU A 19 -10.31 6.86 -8.66
CA GLU A 19 -11.17 7.54 -7.71
C GLU A 19 -10.69 7.34 -6.26
N VAL A 20 -9.83 6.34 -6.03
CA VAL A 20 -9.34 6.07 -4.67
C VAL A 20 -8.32 7.09 -4.17
N ASP A 21 -8.38 7.37 -2.87
CA ASP A 21 -7.51 8.32 -2.19
C ASP A 21 -6.85 7.69 -0.97
N ASP A 22 -5.93 8.41 -0.31
CA ASP A 22 -5.26 7.88 0.87
C ASP A 22 -6.22 7.57 2.03
N LYS A 23 -7.39 8.20 2.04
CA LYS A 23 -8.41 7.93 3.03
C LYS A 23 -9.11 6.60 2.73
N VAL A 24 -9.14 6.19 1.46
CA VAL A 24 -9.76 4.93 1.06
C VAL A 24 -8.84 3.78 1.49
N LEU A 25 -7.54 3.94 1.23
CA LEU A 25 -6.58 2.92 1.61
C LEU A 25 -6.45 2.89 3.14
N HIS A 26 -6.64 4.02 3.81
CA HIS A 26 -6.59 4.02 5.27
C HIS A 26 -7.79 3.25 5.81
N ALA A 27 -8.98 3.50 5.26
CA ALA A 27 -10.18 2.81 5.72
C ALA A 27 -10.13 1.32 5.38
N ALA A 28 -9.42 0.95 4.32
CA ALA A 28 -9.27 -0.45 3.94
C ALA A 28 -8.21 -1.17 4.76
N PHE A 29 -7.10 -0.49 5.07
CA PHE A 29 -5.96 -1.09 5.76
C PHE A 29 -5.92 -0.99 7.29
N ILE A 30 -6.79 -0.16 7.89
CA ILE A 30 -6.72 0.09 9.32
C ILE A 30 -7.15 -1.09 10.22
N PRO A 31 -8.03 -2.01 9.80
CA PRO A 31 -8.49 -3.06 10.69
C PRO A 31 -7.44 -4.14 10.95
N PHE A 32 -6.32 -4.14 10.20
CA PHE A 32 -5.29 -5.16 10.34
C PHE A 32 -4.22 -4.67 11.33
N GLY A 33 -4.20 -3.39 11.66
CA GLY A 33 -3.22 -2.84 12.59
C GLY A 33 -3.05 -1.33 12.43
N ASP A 34 -2.15 -0.75 13.22
CA ASP A 34 -1.90 0.67 13.18
C ASP A 34 -1.14 1.13 11.94
N ILE A 35 -1.82 1.85 11.04
CA ILE A 35 -1.17 2.45 9.89
C ILE A 35 -0.29 3.61 10.37
N THR A 36 0.83 3.85 9.69
CA THR A 36 1.72 4.96 10.01
C THR A 36 2.00 5.93 8.86
N ASP A 37 1.80 5.50 7.61
CA ASP A 37 1.94 6.40 6.47
C ASP A 37 1.25 5.77 5.26
N ILE A 38 0.91 6.59 4.26
CA ILE A 38 0.26 6.16 3.01
C ILE A 38 0.71 7.07 1.88
N GLN A 39 0.86 6.51 0.68
CA GLN A 39 1.29 7.25 -0.50
C GLN A 39 0.45 6.87 -1.71
N ILE A 40 0.04 7.88 -2.48
CA ILE A 40 -0.64 7.71 -3.77
C ILE A 40 -0.07 8.74 -4.73
N PRO A 41 1.12 8.48 -5.27
CA PRO A 41 1.79 9.38 -6.19
C PRO A 41 1.05 9.43 -7.52
N LEU A 42 0.99 10.61 -8.13
CA LEU A 42 0.41 10.78 -9.45
C LEU A 42 1.47 10.48 -10.51
N ASP A 43 1.10 10.66 -11.79
CA ASP A 43 1.92 10.24 -12.91
C ASP A 43 3.19 11.07 -13.08
N TYR A 44 3.35 12.17 -12.35
CA TYR A 44 4.48 13.08 -12.50
C TYR A 44 4.72 13.63 -13.90
N GLU A 45 3.68 13.68 -14.73
CA GLU A 45 3.77 14.17 -16.10
C GLU A 45 2.46 14.84 -16.50
N THR A 46 1.33 14.33 -15.97
CA THR A 46 0.00 14.88 -16.22
C THR A 46 -0.87 15.04 -14.97
N GLU A 47 -0.26 14.87 -13.79
CA GLU A 47 -0.94 15.05 -12.51
C GLU A 47 -2.19 14.19 -12.35
N LYS A 48 -2.13 12.93 -12.82
CA LYS A 48 -3.23 11.98 -12.68
C LYS A 48 -2.74 10.70 -12.02
N HIS A 49 -3.66 9.95 -11.42
CA HIS A 49 -3.33 8.70 -10.74
C HIS A 49 -3.01 7.60 -11.76
N ARG A 50 -2.25 6.59 -11.34
CA ARG A 50 -1.84 5.47 -12.19
C ARG A 50 -2.49 4.15 -11.75
N GLY A 51 -3.37 4.18 -10.74
CA GLY A 51 -4.06 2.99 -10.27
C GLY A 51 -3.20 2.13 -9.35
N PHE A 52 -2.21 2.72 -8.67
CA PHE A 52 -1.33 1.98 -7.78
C PHE A 52 -1.05 2.92 -6.61
N ALA A 53 -0.55 2.37 -5.50
CA ALA A 53 -0.29 3.12 -4.29
C ALA A 53 0.64 2.34 -3.36
N PHE A 54 0.97 2.93 -2.21
CA PHE A 54 1.77 2.30 -1.18
C PHE A 54 1.11 2.61 0.16
N VAL A 55 1.33 1.72 1.14
CA VAL A 55 0.77 1.84 2.48
C VAL A 55 1.87 1.40 3.44
N GLU A 56 1.90 1.97 4.64
CA GLU A 56 2.94 1.63 5.60
C GLU A 56 2.41 1.53 7.02
N PHE A 57 2.74 0.43 7.69
CA PHE A 57 2.32 0.11 9.04
C PHE A 57 3.30 0.50 10.14
N GLU A 58 2.81 0.58 11.38
CA GLU A 58 3.64 0.85 12.54
C GLU A 58 4.36 -0.44 12.97
N LEU A 59 3.76 -1.60 12.67
CA LEU A 59 4.34 -2.91 12.98
C LEU A 59 4.47 -3.73 11.69
N ALA A 60 5.48 -4.60 11.63
CA ALA A 60 5.72 -5.43 10.45
C ALA A 60 4.73 -6.59 10.39
N GLU A 61 4.30 -7.10 11.54
CA GLU A 61 3.36 -8.22 11.60
C GLU A 61 1.97 -7.75 11.14
N ASP A 62 1.69 -6.45 11.28
CA ASP A 62 0.44 -5.89 10.78
C ASP A 62 0.45 -5.80 9.26
N ALA A 63 1.63 -5.57 8.67
CA ALA A 63 1.78 -5.54 7.23
C ALA A 63 1.67 -6.96 6.67
N ALA A 64 2.21 -7.94 7.41
CA ALA A 64 2.10 -9.34 6.98
C ALA A 64 0.64 -9.81 7.05
N ALA A 65 -0.08 -9.39 8.09
CA ALA A 65 -1.49 -9.74 8.22
C ALA A 65 -2.31 -9.04 7.13
N ALA A 66 -1.91 -7.81 6.78
CA ALA A 66 -2.59 -7.08 5.73
C ALA A 66 -2.39 -7.76 4.38
N ILE A 67 -1.20 -8.31 4.10
CA ILE A 67 -1.00 -9.07 2.88
C ILE A 67 -1.90 -10.31 2.92
N ASP A 68 -1.99 -10.95 4.08
CA ASP A 68 -2.80 -12.15 4.25
C ASP A 68 -4.31 -11.93 4.29
N ASN A 69 -4.77 -10.69 4.47
CA ASN A 69 -6.20 -10.39 4.57
C ASN A 69 -6.69 -9.26 3.67
N MET A 70 -5.88 -8.81 2.69
CA MET A 70 -6.32 -7.75 1.77
C MET A 70 -5.92 -8.02 0.32
N ASN A 71 -5.00 -8.97 0.07
CA ASN A 71 -4.65 -9.28 -1.31
C ASN A 71 -5.86 -9.81 -2.07
N GLU A 72 -5.86 -9.64 -3.40
CA GLU A 72 -6.95 -10.08 -4.28
C GLU A 72 -8.31 -9.52 -3.88
N SER A 73 -8.35 -8.49 -3.03
CA SER A 73 -9.58 -7.83 -2.62
C SER A 73 -10.08 -6.92 -3.75
N GLU A 74 -11.08 -6.09 -3.47
CA GLU A 74 -11.68 -5.22 -4.47
C GLU A 74 -12.02 -3.86 -3.87
N LEU A 75 -11.63 -2.78 -4.57
CA LEU A 75 -11.93 -1.41 -4.19
C LEU A 75 -12.51 -0.67 -5.39
N PHE A 76 -13.55 0.14 -5.16
CA PHE A 76 -14.20 0.91 -6.22
C PHE A 76 -14.68 0.15 -7.45
N GLY A 77 -14.90 -1.17 -7.29
CA GLY A 77 -15.39 -2.02 -8.37
C GLY A 77 -14.26 -2.63 -9.19
N ARG A 78 -13.01 -2.55 -8.70
CA ARG A 78 -11.86 -3.12 -9.37
C ARG A 78 -11.02 -3.99 -8.42
N THR A 79 -10.56 -5.13 -8.90
CA THR A 79 -9.67 -6.00 -8.13
C THR A 79 -8.32 -5.38 -7.81
N ILE A 80 -7.73 -5.73 -6.66
CA ILE A 80 -6.46 -5.15 -6.24
C ILE A 80 -5.41 -6.22 -6.00
N ARG A 81 -4.15 -5.79 -5.96
CA ARG A 81 -2.99 -6.62 -5.67
C ARG A 81 -2.22 -5.97 -4.52
N VAL A 82 -1.66 -6.78 -3.62
CA VAL A 82 -0.96 -6.29 -2.45
C VAL A 82 0.25 -7.15 -2.11
N ASN A 83 1.43 -6.53 -1.93
CA ASN A 83 2.64 -7.25 -1.54
C ASN A 83 3.73 -6.26 -1.11
N LEU A 84 4.84 -6.75 -0.58
CA LEU A 84 5.96 -5.89 -0.18
C LEU A 84 6.54 -5.16 -1.39
N ALA A 85 7.15 -3.99 -1.17
CA ALA A 85 7.69 -3.17 -2.24
C ALA A 85 8.93 -3.80 -2.90
N LYS A 86 9.16 -3.45 -4.17
CA LYS A 86 10.35 -3.83 -4.92
C LYS A 86 11.59 -3.12 -4.36
N PRO A 87 12.80 -3.66 -4.63
CA PRO A 87 14.04 -3.06 -4.19
C PRO A 87 14.29 -1.72 -4.87
N MET A 88 14.48 -0.69 -4.05
CA MET A 88 14.84 0.66 -4.45
C MET A 88 15.13 1.46 -3.18
N ARG A 89 15.84 2.59 -3.28
CA ARG A 89 16.02 3.46 -2.13
C ARG A 89 14.65 4.02 -1.76
N ILE A 90 14.34 4.06 -0.46
CA ILE A 90 13.02 4.47 0.02
C ILE A 90 13.09 5.88 0.61
N LYS A 91 11.94 6.49 0.85
CA LYS A 91 11.80 7.88 1.29
C LYS A 91 12.50 8.20 2.62
N GLU A 92 12.92 7.19 3.39
CA GLU A 92 13.67 7.44 4.62
C GLU A 92 15.14 7.77 4.35
N GLY A 93 15.58 7.68 3.09
CA GLY A 93 16.95 7.97 2.71
C GLY A 93 17.16 7.80 1.21
N ALA A 1 18.83 -7.55 7.03
CA ALA A 1 17.47 -7.22 6.56
C ALA A 1 16.60 -6.67 7.67
N GLY A 2 16.34 -7.49 8.71
CA GLY A 2 15.51 -7.08 9.84
C GLY A 2 14.02 -7.09 9.50
N HIS A 3 13.65 -7.58 8.32
CA HIS A 3 12.27 -7.64 7.86
C HIS A 3 12.10 -8.80 6.87
N MET A 4 10.85 -9.09 6.50
CA MET A 4 10.51 -10.16 5.57
C MET A 4 11.06 -9.90 4.16
N ALA A 5 11.51 -8.67 3.89
CA ALA A 5 12.06 -8.29 2.60
C ALA A 5 12.99 -7.09 2.75
N THR A 6 13.40 -6.53 1.61
CA THR A 6 14.25 -5.34 1.55
C THR A 6 13.55 -4.12 2.14
N THR A 7 12.21 -4.12 2.14
CA THR A 7 11.41 -3.03 2.69
C THR A 7 11.19 -3.14 4.19
N LYS A 8 10.45 -2.19 4.77
CA LYS A 8 10.13 -2.20 6.19
C LYS A 8 8.71 -1.71 6.43
N ARG A 9 7.81 -2.66 6.73
CA ARG A 9 6.39 -2.45 6.98
C ARG A 9 5.68 -1.72 5.83
N VAL A 10 6.19 -1.81 4.60
CA VAL A 10 5.55 -1.18 3.44
C VAL A 10 4.83 -2.19 2.55
N LEU A 11 3.73 -1.76 1.95
CA LEU A 11 2.95 -2.59 1.06
C LEU A 11 2.65 -1.86 -0.24
N TYR A 12 2.99 -2.48 -1.36
CA TYR A 12 2.57 -2.04 -2.67
C TYR A 12 1.13 -2.41 -2.96
N VAL A 13 0.40 -1.51 -3.61
CA VAL A 13 -0.99 -1.72 -3.99
C VAL A 13 -1.20 -1.39 -5.46
N GLY A 14 -1.98 -2.22 -6.16
CA GLY A 14 -2.25 -2.03 -7.57
C GLY A 14 -3.69 -2.39 -7.91
N GLY A 15 -4.13 -2.03 -9.12
CA GLY A 15 -5.48 -2.31 -9.60
C GLY A 15 -6.50 -1.29 -9.09
N LEU A 16 -6.03 -0.23 -8.42
CA LEU A 16 -6.88 0.79 -7.85
C LEU A 16 -7.50 1.66 -8.94
N ALA A 17 -8.69 2.20 -8.67
CA ALA A 17 -9.35 3.15 -9.56
C ALA A 17 -8.76 4.54 -9.35
N GLU A 18 -8.93 5.43 -10.33
CA GLU A 18 -8.42 6.79 -10.23
C GLU A 18 -9.15 7.62 -9.17
N GLU A 19 -10.24 7.07 -8.62
CA GLU A 19 -11.03 7.74 -7.60
C GLU A 19 -10.55 7.38 -6.19
N VAL A 20 -9.67 6.37 -6.07
CA VAL A 20 -9.16 5.93 -4.80
C VAL A 20 -8.20 6.98 -4.25
N ASP A 21 -8.39 7.33 -2.97
CA ASP A 21 -7.57 8.30 -2.25
C ASP A 21 -6.95 7.68 -1.00
N ASP A 22 -6.07 8.42 -0.32
CA ASP A 22 -5.41 7.90 0.88
C ASP A 22 -6.38 7.55 2.01
N LYS A 23 -7.56 8.17 2.01
CA LYS A 23 -8.60 7.88 2.99
C LYS A 23 -9.24 6.52 2.70
N VAL A 24 -9.26 6.11 1.43
CA VAL A 24 -9.83 4.83 1.05
C VAL A 24 -8.90 3.71 1.49
N LEU A 25 -7.60 3.90 1.26
CA LEU A 25 -6.61 2.91 1.66
C LEU A 25 -6.50 2.88 3.18
N HIS A 26 -6.70 4.01 3.85
CA HIS A 26 -6.66 4.02 5.30
C HIS A 26 -7.85 3.26 5.87
N ALA A 27 -9.04 3.47 5.30
CA ALA A 27 -10.23 2.79 5.77
C ALA A 27 -10.17 1.30 5.44
N ALA A 28 -9.46 0.92 4.37
CA ALA A 28 -9.33 -0.48 3.97
C ALA A 28 -8.25 -1.20 4.78
N PHE A 29 -7.15 -0.52 5.09
CA PHE A 29 -6.00 -1.12 5.77
C PHE A 29 -5.95 -1.04 7.30
N ILE A 30 -6.82 -0.26 7.92
CA ILE A 30 -6.75 -0.02 9.35
C ILE A 30 -7.13 -1.22 10.24
N PRO A 31 -8.01 -2.16 9.83
CA PRO A 31 -8.43 -3.23 10.71
C PRO A 31 -7.35 -4.30 10.92
N PHE A 32 -6.26 -4.25 10.16
CA PHE A 32 -5.21 -5.25 10.26
C PHE A 32 -4.11 -4.76 11.21
N GLY A 33 -4.12 -3.48 11.58
CA GLY A 33 -3.12 -2.95 12.49
C GLY A 33 -3.00 -1.44 12.37
N ASP A 34 -2.11 -0.84 13.17
CA ASP A 34 -1.90 0.59 13.15
C ASP A 34 -1.15 1.08 11.92
N ILE A 35 -1.84 1.79 11.03
CA ILE A 35 -1.21 2.43 9.89
C ILE A 35 -0.35 3.58 10.38
N THR A 36 0.77 3.83 9.71
CA THR A 36 1.67 4.94 10.04
C THR A 36 1.94 5.90 8.89
N ASP A 37 1.80 5.41 7.66
CA ASP A 37 1.97 6.21 6.44
C ASP A 37 1.22 5.66 5.22
N ILE A 38 0.89 6.54 4.27
CA ILE A 38 0.22 6.19 3.03
C ILE A 38 0.71 7.11 1.91
N GLN A 39 0.89 6.55 0.71
CA GLN A 39 1.37 7.28 -0.45
C GLN A 39 0.52 6.96 -1.67
N ILE A 40 0.11 7.99 -2.41
CA ILE A 40 -0.60 7.84 -3.67
C ILE A 40 -0.05 8.86 -4.67
N PRO A 41 1.12 8.58 -5.23
CA PRO A 41 1.77 9.46 -6.18
C PRO A 41 1.01 9.50 -7.50
N LEU A 42 0.98 10.67 -8.14
CA LEU A 42 0.39 10.82 -9.46
C LEU A 42 1.43 10.48 -10.53
N ASP A 43 1.07 10.65 -11.80
CA ASP A 43 1.88 10.18 -12.92
C ASP A 43 3.18 10.95 -13.12
N TYR A 44 3.38 12.07 -12.41
CA TYR A 44 4.55 12.93 -12.57
C TYR A 44 4.82 13.43 -13.99
N GLU A 45 3.77 13.51 -14.82
CA GLU A 45 3.88 13.96 -16.20
C GLU A 45 2.59 14.63 -16.63
N THR A 46 1.45 14.15 -16.09
CA THR A 46 0.13 14.70 -16.36
C THR A 46 -0.74 14.93 -15.13
N GLU A 47 -0.14 14.78 -13.93
CA GLU A 47 -0.80 15.03 -12.66
C GLU A 47 -2.09 14.22 -12.47
N LYS A 48 -2.07 12.93 -12.86
CA LYS A 48 -3.20 12.03 -12.66
C LYS A 48 -2.73 10.73 -12.02
N HIS A 49 -3.64 10.02 -11.35
CA HIS A 49 -3.33 8.78 -10.66
C HIS A 49 -3.10 7.64 -11.65
N ARG A 50 -2.15 6.73 -11.31
CA ARG A 50 -1.79 5.59 -12.15
C ARG A 50 -2.49 4.29 -11.72
N GLY A 51 -3.34 4.34 -10.69
CA GLY A 51 -4.06 3.16 -10.22
C GLY A 51 -3.21 2.27 -9.32
N PHE A 52 -2.21 2.84 -8.63
CA PHE A 52 -1.34 2.07 -7.75
C PHE A 52 -1.07 3.01 -6.56
N ALA A 53 -0.59 2.44 -5.46
CA ALA A 53 -0.34 3.19 -4.24
C ALA A 53 0.58 2.41 -3.29
N PHE A 54 0.85 3.00 -2.13
CA PHE A 54 1.65 2.37 -1.11
C PHE A 54 1.00 2.63 0.25
N VAL A 55 1.15 1.67 1.16
CA VAL A 55 0.62 1.76 2.52
C VAL A 55 1.74 1.32 3.44
N GLU A 56 1.81 1.90 4.65
CA GLU A 56 2.90 1.62 5.56
C GLU A 56 2.41 1.49 6.99
N PHE A 57 2.76 0.37 7.62
CA PHE A 57 2.36 0.03 8.99
C PHE A 57 3.33 0.43 10.09
N GLU A 58 2.82 0.56 11.31
CA GLU A 58 3.64 0.86 12.47
C GLU A 58 4.44 -0.38 12.90
N LEU A 59 4.02 -1.57 12.45
CA LEU A 59 4.64 -2.84 12.81
C LEU A 59 4.70 -3.75 11.58
N ALA A 60 5.70 -4.63 11.52
CA ALA A 60 5.90 -5.51 10.39
C ALA A 60 4.85 -6.62 10.34
N GLU A 61 4.38 -7.06 11.51
CA GLU A 61 3.39 -8.14 11.58
C GLU A 61 2.02 -7.64 11.11
N ASP A 62 1.79 -6.32 11.21
CA ASP A 62 0.55 -5.74 10.71
C ASP A 62 0.56 -5.70 9.20
N ALA A 63 1.75 -5.51 8.60
CA ALA A 63 1.90 -5.52 7.16
C ALA A 63 1.75 -6.95 6.63
N ALA A 64 2.27 -7.93 7.38
CA ALA A 64 2.12 -9.32 7.00
C ALA A 64 0.66 -9.75 7.06
N ALA A 65 -0.06 -9.32 8.10
CA ALA A 65 -1.47 -9.64 8.23
C ALA A 65 -2.28 -8.95 7.12
N ALA A 66 -1.89 -7.73 6.77
CA ALA A 66 -2.58 -7.00 5.71
C ALA A 66 -2.39 -7.69 4.37
N ILE A 67 -1.19 -8.24 4.09
CA ILE A 67 -1.01 -9.00 2.86
C ILE A 67 -1.91 -10.23 2.89
N ASP A 68 -1.98 -10.89 4.06
CA ASP A 68 -2.79 -12.09 4.21
C ASP A 68 -4.30 -11.87 4.27
N ASN A 69 -4.76 -10.62 4.46
CA ASN A 69 -6.18 -10.33 4.58
C ASN A 69 -6.68 -9.20 3.67
N MET A 70 -5.90 -8.75 2.69
CA MET A 70 -6.34 -7.71 1.77
C MET A 70 -5.93 -7.96 0.32
N ASN A 71 -5.00 -8.89 0.06
CA ASN A 71 -4.66 -9.22 -1.31
C ASN A 71 -5.89 -9.74 -2.07
N GLU A 72 -5.89 -9.55 -3.40
CA GLU A 72 -6.98 -9.98 -4.27
C GLU A 72 -8.35 -9.43 -3.87
N SER A 73 -8.39 -8.40 -3.01
CA SER A 73 -9.63 -7.76 -2.61
C SER A 73 -10.16 -6.88 -3.76
N GLU A 74 -11.29 -6.19 -3.53
CA GLU A 74 -11.92 -5.38 -4.56
C GLU A 74 -12.32 -4.01 -4.00
N LEU A 75 -11.77 -2.95 -4.58
CA LEU A 75 -12.04 -1.57 -4.20
C LEU A 75 -12.59 -0.84 -5.41
N PHE A 76 -13.58 0.04 -5.20
CA PHE A 76 -14.19 0.80 -6.29
C PHE A 76 -14.74 0.01 -7.47
N GLY A 77 -15.01 -1.29 -7.26
CA GLY A 77 -15.57 -2.16 -8.29
C GLY A 77 -14.49 -2.85 -9.13
N ARG A 78 -13.23 -2.78 -8.70
CA ARG A 78 -12.11 -3.39 -9.41
C ARG A 78 -11.18 -4.15 -8.46
N THR A 79 -10.63 -5.26 -8.92
CA THR A 79 -9.70 -6.07 -8.13
C THR A 79 -8.37 -5.39 -7.84
N ILE A 80 -7.76 -5.69 -6.68
CA ILE A 80 -6.48 -5.10 -6.30
C ILE A 80 -5.43 -6.19 -6.07
N ARG A 81 -4.17 -5.74 -6.01
CA ARG A 81 -3.02 -6.58 -5.72
C ARG A 81 -2.23 -5.94 -4.59
N VAL A 82 -1.68 -6.75 -3.68
CA VAL A 82 -0.96 -6.25 -2.51
C VAL A 82 0.24 -7.13 -2.16
N ASN A 83 1.40 -6.52 -1.96
CA ASN A 83 2.60 -7.26 -1.53
C ASN A 83 3.67 -6.29 -1.06
N LEU A 84 4.78 -6.80 -0.51
CA LEU A 84 5.90 -5.97 -0.07
C LEU A 84 6.50 -5.21 -1.26
N ALA A 85 7.09 -4.04 -0.99
CA ALA A 85 7.66 -3.20 -2.02
C ALA A 85 8.92 -3.80 -2.65
N LYS A 86 9.15 -3.48 -3.92
CA LYS A 86 10.36 -3.87 -4.65
C LYS A 86 11.59 -3.17 -4.06
N PRO A 87 12.79 -3.72 -4.28
CA PRO A 87 14.03 -3.13 -3.82
C PRO A 87 14.29 -1.79 -4.51
N MET A 88 14.53 -0.77 -3.70
CA MET A 88 14.90 0.57 -4.13
C MET A 88 15.32 1.39 -2.91
N ARG A 89 16.09 2.46 -3.11
CA ARG A 89 16.35 3.41 -2.03
C ARG A 89 15.03 4.10 -1.67
N ILE A 90 14.55 3.89 -0.45
CA ILE A 90 13.29 4.48 0.00
C ILE A 90 13.52 5.89 0.52
N LYS A 91 12.53 6.77 0.31
CA LYS A 91 12.58 8.15 0.78
C LYS A 91 12.20 8.23 2.26
N GLU A 92 12.96 7.54 3.11
CA GLU A 92 12.72 7.50 4.55
C GLU A 92 12.95 8.86 5.21
N GLY A 93 13.54 9.82 4.48
CA GLY A 93 13.82 11.15 4.99
C GLY A 93 14.97 11.12 6.01
#